data_6VSS
#
_entry.id   6VSS
#
_cell.length_a   79.331
_cell.length_b   142.907
_cell.length_c   90.045
_cell.angle_alpha   90.000
_cell.angle_beta   115.900
_cell.angle_gamma   90.000
#
_symmetry.space_group_name_H-M   'P 1 21 1'
#
loop_
_entity.id
_entity.type
_entity.pdbx_description
1 polymer Arginase
2 non-polymer 'MANGANESE (II) ION'
3 water water
#
_entity_poly.entity_id   1
_entity_poly.type   'polypeptide(L)'
_entity_poly.pdbx_seq_one_letter_code
;SNAMSTIARRGFHYMQRLNSANVSPALLEKAQNRVIDAALTFIRERAKFKGELMRSLGGVAATSSLLGVPLGHHSSFHEG
SAFAPPRIREAIWCDSTNSTTEEGKNLRDPRVITNVGDVPIEEIRDCGVDDKRLANVISESVKLVMDEDPLRPLVLGGDH
SISFPVVRAVSEKLGGAVDILHFDAHPDLYHDFEGNYYSHASPFARIMEGGYARRLVQVGIRSITNDVREQVKKYGVETH
EMRTLSRDRPILENLKLGEGVKGVYVSIDVDSLDPSIAPGVSHHEPGGLLFRDILNILQNLQGDIVGGDVVEYNPQRDTY
DGITALVAAKLVRELAAKMSK
;
_entity_poly.pdbx_strand_id   A,B,C,D,E,F
#
# COMPACT_ATOMS: atom_id res chain seq x y z
N VAL A 23 -19.84 -20.48 34.91
CA VAL A 23 -20.16 -21.11 33.59
C VAL A 23 -20.41 -22.62 33.78
N SER A 24 -21.67 -23.07 33.60
CA SER A 24 -22.11 -24.49 33.71
C SER A 24 -21.20 -25.40 32.90
N PRO A 25 -20.77 -26.56 33.46
CA PRO A 25 -19.84 -27.44 32.76
C PRO A 25 -20.58 -28.32 31.74
N ALA A 26 -21.76 -28.86 32.09
CA ALA A 26 -22.56 -29.76 31.20
C ALA A 26 -23.29 -28.96 30.11
N LEU A 27 -23.20 -27.63 30.11
CA LEU A 27 -23.73 -26.82 28.99
C LEU A 27 -22.67 -26.85 27.89
N LEU A 28 -21.44 -26.47 28.25
CA LEU A 28 -20.31 -26.43 27.31
C LEU A 28 -20.10 -27.81 26.71
N GLU A 29 -20.08 -28.84 27.57
CA GLU A 29 -19.78 -30.22 27.15
C GLU A 29 -20.83 -30.72 26.15
N LYS A 30 -22.13 -30.45 26.36
CA LYS A 30 -23.06 -30.92 25.30
C LYS A 30 -23.09 -29.95 24.09
N ALA A 31 -22.85 -28.66 24.29
CA ALA A 31 -22.60 -27.77 23.15
C ALA A 31 -21.42 -28.34 22.35
N GLN A 32 -20.26 -28.58 22.96
CA GLN A 32 -19.12 -29.16 22.21
C GLN A 32 -19.60 -30.36 21.41
N ASN A 33 -20.27 -31.31 22.05
CA ASN A 33 -20.68 -32.55 21.32
C ASN A 33 -21.55 -32.20 20.12
N ARG A 34 -22.54 -31.35 20.36
CA ARG A 34 -23.63 -31.13 19.40
C ARG A 34 -23.08 -30.35 18.18
N VAL A 35 -22.21 -29.36 18.40
CA VAL A 35 -21.72 -28.48 17.31
C VAL A 35 -20.70 -29.27 16.46
N ILE A 36 -19.76 -29.97 17.10
CA ILE A 36 -18.81 -30.86 16.38
C ILE A 36 -19.63 -31.82 15.51
N ASP A 37 -20.62 -32.50 16.09
CA ASP A 37 -21.42 -33.49 15.32
C ASP A 37 -22.09 -32.81 14.11
N ALA A 38 -22.69 -31.64 14.30
CA ALA A 38 -23.39 -30.95 13.21
C ALA A 38 -22.36 -30.54 12.11
N ALA A 39 -21.17 -30.10 12.51
CA ALA A 39 -20.09 -29.71 11.57
C ALA A 39 -19.59 -30.92 10.74
N LEU A 40 -19.31 -32.04 11.42
CA LEU A 40 -18.85 -33.28 10.75
C LEU A 40 -19.98 -33.82 9.86
N THR A 41 -21.24 -33.76 10.29
CA THR A 41 -22.40 -34.20 9.44
C THR A 41 -22.48 -33.31 8.20
N PHE A 42 -22.12 -32.02 8.27
CA PHE A 42 -22.15 -31.20 7.03
C PHE A 42 -21.08 -31.66 6.01
N ILE A 43 -19.86 -31.88 6.50
CA ILE A 43 -18.71 -32.39 5.71
C ILE A 43 -19.07 -33.77 5.15
N ARG A 44 -19.73 -34.61 5.92
CA ARG A 44 -20.15 -35.94 5.45
C ARG A 44 -21.13 -35.78 4.30
N GLU A 45 -22.20 -35.02 4.48
CA GLU A 45 -23.23 -34.92 3.40
C GLU A 45 -22.60 -34.34 2.12
N ARG A 46 -21.67 -33.40 2.26
CA ARG A 46 -20.94 -32.74 1.15
C ARG A 46 -20.01 -33.76 0.48
N ALA A 47 -19.28 -34.55 1.26
CA ALA A 47 -18.39 -35.57 0.67
C ALA A 47 -19.25 -36.64 -0.02
N LYS A 48 -20.31 -37.06 0.65
CA LYS A 48 -21.24 -38.08 0.11
C LYS A 48 -21.79 -37.56 -1.22
N PHE A 49 -22.30 -36.31 -1.30
CA PHE A 49 -22.75 -35.65 -2.57
C PHE A 49 -21.67 -35.76 -3.66
N LYS A 50 -20.46 -35.30 -3.41
CA LYS A 50 -19.36 -35.28 -4.41
C LYS A 50 -18.90 -36.69 -4.80
N GLY A 51 -18.75 -37.63 -3.85
CA GLY A 51 -18.48 -39.06 -4.13
C GLY A 51 -19.51 -39.62 -5.09
N GLU A 52 -20.78 -39.46 -4.77
CA GLU A 52 -21.91 -39.91 -5.63
C GLU A 52 -21.77 -39.29 -7.03
N LEU A 53 -21.46 -37.99 -7.13
CA LEU A 53 -21.29 -37.26 -8.41
C LEU A 53 -20.20 -37.95 -9.27
N MET A 54 -18.97 -38.02 -8.75
CA MET A 54 -17.81 -38.60 -9.48
C MET A 54 -18.17 -39.99 -10.02
N ARG A 55 -18.84 -40.78 -9.20
CA ARG A 55 -19.27 -42.17 -9.56
C ARG A 55 -20.28 -42.12 -10.71
N SER A 56 -21.25 -41.21 -10.70
CA SER A 56 -22.25 -41.15 -11.79
C SER A 56 -21.59 -40.73 -13.13
N LEU A 57 -20.53 -39.93 -13.12
CA LEU A 57 -19.84 -39.47 -14.36
C LEU A 57 -18.95 -40.60 -14.83
N GLY A 58 -18.28 -41.28 -13.92
CA GLY A 58 -17.42 -42.42 -14.30
C GLY A 58 -16.08 -42.01 -14.89
N GLY A 59 -15.22 -42.99 -15.17
CA GLY A 59 -13.89 -42.71 -15.73
C GLY A 59 -13.10 -41.83 -14.80
N VAL A 60 -12.78 -42.34 -13.63
CA VAL A 60 -12.04 -41.59 -12.58
C VAL A 60 -11.57 -42.59 -11.53
N ALA A 61 -10.29 -42.57 -11.20
CA ALA A 61 -9.74 -43.41 -10.12
C ALA A 61 -9.55 -42.54 -8.86
N ALA A 62 -9.34 -41.23 -9.04
CA ALA A 62 -9.17 -40.30 -7.90
C ALA A 62 -9.55 -38.88 -8.31
N THR A 63 -10.23 -38.17 -7.41
CA THR A 63 -10.62 -36.76 -7.63
C THR A 63 -10.10 -35.93 -6.46
N SER A 64 -9.23 -34.96 -6.73
CA SER A 64 -8.75 -34.06 -5.65
C SER A 64 -9.92 -33.27 -5.03
N SER A 65 -10.15 -33.41 -3.71
CA SER A 65 -11.28 -32.84 -2.98
C SER A 65 -10.79 -31.83 -1.91
N LEU A 66 -11.27 -30.58 -2.02
CA LEU A 66 -10.77 -29.47 -1.16
C LEU A 66 -11.59 -29.48 0.13
N LEU A 67 -10.84 -29.62 1.21
CA LEU A 67 -11.31 -29.50 2.59
C LEU A 67 -10.51 -28.34 3.21
N GLY A 68 -11.19 -27.26 3.56
CA GLY A 68 -10.54 -26.14 4.23
C GLY A 68 -10.45 -26.39 5.72
N VAL A 69 -9.36 -25.91 6.35
CA VAL A 69 -9.20 -25.95 7.81
C VAL A 69 -8.72 -24.58 8.23
N PRO A 70 -9.70 -23.65 8.40
CA PRO A 70 -9.42 -22.24 8.64
C PRO A 70 -8.94 -22.02 10.08
N LEU A 71 -7.77 -22.54 10.40
CA LEU A 71 -7.22 -22.46 11.76
C LEU A 71 -5.94 -21.64 11.72
N GLY A 72 -5.79 -20.68 12.60
CA GLY A 72 -4.61 -19.80 12.64
C GLY A 72 -4.05 -19.59 14.03
N HIS A 73 -4.73 -20.10 15.07
CA HIS A 73 -4.39 -19.87 16.49
C HIS A 73 -3.15 -20.69 16.90
N HIS A 74 -2.52 -21.53 16.06
CA HIS A 74 -1.29 -22.29 16.40
C HIS A 74 -0.06 -21.59 15.80
N SER A 75 -0.27 -20.37 15.32
CA SER A 75 0.76 -19.55 14.62
C SER A 75 1.49 -18.79 15.72
N SER A 76 2.76 -18.55 15.58
CA SER A 76 3.54 -17.91 16.66
C SER A 76 3.61 -16.41 16.43
N PHE A 77 3.11 -15.89 15.27
CA PHE A 77 3.31 -14.46 14.86
C PHE A 77 2.01 -13.78 14.37
N HIS A 78 1.24 -14.38 13.44
CA HIS A 78 0.05 -13.77 12.82
C HIS A 78 -0.89 -14.92 12.50
N GLU A 79 -2.19 -14.75 12.63
CA GLU A 79 -3.23 -15.83 12.58
C GLU A 79 -4.02 -15.72 11.28
N GLY A 80 -3.55 -14.88 10.35
CA GLY A 80 -4.26 -14.45 9.12
C GLY A 80 -4.55 -15.58 8.17
N SER A 81 -3.80 -16.66 8.37
CA SER A 81 -3.90 -17.98 7.72
C SER A 81 -5.35 -18.48 7.79
N ALA A 82 -5.97 -18.28 8.94
CA ALA A 82 -7.35 -18.75 9.22
C ALA A 82 -8.25 -18.33 8.06
N PHE A 83 -7.97 -17.20 7.36
CA PHE A 83 -8.91 -16.70 6.33
C PHE A 83 -8.53 -17.18 4.92
N ALA A 84 -7.54 -18.03 4.78
CA ALA A 84 -7.01 -18.42 3.45
C ALA A 84 -8.01 -19.27 2.66
N PRO A 85 -8.67 -20.32 3.18
CA PRO A 85 -9.28 -21.27 2.26
C PRO A 85 -10.27 -20.67 1.26
N PRO A 86 -11.23 -19.82 1.68
CA PRO A 86 -12.15 -19.23 0.71
C PRO A 86 -11.45 -18.35 -0.33
N ARG A 87 -10.41 -17.63 0.04
CA ARG A 87 -9.65 -16.74 -0.86
C ARG A 87 -8.94 -17.58 -1.95
N ILE A 88 -8.35 -18.72 -1.60
CA ILE A 88 -7.71 -19.70 -2.51
C ILE A 88 -8.77 -20.23 -3.49
N ARG A 89 -9.94 -20.66 -3.01
CA ARG A 89 -10.95 -21.26 -3.94
C ARG A 89 -11.45 -20.20 -4.92
N GLU A 90 -11.54 -18.94 -4.52
CA GLU A 90 -11.89 -17.86 -5.45
C GLU A 90 -10.78 -17.69 -6.49
N ALA A 91 -9.52 -17.71 -6.10
CA ALA A 91 -8.43 -17.59 -7.08
C ALA A 91 -8.34 -18.85 -7.95
N ILE A 92 -8.69 -20.06 -7.48
CA ILE A 92 -8.76 -21.27 -8.37
C ILE A 92 -9.76 -21.06 -9.50
N TRP A 93 -10.99 -20.64 -9.20
CA TRP A 93 -12.15 -20.76 -10.13
C TRP A 93 -12.45 -19.43 -10.82
N CYS A 94 -11.52 -18.51 -10.76
CA CYS A 94 -11.67 -17.23 -11.50
C CYS A 94 -10.83 -17.32 -12.78
N ASN A 98 -6.34 -19.29 -17.57
CA ASN A 98 -7.23 -20.27 -18.26
C ASN A 98 -7.74 -21.29 -17.25
N SER A 99 -8.58 -22.23 -17.73
CA SER A 99 -9.19 -23.31 -16.93
C SER A 99 -8.34 -24.61 -17.00
N THR A 100 -7.10 -24.48 -17.46
CA THR A 100 -6.24 -25.60 -17.88
C THR A 100 -4.91 -25.49 -17.12
N THR A 101 -4.45 -26.61 -16.54
CA THR A 101 -3.25 -26.74 -15.65
C THR A 101 -2.03 -26.90 -16.56
N GLU A 102 -0.83 -26.78 -16.00
CA GLU A 102 0.41 -26.61 -16.80
C GLU A 102 0.58 -27.74 -17.81
N GLU A 103 -0.06 -28.87 -17.56
CA GLU A 103 0.07 -30.11 -18.39
C GLU A 103 -1.27 -30.49 -19.06
N GLY A 104 -2.31 -29.65 -18.94
CA GLY A 104 -3.57 -29.74 -19.71
C GLY A 104 -4.65 -30.62 -19.09
N LYS A 105 -4.78 -30.71 -17.75
CA LYS A 105 -6.03 -31.24 -17.12
C LYS A 105 -7.04 -30.09 -17.04
N ASN A 106 -8.35 -30.41 -16.98
CA ASN A 106 -9.45 -29.43 -17.10
C ASN A 106 -10.12 -29.12 -15.74
N LEU A 107 -9.87 -27.91 -15.20
CA LEU A 107 -10.32 -27.48 -13.85
C LEU A 107 -11.86 -27.49 -13.71
N ARG A 108 -12.58 -27.26 -14.79
CA ARG A 108 -14.07 -27.26 -14.72
C ARG A 108 -14.56 -28.69 -14.77
N ASP A 109 -13.67 -29.64 -15.06
CA ASP A 109 -14.02 -31.06 -14.87
C ASP A 109 -14.05 -31.29 -13.36
N PRO A 110 -15.21 -31.69 -12.81
CA PRO A 110 -15.31 -31.88 -11.37
C PRO A 110 -14.49 -33.11 -10.98
N ARG A 111 -14.16 -33.93 -11.98
CA ARG A 111 -13.39 -35.16 -11.72
C ARG A 111 -11.93 -34.84 -11.43
N VAL A 112 -11.46 -33.65 -11.83
CA VAL A 112 -10.03 -33.19 -11.66
C VAL A 112 -9.90 -32.49 -10.32
N ILE A 113 -10.92 -31.74 -9.91
CA ILE A 113 -10.90 -30.93 -8.66
C ILE A 113 -12.35 -30.62 -8.29
N THR A 114 -12.70 -30.70 -7.01
CA THR A 114 -14.05 -30.37 -6.53
C THR A 114 -13.94 -29.82 -5.12
N ASN A 115 -14.94 -29.12 -4.63
CA ASN A 115 -14.90 -28.58 -3.25
C ASN A 115 -15.71 -29.46 -2.34
N VAL A 116 -15.18 -29.75 -1.16
CA VAL A 116 -16.03 -30.34 -0.10
C VAL A 116 -16.56 -29.23 0.80
N GLY A 117 -15.66 -28.46 1.41
CA GLY A 117 -16.08 -27.47 2.41
C GLY A 117 -14.97 -27.13 3.37
N ASP A 118 -15.29 -26.33 4.36
CA ASP A 118 -14.42 -25.88 5.46
C ASP A 118 -14.95 -26.48 6.76
N VAL A 119 -14.04 -26.94 7.58
CA VAL A 119 -14.32 -27.17 9.02
C VAL A 119 -14.49 -25.84 9.71
N PRO A 120 -15.66 -25.65 10.38
CA PRO A 120 -15.97 -24.40 11.06
C PRO A 120 -15.27 -24.31 12.44
N ILE A 121 -13.96 -24.11 12.35
CA ILE A 121 -13.01 -24.01 13.48
C ILE A 121 -13.51 -23.00 14.53
N GLU A 122 -13.85 -21.78 14.14
CA GLU A 122 -14.15 -20.62 15.04
C GLU A 122 -15.34 -20.99 15.94
N GLU A 123 -16.39 -21.55 15.34
CA GLU A 123 -17.63 -21.98 15.99
C GLU A 123 -17.36 -23.15 16.93
N ILE A 124 -16.50 -24.08 16.52
CA ILE A 124 -16.11 -25.23 17.37
C ILE A 124 -15.28 -24.71 18.56
N ARG A 125 -14.32 -23.81 18.35
CA ARG A 125 -13.49 -23.27 19.47
C ARG A 125 -14.35 -22.47 20.47
N ASP A 126 -15.29 -21.71 19.96
CA ASP A 126 -16.24 -20.92 20.78
C ASP A 126 -17.07 -21.86 21.71
N CYS A 127 -17.00 -23.19 21.61
CA CYS A 127 -17.74 -24.11 22.51
C CYS A 127 -16.82 -24.56 23.65
N GLY A 128 -15.56 -24.13 23.61
CA GLY A 128 -14.56 -24.35 24.65
C GLY A 128 -13.77 -25.59 24.35
N VAL A 129 -13.91 -26.15 23.16
CA VAL A 129 -13.20 -27.39 22.73
C VAL A 129 -11.70 -27.18 22.94
N ASP A 130 -10.94 -28.17 23.41
CA ASP A 130 -9.48 -27.95 23.63
C ASP A 130 -8.81 -28.41 22.33
N ASP A 131 -7.50 -28.19 22.20
CA ASP A 131 -6.73 -28.36 20.94
C ASP A 131 -6.66 -29.83 20.56
N LYS A 132 -6.57 -30.73 21.52
CA LYS A 132 -6.49 -32.19 21.25
C LYS A 132 -7.78 -32.61 20.55
N ARG A 133 -8.92 -32.14 21.03
CA ARG A 133 -10.19 -32.58 20.43
C ARG A 133 -10.33 -31.92 19.06
N LEU A 134 -9.70 -30.75 18.90
CA LEU A 134 -9.85 -29.96 17.66
C LEU A 134 -9.09 -30.71 16.57
N ALA A 135 -7.93 -31.23 16.95
CA ALA A 135 -7.06 -32.09 16.11
C ALA A 135 -7.84 -33.32 15.67
N ASN A 136 -8.60 -33.90 16.58
CA ASN A 136 -9.46 -35.09 16.31
C ASN A 136 -10.59 -34.71 15.35
N VAL A 137 -11.11 -33.52 15.46
CA VAL A 137 -12.19 -33.08 14.53
C VAL A 137 -11.64 -32.99 13.11
N ILE A 138 -10.47 -32.39 12.97
CA ILE A 138 -9.74 -32.27 11.68
C ILE A 138 -9.48 -33.67 11.11
N SER A 139 -8.89 -34.59 11.86
CA SER A 139 -8.65 -35.98 11.42
C SER A 139 -9.96 -36.64 10.98
N GLU A 140 -11.03 -36.53 11.75
CA GLU A 140 -12.32 -37.16 11.40
C GLU A 140 -12.83 -36.55 10.10
N SER A 141 -12.71 -35.21 9.90
CA SER A 141 -13.12 -34.55 8.63
C SER A 141 -12.43 -35.19 7.42
N VAL A 142 -11.10 -35.33 7.48
CA VAL A 142 -10.25 -35.98 6.46
C VAL A 142 -10.79 -37.40 6.22
N LYS A 143 -11.03 -38.19 7.24
CA LYS A 143 -11.54 -39.58 7.02
C LYS A 143 -12.93 -39.59 6.40
N LEU A 144 -13.77 -38.56 6.61
CA LEU A 144 -15.12 -38.47 5.98
C LEU A 144 -15.01 -38.34 4.47
N VAL A 145 -13.94 -37.70 4.01
CA VAL A 145 -13.70 -37.43 2.56
C VAL A 145 -13.25 -38.73 1.90
N MET A 146 -12.12 -39.25 2.39
CA MET A 146 -11.49 -40.54 2.05
C MET A 146 -12.50 -41.69 1.99
N ASP A 147 -13.48 -41.75 2.90
CA ASP A 147 -14.51 -42.82 2.90
C ASP A 147 -15.34 -42.75 1.62
N GLU A 148 -15.45 -41.58 0.96
CA GLU A 148 -16.28 -41.49 -0.26
C GLU A 148 -15.40 -41.64 -1.51
N ASP A 149 -15.39 -42.85 -2.09
CA ASP A 149 -14.66 -43.23 -3.30
C ASP A 149 -15.25 -42.41 -4.42
N PRO A 150 -14.49 -41.73 -5.31
CA PRO A 150 -13.03 -41.77 -5.35
C PRO A 150 -12.36 -40.48 -4.86
N LEU A 151 -12.90 -39.88 -3.81
CA LEU A 151 -12.34 -38.58 -3.36
C LEU A 151 -11.01 -38.83 -2.64
N ARG A 152 -10.04 -37.93 -2.84
CA ARG A 152 -8.75 -37.90 -2.11
C ARG A 152 -8.52 -36.50 -1.57
N PRO A 153 -8.01 -36.32 -0.33
CA PRO A 153 -8.06 -35.03 0.35
C PRO A 153 -6.93 -34.09 -0.06
N LEU A 154 -7.34 -32.91 -0.47
CA LEU A 154 -6.42 -31.79 -0.68
C LEU A 154 -6.85 -30.73 0.29
N VAL A 155 -6.06 -30.54 1.36
CA VAL A 155 -6.46 -29.67 2.51
C VAL A 155 -5.91 -28.27 2.24
N LEU A 156 -6.78 -27.29 2.39
CA LEU A 156 -6.36 -25.87 2.41
C LEU A 156 -6.24 -25.40 3.88
N GLY A 157 -5.04 -24.93 4.25
CA GLY A 157 -4.89 -24.18 5.50
C GLY A 157 -5.22 -22.72 5.36
N GLY A 158 -5.17 -22.00 6.48
CA GLY A 158 -4.82 -22.54 7.76
C GLY A 158 -3.31 -22.54 7.98
N ASP A 159 -2.89 -22.58 9.24
CA ASP A 159 -1.45 -22.65 9.59
C ASP A 159 -1.00 -24.12 9.47
N HIS A 160 0.30 -24.32 9.47
CA HIS A 160 0.93 -25.66 9.22
C HIS A 160 0.62 -26.65 10.34
N SER A 161 0.11 -26.22 11.48
CA SER A 161 -0.23 -27.16 12.59
C SER A 161 -1.22 -28.18 12.05
N ILE A 162 -1.97 -27.88 11.00
CA ILE A 162 -3.05 -28.82 10.54
C ILE A 162 -2.47 -30.05 9.84
N SER A 163 -1.24 -29.99 9.33
CA SER A 163 -0.64 -31.17 8.65
C SER A 163 -0.63 -32.43 9.57
N PHE A 164 -0.37 -32.24 10.84
CA PHE A 164 -0.29 -33.39 11.74
C PHE A 164 -1.63 -34.13 11.71
N PRO A 165 -2.75 -33.53 12.15
CA PRO A 165 -4.02 -34.25 12.17
C PRO A 165 -4.40 -34.84 10.80
N VAL A 166 -3.99 -34.16 9.72
CA VAL A 166 -4.35 -34.61 8.34
C VAL A 166 -3.56 -35.88 8.00
N VAL A 167 -2.25 -35.80 8.13
CA VAL A 167 -1.35 -36.96 7.85
C VAL A 167 -1.72 -38.10 8.77
N ARG A 168 -2.04 -37.78 10.04
CA ARG A 168 -2.44 -38.84 10.99
C ARG A 168 -3.63 -39.61 10.38
N ALA A 169 -4.61 -38.86 9.84
CA ALA A 169 -5.91 -39.40 9.34
C ALA A 169 -5.65 -40.26 8.11
N VAL A 170 -4.80 -39.81 7.19
CA VAL A 170 -4.46 -40.52 5.92
C VAL A 170 -3.74 -41.83 6.28
N SER A 171 -2.82 -41.79 7.22
CA SER A 171 -2.06 -42.99 7.65
C SER A 171 -3.00 -44.03 8.31
N GLU A 172 -3.83 -43.60 9.25
CA GLU A 172 -4.85 -44.44 9.91
C GLU A 172 -5.81 -45.01 8.86
N LYS A 173 -6.35 -44.20 7.96
CA LYS A 173 -7.36 -44.74 7.02
C LYS A 173 -6.69 -45.81 6.13
N LEU A 174 -5.49 -45.53 5.62
CA LEU A 174 -4.81 -46.38 4.61
C LEU A 174 -4.13 -47.58 5.25
N GLY A 175 -3.91 -47.57 6.54
CA GLY A 175 -3.40 -48.75 7.26
C GLY A 175 -1.88 -48.79 7.26
N GLY A 176 -1.17 -47.70 6.97
CA GLY A 176 0.27 -47.65 7.24
C GLY A 176 0.90 -46.28 7.00
N ALA A 177 2.23 -46.24 6.86
CA ALA A 177 3.00 -45.00 6.65
C ALA A 177 2.90 -44.52 5.18
N VAL A 178 3.10 -43.21 4.98
CA VAL A 178 3.25 -42.56 3.65
C VAL A 178 4.64 -41.94 3.62
N ASP A 179 5.19 -41.65 2.45
CA ASP A 179 6.37 -40.75 2.35
C ASP A 179 5.83 -39.32 2.10
N ILE A 180 6.60 -38.31 2.52
CA ILE A 180 6.15 -36.91 2.42
C ILE A 180 7.22 -36.13 1.67
N LEU A 181 6.70 -35.36 0.73
CA LEU A 181 7.36 -34.18 0.16
C LEU A 181 6.79 -32.92 0.83
N HIS A 182 7.67 -32.10 1.37
CA HIS A 182 7.35 -30.98 2.27
C HIS A 182 8.15 -29.81 1.77
N PHE A 183 7.44 -28.83 1.26
CA PHE A 183 8.10 -27.55 0.95
C PHE A 183 7.84 -26.62 2.09
N ASP A 184 8.89 -25.97 2.57
CA ASP A 184 8.78 -24.98 3.65
C ASP A 184 10.10 -24.20 3.74
N ALA A 185 10.09 -23.01 4.29
CA ALA A 185 11.31 -22.29 4.75
C ALA A 185 11.79 -22.90 6.08
N HIS A 186 10.89 -23.57 6.80
CA HIS A 186 11.12 -24.01 8.21
C HIS A 186 10.92 -25.52 8.32
N PRO A 187 11.77 -26.24 9.05
CA PRO A 187 11.57 -27.68 9.20
C PRO A 187 10.30 -28.08 9.94
N ASP A 188 9.78 -27.23 10.84
CA ASP A 188 8.57 -27.60 11.64
C ASP A 188 8.79 -28.96 12.37
N LEU A 189 9.98 -29.14 12.90
CA LEU A 189 10.39 -30.35 13.63
C LEU A 189 10.65 -30.03 15.12
N TYR A 190 10.24 -28.87 15.63
CA TYR A 190 10.35 -28.51 17.08
C TYR A 190 9.67 -29.58 17.95
N HIS A 191 10.47 -30.18 18.85
CA HIS A 191 9.98 -31.09 19.90
C HIS A 191 8.97 -30.28 20.71
N ASP A 192 9.46 -29.13 21.19
CA ASP A 192 8.73 -28.27 22.14
C ASP A 192 8.84 -26.80 21.69
N PHE A 193 7.74 -26.24 21.13
CA PHE A 193 7.65 -24.82 20.73
C PHE A 193 6.75 -24.06 21.71
N GLU A 194 7.32 -23.20 22.54
CA GLU A 194 6.58 -22.32 23.50
C GLU A 194 5.55 -23.16 24.31
N GLY A 195 5.87 -24.38 24.71
CA GLY A 195 4.98 -25.29 25.46
C GLY A 195 3.71 -25.70 24.69
N ASN A 196 3.61 -25.41 23.38
CA ASN A 196 2.39 -25.68 22.59
C ASN A 196 2.65 -26.92 21.73
N TYR A 197 2.22 -28.08 22.22
CA TYR A 197 2.24 -29.36 21.48
C TYR A 197 1.68 -29.19 20.05
N TYR A 198 0.71 -28.29 19.84
CA TYR A 198 -0.03 -28.18 18.54
C TYR A 198 0.50 -26.97 17.71
N SER A 199 1.69 -26.45 18.03
CA SER A 199 2.34 -25.30 17.36
C SER A 199 2.47 -25.59 15.87
N HIS A 200 2.32 -24.60 14.98
CA HIS A 200 2.58 -24.75 13.52
C HIS A 200 4.08 -24.96 13.27
N ALA A 201 4.93 -24.85 14.29
CA ALA A 201 6.37 -25.17 14.20
C ALA A 201 6.71 -26.60 14.71
N SER A 202 5.71 -27.46 15.00
CA SER A 202 5.94 -28.85 15.48
C SER A 202 5.13 -29.94 14.77
N PRO A 203 4.40 -29.72 13.66
CA PRO A 203 3.59 -30.82 13.13
C PRO A 203 4.42 -32.01 12.61
N PHE A 204 5.64 -31.80 12.13
CA PHE A 204 6.41 -32.93 11.54
C PHE A 204 7.04 -33.74 12.67
N ALA A 205 7.31 -33.09 13.82
CA ALA A 205 7.72 -33.74 15.08
C ALA A 205 6.60 -34.69 15.48
N ARG A 206 5.38 -34.17 15.55
CA ARG A 206 4.20 -35.01 15.91
C ARG A 206 4.07 -36.16 14.91
N ILE A 207 4.17 -35.87 13.61
CA ILE A 207 4.05 -36.87 12.53
C ILE A 207 5.14 -37.97 12.68
N MET A 208 6.41 -37.57 12.84
CA MET A 208 7.52 -38.55 12.97
C MET A 208 7.42 -39.27 14.34
N GLU A 209 7.11 -38.58 15.44
CA GLU A 209 6.89 -39.25 16.75
C GLU A 209 5.83 -40.35 16.59
N GLY A 210 4.88 -40.23 15.65
CA GLY A 210 3.75 -41.20 15.52
C GLY A 210 4.02 -42.31 14.51
N GLY A 211 5.10 -42.20 13.75
CA GLY A 211 5.44 -43.18 12.72
C GLY A 211 4.55 -43.07 11.50
N TYR A 212 3.91 -41.93 11.23
CA TYR A 212 2.88 -41.80 10.18
C TYR A 212 3.55 -41.65 8.81
N ALA A 213 4.79 -41.14 8.81
CA ALA A 213 5.65 -41.02 7.61
C ALA A 213 6.89 -41.93 7.71
N ARG A 214 7.37 -42.42 6.58
CA ARG A 214 8.70 -43.04 6.50
C ARG A 214 9.71 -41.96 6.09
N ARG A 215 9.71 -41.62 4.82
CA ARG A 215 10.62 -40.62 4.26
C ARG A 215 9.96 -39.25 4.46
N LEU A 216 10.75 -38.27 4.84
CA LEU A 216 10.28 -36.87 4.88
C LEU A 216 11.31 -36.07 4.08
N VAL A 217 10.87 -35.65 2.90
CA VAL A 217 11.74 -34.91 1.96
C VAL A 217 11.36 -33.44 2.06
N GLN A 218 12.26 -32.65 2.59
CA GLN A 218 11.99 -31.22 2.89
C GLN A 218 12.79 -30.36 1.91
N VAL A 219 12.13 -29.34 1.36
CA VAL A 219 12.69 -28.51 0.25
C VAL A 219 12.35 -27.06 0.55
N GLY A 220 13.36 -26.17 0.49
CA GLY A 220 13.23 -24.72 0.68
C GLY A 220 13.87 -24.20 1.96
N ILE A 221 14.44 -25.12 2.77
CA ILE A 221 14.78 -24.87 4.20
C ILE A 221 15.87 -23.82 4.21
N ARG A 222 15.61 -22.77 4.98
CA ARG A 222 16.57 -21.66 5.21
C ARG A 222 16.51 -21.11 6.65
N SER A 223 15.59 -21.60 7.48
CA SER A 223 15.49 -21.23 8.92
C SER A 223 15.43 -22.53 9.75
N ILE A 224 16.57 -22.89 10.37
CA ILE A 224 16.75 -24.14 11.14
C ILE A 224 17.72 -23.93 12.32
N THR A 225 17.24 -24.24 13.54
CA THR A 225 18.06 -24.33 14.77
C THR A 225 18.87 -25.62 14.79
N ASN A 226 19.90 -25.64 15.62
CA ASN A 226 20.83 -26.76 15.89
C ASN A 226 20.11 -27.91 16.59
N ASP A 227 19.22 -27.61 17.52
CA ASP A 227 18.36 -28.64 18.18
C ASP A 227 17.52 -29.37 17.14
N VAL A 228 17.05 -28.63 16.14
CA VAL A 228 16.16 -29.21 15.10
C VAL A 228 17.03 -30.03 14.16
N ARG A 229 18.31 -29.67 13.96
CA ARG A 229 19.25 -30.56 13.21
C ARG A 229 19.36 -31.89 13.98
N GLU A 230 19.21 -31.90 15.31
CA GLU A 230 19.26 -33.21 16.05
C GLU A 230 18.01 -34.02 15.69
N GLN A 231 16.87 -33.34 15.57
CA GLN A 231 15.56 -33.98 15.21
C GLN A 231 15.67 -34.59 13.80
N VAL A 232 16.25 -33.83 12.89
CA VAL A 232 16.51 -34.26 11.47
C VAL A 232 17.28 -35.60 11.53
N LYS A 233 18.36 -35.65 12.30
CA LYS A 233 19.16 -36.89 12.46
C LYS A 233 18.35 -37.99 13.16
N LYS A 234 17.64 -37.64 14.25
CA LYS A 234 16.92 -38.66 15.05
C LYS A 234 15.93 -39.38 14.13
N TYR A 235 15.25 -38.67 13.21
CA TYR A 235 14.17 -39.30 12.39
C TYR A 235 14.59 -39.65 10.97
N GLY A 236 15.83 -39.40 10.53
CA GLY A 236 16.24 -39.74 9.16
C GLY A 236 15.56 -38.88 8.13
N VAL A 237 15.34 -37.62 8.47
CA VAL A 237 14.70 -36.63 7.57
C VAL A 237 15.73 -36.23 6.52
N GLU A 238 15.27 -36.17 5.28
CA GLU A 238 16.00 -35.68 4.12
C GLU A 238 15.68 -34.18 3.95
N THR A 239 16.43 -33.37 4.70
CA THR A 239 16.24 -31.91 4.80
C THR A 239 17.16 -31.24 3.81
N HIS A 240 16.62 -30.64 2.76
CA HIS A 240 17.41 -29.97 1.68
C HIS A 240 17.31 -28.48 1.95
N GLU A 241 18.45 -27.85 2.25
CA GLU A 241 18.53 -26.42 2.59
C GLU A 241 18.79 -25.61 1.30
N MET A 242 18.33 -24.38 1.24
CA MET A 242 18.56 -23.45 0.10
C MET A 242 20.07 -23.30 -0.20
N ARG A 243 20.94 -23.40 0.80
CA ARG A 243 22.39 -23.10 0.59
C ARG A 243 23.05 -24.23 -0.23
N THR A 244 22.35 -25.34 -0.45
CA THR A 244 22.78 -26.45 -1.36
C THR A 244 21.80 -26.72 -2.52
N LEU A 245 20.88 -25.80 -2.85
CA LEU A 245 19.82 -26.13 -3.86
C LEU A 245 20.50 -26.38 -5.20
N SER A 246 21.55 -25.65 -5.55
CA SER A 246 22.12 -25.77 -6.93
C SER A 246 22.73 -27.19 -7.06
N ARG A 247 23.36 -27.69 -6.02
CA ARG A 247 23.89 -29.08 -5.95
C ARG A 247 22.74 -30.10 -5.99
N ASP A 248 21.54 -29.71 -5.58
CA ASP A 248 20.47 -30.69 -5.23
C ASP A 248 19.46 -30.82 -6.37
N ARG A 249 19.60 -30.00 -7.40
CA ARG A 249 18.48 -29.88 -8.38
C ARG A 249 18.16 -31.19 -9.06
N PRO A 250 19.17 -31.96 -9.51
CA PRO A 250 18.90 -33.18 -10.27
C PRO A 250 18.15 -34.23 -9.43
N ILE A 251 18.52 -34.34 -8.17
CA ILE A 251 17.81 -35.16 -7.14
C ILE A 251 16.36 -34.66 -7.02
N LEU A 252 16.22 -33.37 -6.78
CA LEU A 252 14.89 -32.78 -6.43
C LEU A 252 13.95 -32.87 -7.63
N GLU A 253 14.50 -32.84 -8.84
CA GLU A 253 13.70 -32.88 -10.07
C GLU A 253 13.42 -34.32 -10.51
N ASN A 254 13.85 -35.32 -9.75
CA ASN A 254 13.65 -36.76 -10.06
C ASN A 254 13.33 -37.51 -8.76
N LEU A 255 12.44 -36.97 -7.95
CA LEU A 255 12.03 -37.68 -6.74
C LEU A 255 11.05 -38.77 -7.14
N LYS A 256 11.13 -39.88 -6.39
CA LYS A 256 10.30 -41.11 -6.54
C LYS A 256 10.02 -41.58 -5.12
N LEU A 257 8.77 -41.49 -4.65
CA LEU A 257 8.44 -41.72 -3.23
C LEU A 257 7.31 -42.74 -3.15
N GLY A 258 7.12 -43.35 -1.98
CA GLY A 258 5.94 -44.17 -1.65
C GLY A 258 6.14 -45.64 -1.96
N GLU A 259 7.23 -46.03 -2.62
CA GLU A 259 7.47 -47.45 -3.02
C GLU A 259 7.53 -48.35 -1.77
N GLY A 260 6.59 -49.29 -1.63
CA GLY A 260 6.51 -50.16 -0.45
C GLY A 260 5.88 -49.52 0.78
N VAL A 261 5.23 -48.36 0.67
CA VAL A 261 4.36 -47.86 1.76
C VAL A 261 3.04 -47.44 1.11
N LYS A 262 2.12 -46.84 1.86
CA LYS A 262 0.70 -46.73 1.43
C LYS A 262 0.56 -45.65 0.37
N GLY A 263 1.56 -44.78 0.25
CA GLY A 263 1.55 -43.72 -0.77
C GLY A 263 2.37 -42.50 -0.35
N VAL A 264 2.05 -41.38 -0.98
CA VAL A 264 2.83 -40.12 -0.95
C VAL A 264 1.85 -39.04 -0.53
N TYR A 265 2.28 -38.17 0.37
CA TYR A 265 1.51 -37.02 0.88
C TYR A 265 2.34 -35.77 0.57
N VAL A 266 1.76 -34.76 -0.09
CA VAL A 266 2.55 -33.51 -0.34
C VAL A 266 2.03 -32.32 0.47
N SER A 267 2.91 -31.70 1.24
CA SER A 267 2.63 -30.51 2.05
C SER A 267 3.39 -29.31 1.47
N ILE A 268 2.62 -28.28 1.10
CA ILE A 268 3.19 -27.04 0.52
C ILE A 268 2.90 -25.91 1.49
N ASP A 269 3.96 -25.41 2.14
CA ASP A 269 3.94 -24.14 2.93
C ASP A 269 4.34 -23.03 1.96
N VAL A 270 3.43 -22.12 1.69
CA VAL A 270 3.63 -21.02 0.72
C VAL A 270 4.89 -20.22 1.15
N ASP A 271 5.31 -20.21 2.41
CA ASP A 271 6.51 -19.41 2.84
C ASP A 271 7.84 -20.11 2.37
N SER A 272 7.71 -21.32 1.83
CA SER A 272 8.80 -21.95 1.04
C SER A 272 9.26 -21.05 -0.13
N LEU A 273 8.36 -20.31 -0.75
CA LEU A 273 8.62 -19.35 -1.87
C LEU A 273 9.24 -18.07 -1.31
N ASP A 274 10.17 -17.52 -2.07
CA ASP A 274 10.78 -16.20 -1.74
C ASP A 274 9.66 -15.17 -1.48
N PRO A 275 9.81 -14.36 -0.43
CA PRO A 275 8.83 -13.31 -0.09
C PRO A 275 8.52 -12.32 -1.21
N SER A 276 9.42 -12.14 -2.16
CA SER A 276 9.24 -11.30 -3.37
C SER A 276 8.09 -11.88 -4.18
N ILE A 277 7.93 -13.18 -4.21
CA ILE A 277 6.83 -13.77 -5.05
C ILE A 277 5.66 -14.22 -4.21
N ALA A 278 5.81 -14.37 -2.90
CA ALA A 278 4.69 -14.78 -2.02
C ALA A 278 4.73 -13.97 -0.75
N PRO A 279 4.37 -12.67 -0.83
CA PRO A 279 4.37 -11.79 0.32
C PRO A 279 3.30 -12.13 1.38
N GLY A 280 2.21 -12.73 0.93
CA GLY A 280 1.06 -13.15 1.72
C GLY A 280 1.33 -14.38 2.56
N VAL A 281 2.25 -14.25 3.51
CA VAL A 281 2.57 -15.25 4.57
C VAL A 281 2.93 -14.54 5.88
N SER A 282 2.86 -15.25 6.98
CA SER A 282 3.22 -14.75 8.32
C SER A 282 4.73 -14.64 8.41
N HIS A 283 5.45 -15.61 7.86
CA HIS A 283 6.91 -15.71 8.15
C HIS A 283 7.72 -15.43 6.89
N HIS A 284 8.05 -14.18 6.70
CA HIS A 284 8.93 -13.77 5.57
C HIS A 284 10.33 -14.31 5.87
N GLU A 285 10.88 -15.10 4.96
CA GLU A 285 12.28 -15.55 5.06
C GLU A 285 12.98 -15.31 3.73
N PRO A 286 13.81 -14.26 3.60
CA PRO A 286 14.45 -13.96 2.30
C PRO A 286 15.36 -15.09 1.81
N GLY A 287 15.49 -15.20 0.49
CA GLY A 287 16.33 -16.25 -0.12
C GLY A 287 15.59 -17.56 -0.24
N GLY A 288 14.35 -17.57 -0.73
CA GLY A 288 13.53 -18.79 -0.85
C GLY A 288 13.41 -19.40 -2.24
N LEU A 289 12.44 -20.29 -2.44
CA LEU A 289 12.23 -20.91 -3.78
C LEU A 289 11.59 -19.92 -4.77
N LEU A 290 11.84 -20.10 -6.08
CA LEU A 290 11.05 -19.43 -7.15
C LEU A 290 9.89 -20.34 -7.47
N PHE A 291 8.86 -19.83 -8.11
CA PHE A 291 7.63 -20.59 -8.45
C PHE A 291 7.97 -21.88 -9.21
N ARG A 292 8.93 -21.79 -10.13
CA ARG A 292 9.40 -22.85 -11.06
C ARG A 292 10.03 -23.97 -10.24
N ASP A 293 10.73 -23.61 -9.19
CA ASP A 293 11.37 -24.61 -8.32
C ASP A 293 10.30 -25.59 -7.84
N ILE A 294 9.18 -25.08 -7.35
CA ILE A 294 8.11 -25.98 -6.81
C ILE A 294 7.45 -26.71 -7.97
N LEU A 295 7.12 -26.05 -9.06
CA LEU A 295 6.42 -26.68 -10.20
C LEU A 295 7.29 -27.78 -10.83
N ASN A 296 8.60 -27.58 -10.99
CA ASN A 296 9.45 -28.62 -11.60
C ASN A 296 9.46 -29.84 -10.69
N ILE A 297 9.66 -29.61 -9.40
CA ILE A 297 9.76 -30.71 -8.41
C ILE A 297 8.45 -31.47 -8.34
N LEU A 298 7.34 -30.77 -8.23
CA LEU A 298 5.97 -31.38 -8.12
C LEU A 298 5.60 -32.14 -9.38
N GLN A 299 5.84 -31.55 -10.55
CA GLN A 299 5.47 -32.16 -11.86
C GLN A 299 6.29 -33.45 -12.05
N ASN A 300 7.57 -33.44 -11.68
CA ASN A 300 8.49 -34.57 -11.95
C ASN A 300 8.32 -35.69 -10.92
N LEU A 301 7.59 -35.45 -9.82
CA LEU A 301 7.46 -36.37 -8.67
C LEU A 301 6.74 -37.65 -9.10
N GLN A 302 7.37 -38.80 -8.90
CA GLN A 302 6.73 -40.12 -9.13
C GLN A 302 6.24 -40.70 -7.80
N GLY A 303 5.07 -41.32 -7.84
CA GLY A 303 4.47 -42.04 -6.70
C GLY A 303 2.97 -41.81 -6.71
N ASP A 304 2.23 -42.65 -6.00
CA ASP A 304 0.75 -42.58 -5.81
C ASP A 304 0.43 -41.54 -4.70
N ILE A 305 0.00 -40.37 -5.13
CA ILE A 305 -0.33 -39.25 -4.20
C ILE A 305 -1.71 -39.51 -3.63
N VAL A 306 -1.78 -39.71 -2.30
CA VAL A 306 -2.97 -40.10 -1.49
C VAL A 306 -3.51 -38.86 -0.82
N GLY A 307 -2.77 -37.75 -0.81
CA GLY A 307 -3.25 -36.52 -0.15
C GLY A 307 -2.20 -35.44 -0.09
N GLY A 308 -2.62 -34.23 0.23
CA GLY A 308 -1.70 -33.09 0.20
C GLY A 308 -2.40 -31.91 0.83
N ASP A 309 -1.59 -30.90 1.16
CA ASP A 309 -2.10 -29.64 1.75
C ASP A 309 -1.40 -28.44 1.11
N VAL A 310 -2.07 -27.30 1.16
CA VAL A 310 -1.43 -25.99 0.84
C VAL A 310 -1.76 -25.08 1.99
N VAL A 311 -0.73 -24.62 2.68
CA VAL A 311 -0.88 -23.99 4.01
C VAL A 311 -0.06 -22.69 4.06
N GLU A 312 -0.42 -21.91 5.06
CA GLU A 312 0.24 -20.65 5.51
C GLU A 312 -0.02 -19.53 4.53
N TYR A 313 -0.96 -19.65 3.59
CA TYR A 313 -1.41 -18.44 2.86
C TYR A 313 -2.16 -17.53 3.85
N ASN A 314 -1.60 -16.36 4.03
CA ASN A 314 -2.13 -15.27 4.90
C ASN A 314 -2.68 -14.13 4.05
N PRO A 315 -3.99 -14.05 3.75
CA PRO A 315 -4.52 -12.93 2.99
C PRO A 315 -4.32 -11.53 3.58
N GLN A 316 -4.20 -11.41 4.88
CA GLN A 316 -4.07 -10.11 5.57
C GLN A 316 -2.65 -9.58 5.38
N ARG A 317 -1.76 -10.36 4.77
CA ARG A 317 -0.38 -9.88 4.53
C ARG A 317 -0.09 -9.89 3.04
N ASP A 318 -1.09 -10.22 2.23
CA ASP A 318 -0.92 -10.26 0.76
C ASP A 318 -0.93 -8.82 0.21
N THR A 319 -0.56 -8.66 -1.05
CA THR A 319 -0.63 -7.33 -1.68
C THR A 319 -2.09 -7.05 -2.10
N TYR A 320 -2.41 -5.82 -2.50
CA TYR A 320 -3.83 -5.50 -2.83
C TYR A 320 -4.33 -6.32 -4.02
N ASP A 321 -3.48 -6.63 -4.98
CA ASP A 321 -3.83 -7.44 -6.17
C ASP A 321 -3.94 -8.95 -5.85
N GLY A 322 -3.68 -9.38 -4.62
CA GLY A 322 -3.82 -10.78 -4.21
C GLY A 322 -2.93 -11.72 -5.02
N ILE A 323 -1.68 -11.34 -5.22
CA ILE A 323 -0.70 -12.16 -5.99
C ILE A 323 -0.49 -13.51 -5.28
N THR A 324 -0.46 -13.51 -3.95
CA THR A 324 -0.22 -14.71 -3.15
C THR A 324 -1.45 -15.64 -3.22
N ALA A 325 -2.68 -15.17 -3.27
CA ALA A 325 -3.87 -16.05 -3.48
C ALA A 325 -3.70 -16.75 -4.83
N LEU A 326 -3.24 -16.00 -5.83
CA LEU A 326 -3.11 -16.56 -7.19
C LEU A 326 -2.02 -17.66 -7.18
N VAL A 327 -0.86 -17.37 -6.60
CA VAL A 327 0.24 -18.35 -6.44
C VAL A 327 -0.33 -19.57 -5.71
N ALA A 328 -1.01 -19.36 -4.59
CA ALA A 328 -1.53 -20.46 -3.79
C ALA A 328 -2.51 -21.29 -4.63
N ALA A 329 -3.40 -20.63 -5.38
CA ALA A 329 -4.38 -21.32 -6.28
C ALA A 329 -3.66 -22.16 -7.34
N LYS A 330 -2.54 -21.67 -7.84
CA LYS A 330 -1.74 -22.31 -8.91
C LYS A 330 -1.17 -23.62 -8.34
N LEU A 331 -0.59 -23.53 -7.16
CA LEU A 331 -0.01 -24.67 -6.43
C LEU A 331 -1.12 -25.71 -6.15
N VAL A 332 -2.30 -25.27 -5.77
CA VAL A 332 -3.43 -26.20 -5.56
C VAL A 332 -3.83 -26.89 -6.88
N ARG A 333 -3.97 -26.13 -7.95
CA ARG A 333 -4.25 -26.67 -9.30
C ARG A 333 -3.23 -27.76 -9.69
N GLU A 334 -1.94 -27.53 -9.43
CA GLU A 334 -0.87 -28.44 -9.89
C GLU A 334 -0.85 -29.68 -8.99
N LEU A 335 -1.02 -29.50 -7.67
CA LEU A 335 -1.20 -30.64 -6.77
C LEU A 335 -2.40 -31.50 -7.24
N ALA A 336 -3.51 -30.88 -7.62
CA ALA A 336 -4.77 -31.60 -7.95
C ALA A 336 -4.56 -32.38 -9.24
N ALA A 337 -3.78 -31.85 -10.16
CA ALA A 337 -3.54 -32.49 -11.47
C ALA A 337 -2.66 -33.70 -11.26
N LYS A 338 -1.73 -33.67 -10.31
CA LYS A 338 -0.90 -34.85 -9.96
C LYS A 338 -1.80 -35.86 -9.23
N MET A 339 -2.67 -35.42 -8.33
CA MET A 339 -3.36 -36.37 -7.44
C MET A 339 -4.62 -36.94 -8.10
N SER A 340 -5.34 -36.17 -8.90
CA SER A 340 -6.49 -36.66 -9.68
C SER A 340 -5.98 -37.60 -10.77
N LYS A 341 -6.69 -38.71 -10.97
CA LYS A 341 -6.36 -39.67 -12.05
C LYS A 341 -7.62 -40.45 -12.43
N VAL B 23 24.71 34.28 15.27
CA VAL B 23 25.31 33.16 16.02
C VAL B 23 26.82 33.40 16.14
N SER B 24 27.29 33.87 17.32
CA SER B 24 28.72 33.88 17.73
C SER B 24 29.40 32.60 17.26
N PRO B 25 30.55 32.70 16.56
CA PRO B 25 31.31 31.52 16.15
C PRO B 25 31.99 30.78 17.32
N ALA B 26 32.47 31.54 18.33
CA ALA B 26 32.92 31.10 19.68
C ALA B 26 31.96 30.05 20.28
N LEU B 27 30.72 30.44 20.52
CA LEU B 27 29.74 29.56 21.20
C LEU B 27 29.55 28.27 20.41
N LEU B 28 29.43 28.37 19.10
CA LEU B 28 29.17 27.22 18.19
C LEU B 28 30.35 26.24 18.24
N GLU B 29 31.58 26.77 18.22
CA GLU B 29 32.83 25.96 18.22
C GLU B 29 32.90 25.14 19.52
N LYS B 30 32.58 25.75 20.65
CA LYS B 30 32.65 25.08 21.97
C LYS B 30 31.47 24.09 22.08
N ALA B 31 30.29 24.43 21.57
CA ALA B 31 29.17 23.45 21.50
C ALA B 31 29.67 22.20 20.78
N GLN B 32 30.27 22.40 19.59
CA GLN B 32 30.81 21.33 18.71
C GLN B 32 31.73 20.40 19.52
N ASN B 33 32.84 20.88 20.06
CA ASN B 33 33.82 20.05 20.81
C ASN B 33 33.16 19.23 21.91
N ARG B 34 32.33 19.88 22.72
CA ARG B 34 31.69 19.31 23.92
C ARG B 34 30.69 18.21 23.50
N VAL B 35 29.88 18.50 22.48
CA VAL B 35 28.81 17.52 22.10
C VAL B 35 29.49 16.30 21.45
N ILE B 36 30.53 16.52 20.69
CA ILE B 36 31.27 15.42 20.01
C ILE B 36 31.94 14.56 21.09
N ASP B 37 32.69 15.18 22.00
CA ASP B 37 33.26 14.51 23.20
C ASP B 37 32.22 13.61 23.87
N ALA B 38 31.07 14.16 24.17
CA ALA B 38 29.97 13.43 24.85
C ALA B 38 29.52 12.26 23.97
N ALA B 39 29.49 12.47 22.67
CA ALA B 39 29.01 11.44 21.74
C ALA B 39 30.00 10.28 21.77
N LEU B 40 31.30 10.60 21.70
CA LEU B 40 32.32 9.54 21.48
C LEU B 40 32.46 8.77 22.78
N THR B 41 32.48 9.47 23.91
CA THR B 41 32.41 8.86 25.25
C THR B 41 31.21 7.90 25.32
N PHE B 42 30.02 8.23 24.80
CA PHE B 42 28.86 7.30 24.87
C PHE B 42 29.24 6.01 24.14
N ILE B 43 29.75 6.16 22.90
CA ILE B 43 30.21 5.02 22.05
C ILE B 43 31.33 4.30 22.82
N ARG B 44 32.26 5.04 23.44
CA ARG B 44 33.37 4.40 24.19
C ARG B 44 32.76 3.44 25.21
N GLU B 45 31.78 3.89 25.97
CA GLU B 45 31.22 3.14 27.13
C GLU B 45 30.39 1.95 26.63
N ARG B 46 29.70 2.10 25.51
CA ARG B 46 28.95 0.93 25.00
C ARG B 46 29.96 -0.09 24.50
N ALA B 47 31.02 0.34 23.82
CA ALA B 47 32.01 -0.63 23.29
C ALA B 47 32.73 -1.31 24.48
N LYS B 48 32.94 -0.58 25.57
CA LYS B 48 33.69 -1.09 26.75
C LYS B 48 32.83 -2.22 27.35
N PHE B 49 31.54 -1.93 27.57
CA PHE B 49 30.56 -2.93 28.05
C PHE B 49 30.69 -4.22 27.22
N LYS B 50 30.46 -4.14 25.90
CA LYS B 50 30.37 -5.32 25.01
C LYS B 50 31.73 -6.03 24.92
N GLY B 51 32.84 -5.30 25.00
CA GLY B 51 34.18 -5.91 24.99
C GLY B 51 34.45 -6.78 26.24
N GLU B 52 34.16 -6.25 27.42
CA GLU B 52 34.31 -6.94 28.73
C GLU B 52 33.40 -8.14 28.72
N LEU B 53 32.17 -7.97 28.25
CA LEU B 53 31.21 -9.09 28.22
C LEU B 53 31.86 -10.24 27.45
N MET B 54 32.27 -9.99 26.21
CA MET B 54 32.84 -11.08 25.40
C MET B 54 34.09 -11.62 26.07
N ARG B 55 34.97 -10.72 26.55
CA ARG B 55 36.26 -11.14 27.16
C ARG B 55 35.95 -11.93 28.44
N SER B 56 34.78 -11.79 29.04
CA SER B 56 34.52 -12.60 30.24
C SER B 56 33.79 -13.91 29.86
N LEU B 57 33.05 -13.96 28.75
CA LEU B 57 32.48 -15.25 28.29
C LEU B 57 33.58 -16.22 27.82
N GLY B 58 34.68 -15.69 27.27
CA GLY B 58 35.73 -16.44 26.58
C GLY B 58 35.25 -17.23 25.38
N GLY B 59 36.17 -17.99 24.76
CA GLY B 59 35.96 -18.88 23.60
C GLY B 59 35.59 -18.09 22.34
N VAL B 60 36.28 -16.99 22.08
CA VAL B 60 35.87 -15.98 21.07
C VAL B 60 37.12 -15.26 20.58
N ALA B 61 37.28 -15.26 19.27
CA ALA B 61 38.37 -14.60 18.55
C ALA B 61 37.83 -13.30 17.97
N ALA B 62 36.56 -13.26 17.55
CA ALA B 62 35.99 -12.01 16.99
C ALA B 62 34.48 -11.99 17.19
N THR B 63 33.96 -10.77 17.43
CA THR B 63 32.52 -10.51 17.59
C THR B 63 32.09 -9.32 16.70
N SER B 64 31.17 -9.63 15.79
CA SER B 64 30.52 -8.63 14.92
C SER B 64 29.70 -7.69 15.84
N SER B 65 30.00 -6.40 15.78
CA SER B 65 29.55 -5.33 16.69
C SER B 65 28.89 -4.21 15.87
N LEU B 66 27.56 -4.04 16.05
CA LEU B 66 26.77 -3.12 15.24
C LEU B 66 27.10 -1.70 15.70
N LEU B 67 27.55 -0.88 14.78
CA LEU B 67 27.65 0.59 14.92
C LEU B 67 26.78 1.23 13.83
N GLY B 68 25.69 1.87 14.26
CA GLY B 68 24.82 2.71 13.43
C GLY B 68 25.46 4.04 13.10
N VAL B 69 25.35 4.41 11.81
CA VAL B 69 25.70 5.77 11.31
C VAL B 69 24.49 6.24 10.51
N PRO B 70 23.47 6.78 11.23
CA PRO B 70 22.22 7.27 10.65
C PRO B 70 22.39 8.62 9.94
N LEU B 71 23.01 8.59 8.77
CA LEU B 71 23.39 9.73 7.92
C LEU B 71 22.82 9.50 6.53
N GLY B 72 21.98 10.44 6.07
CA GLY B 72 21.29 10.42 4.77
C GLY B 72 21.64 11.63 3.97
N HIS B 73 22.39 12.59 4.54
CA HIS B 73 22.46 13.92 3.90
C HIS B 73 23.42 13.91 2.69
N HIS B 74 24.06 12.79 2.41
CA HIS B 74 25.05 12.67 1.30
C HIS B 74 24.35 12.02 0.10
N SER B 75 23.11 11.60 0.24
CA SER B 75 22.32 10.93 -0.83
C SER B 75 21.94 11.96 -1.90
N SER B 76 21.86 11.52 -3.14
CA SER B 76 21.63 12.37 -4.33
C SER B 76 20.11 12.54 -4.56
N PHE B 77 19.28 11.61 -4.07
CA PHE B 77 17.84 11.55 -4.44
C PHE B 77 16.97 11.53 -3.19
N HIS B 78 17.25 10.66 -2.21
CA HIS B 78 16.38 10.45 -1.03
C HIS B 78 17.23 10.14 0.22
N GLU B 79 16.99 10.84 1.31
CA GLU B 79 17.81 10.74 2.55
C GLU B 79 17.25 9.75 3.59
N GLY B 80 16.21 9.00 3.25
CA GLY B 80 15.55 8.04 4.15
C GLY B 80 16.47 7.00 4.77
N SER B 81 17.58 6.62 4.14
CA SER B 81 18.47 5.59 4.78
C SER B 81 18.98 6.13 6.13
N ALA B 82 18.84 7.42 6.47
CA ALA B 82 19.23 7.94 7.81
C ALA B 82 18.43 7.22 8.91
N PHE B 83 17.25 6.66 8.59
CA PHE B 83 16.34 6.08 9.60
C PHE B 83 16.61 4.60 9.71
N ALA B 84 17.49 4.06 8.87
CA ALA B 84 17.68 2.60 8.73
C ALA B 84 18.17 1.88 10.00
N PRO B 85 19.23 2.30 10.72
CA PRO B 85 19.83 1.38 11.67
C PRO B 85 18.86 0.79 12.71
N PRO B 86 18.01 1.56 13.43
CA PRO B 86 17.10 1.02 14.46
C PRO B 86 16.07 0.06 13.86
N ARG B 87 15.68 0.27 12.61
CA ARG B 87 14.74 -0.63 11.87
CA ARG B 87 14.74 -0.62 11.86
C ARG B 87 15.46 -1.95 11.60
N ILE B 88 16.74 -1.89 11.23
CA ILE B 88 17.52 -3.14 11.00
C ILE B 88 17.69 -3.90 12.32
N ARG B 89 18.09 -3.26 13.41
CA ARG B 89 18.22 -4.03 14.68
C ARG B 89 16.88 -4.67 15.06
N GLU B 90 15.79 -3.95 14.97
CA GLU B 90 14.51 -4.55 15.35
C GLU B 90 14.27 -5.79 14.48
N ALA B 91 14.51 -5.72 13.16
CA ALA B 91 14.26 -6.88 12.28
C ALA B 91 15.23 -8.03 12.59
N ILE B 92 16.47 -7.75 13.01
CA ILE B 92 17.42 -8.85 13.37
C ILE B 92 16.77 -9.65 14.49
N TRP B 93 16.22 -8.92 15.45
CA TRP B 93 15.72 -9.44 16.74
C TRP B 93 14.18 -9.58 16.62
N CYS B 94 13.62 -9.88 15.41
CA CYS B 94 12.15 -9.89 15.05
C CYS B 94 11.43 -11.22 15.35
N ASP B 95 10.20 -11.17 15.84
CA ASP B 95 9.45 -12.34 16.37
C ASP B 95 9.22 -13.48 15.35
N SER B 96 9.22 -13.19 14.05
CA SER B 96 8.86 -14.18 12.99
C SER B 96 10.06 -15.08 12.64
N THR B 97 11.28 -14.73 13.10
CA THR B 97 12.58 -15.33 12.75
C THR B 97 13.14 -16.13 13.96
N ASN B 98 13.80 -17.27 13.80
CA ASN B 98 14.57 -17.84 14.95
C ASN B 98 15.89 -17.08 14.98
N SER B 99 16.74 -17.38 15.94
CA SER B 99 18.00 -16.66 16.16
C SER B 99 19.19 -17.49 15.64
N THR B 100 18.99 -18.38 14.65
CA THR B 100 20.10 -19.15 14.02
C THR B 100 20.36 -18.68 12.57
N THR B 101 21.62 -18.38 12.23
CA THR B 101 22.05 -18.04 10.87
C THR B 101 21.97 -19.30 10.02
N GLU B 102 22.04 -19.11 8.71
CA GLU B 102 21.79 -20.16 7.69
C GLU B 102 22.77 -21.29 7.95
N GLU B 103 24.03 -20.95 8.29
CA GLU B 103 25.07 -21.98 8.49
C GLU B 103 25.24 -22.37 9.97
N GLY B 104 24.26 -22.14 10.84
CA GLY B 104 24.18 -22.76 12.16
C GLY B 104 24.63 -21.89 13.31
N LYS B 105 25.04 -20.64 13.11
CA LYS B 105 25.49 -19.80 14.27
C LYS B 105 24.27 -19.25 15.06
N ASN B 106 24.41 -19.15 16.38
CA ASN B 106 23.34 -18.71 17.31
C ASN B 106 23.49 -17.19 17.61
N LEU B 107 22.58 -16.39 17.07
CA LEU B 107 22.55 -14.92 17.26
C LEU B 107 22.25 -14.55 18.73
N ARG B 108 21.62 -15.44 19.50
CA ARG B 108 21.48 -15.26 20.98
C ARG B 108 22.85 -15.27 21.67
N ASP B 109 23.85 -15.92 21.12
CA ASP B 109 25.20 -15.82 21.71
C ASP B 109 25.73 -14.42 21.42
N PRO B 110 26.01 -13.57 22.44
CA PRO B 110 26.60 -12.26 22.22
C PRO B 110 27.95 -12.27 21.51
N ARG B 111 28.64 -13.40 21.50
CA ARG B 111 29.97 -13.50 20.88
C ARG B 111 29.76 -13.58 19.37
N VAL B 112 28.57 -13.93 18.93
CA VAL B 112 28.24 -13.98 17.47
C VAL B 112 27.85 -12.59 16.99
N ILE B 113 27.04 -11.87 17.75
CA ILE B 113 26.60 -10.50 17.32
C ILE B 113 26.18 -9.69 18.53
N THR B 114 26.56 -8.41 18.53
CA THR B 114 26.21 -7.52 19.64
C THR B 114 25.95 -6.12 19.06
N ASN B 115 25.10 -5.34 19.73
CA ASN B 115 24.85 -3.93 19.37
C ASN B 115 25.78 -3.04 20.20
N VAL B 116 26.48 -2.11 19.60
CA VAL B 116 27.22 -1.05 20.33
C VAL B 116 26.31 0.18 20.37
N GLY B 117 25.93 0.72 19.20
CA GLY B 117 24.90 1.77 19.13
C GLY B 117 25.09 2.68 17.94
N ASP B 118 24.44 3.85 17.96
CA ASP B 118 24.33 4.75 16.82
C ASP B 118 25.18 5.97 17.16
N VAL B 119 26.04 6.38 16.24
CA VAL B 119 26.61 7.76 16.25
C VAL B 119 25.46 8.73 16.01
N PRO B 120 25.22 9.68 16.95
CA PRO B 120 24.14 10.67 16.87
C PRO B 120 24.41 11.80 15.87
N ILE B 121 24.28 11.43 14.60
CA ILE B 121 24.66 12.28 13.43
C ILE B 121 23.85 13.59 13.48
N GLU B 122 22.52 13.47 13.59
CA GLU B 122 21.58 14.62 13.57
C GLU B 122 22.00 15.65 14.64
N GLU B 123 22.15 15.24 15.88
CA GLU B 123 22.51 16.18 16.99
C GLU B 123 23.88 16.85 16.78
N ILE B 124 24.83 16.12 16.21
CA ILE B 124 26.16 16.69 15.89
C ILE B 124 26.05 17.66 14.73
N ARG B 125 25.42 17.28 13.62
CA ARG B 125 25.23 18.21 12.46
C ARG B 125 24.55 19.45 13.04
N ASP B 126 23.54 19.27 13.89
CA ASP B 126 22.76 20.41 14.45
C ASP B 126 23.65 21.34 15.33
N CYS B 127 24.91 21.03 15.64
CA CYS B 127 25.86 21.93 16.34
C CYS B 127 26.67 22.74 15.31
N GLY B 128 26.38 22.51 14.03
CA GLY B 128 26.98 23.19 12.88
C GLY B 128 28.30 22.57 12.49
N VAL B 129 28.50 21.28 12.78
CA VAL B 129 29.75 20.56 12.41
C VAL B 129 29.76 20.33 10.89
N ASP B 130 30.90 20.57 10.24
CA ASP B 130 31.07 20.42 8.76
C ASP B 130 31.27 18.94 8.47
N ASP B 131 31.11 18.54 7.20
CA ASP B 131 31.17 17.12 6.77
C ASP B 131 32.55 16.49 6.95
N LYS B 132 33.62 17.27 6.88
CA LYS B 132 34.99 16.74 7.09
C LYS B 132 35.11 16.30 8.54
N ARG B 133 34.65 17.11 9.48
CA ARG B 133 34.75 16.78 10.93
C ARG B 133 33.72 15.68 11.21
N LEU B 134 32.55 15.73 10.59
CA LEU B 134 31.59 14.61 10.73
C LEU B 134 32.24 13.24 10.37
N ALA B 135 32.91 13.18 9.22
CA ALA B 135 33.63 11.97 8.75
C ALA B 135 34.67 11.54 9.80
N ASN B 136 35.38 12.49 10.38
CA ASN B 136 36.40 12.22 11.43
C ASN B 136 35.72 11.56 12.63
N VAL B 137 34.53 12.05 13.00
CA VAL B 137 33.78 11.50 14.16
C VAL B 137 33.34 10.07 13.84
N ILE B 138 32.96 9.77 12.59
CA ILE B 138 32.56 8.39 12.20
C ILE B 138 33.79 7.47 12.32
N SER B 139 34.95 7.93 11.87
CA SER B 139 36.22 7.16 11.94
C SER B 139 36.56 6.85 13.41
N GLU B 140 36.54 7.87 14.28
CA GLU B 140 36.86 7.69 15.72
C GLU B 140 35.92 6.63 16.29
N SER B 141 34.63 6.72 15.96
CA SER B 141 33.62 5.71 16.38
C SER B 141 34.08 4.31 16.02
N VAL B 142 34.46 4.11 14.76
CA VAL B 142 34.94 2.78 14.29
C VAL B 142 36.13 2.35 15.13
N LYS B 143 37.06 3.26 15.43
CA LYS B 143 38.33 2.95 16.13
C LYS B 143 38.04 2.53 17.57
N LEU B 144 37.07 3.21 18.20
CA LEU B 144 36.61 2.89 19.57
C LEU B 144 36.07 1.46 19.61
N VAL B 145 35.37 0.95 18.57
CA VAL B 145 34.91 -0.48 18.55
C VAL B 145 36.12 -1.41 18.35
N MET B 146 37.01 -1.03 17.46
CA MET B 146 38.16 -1.88 17.07
C MET B 146 39.10 -2.01 18.25
N ASP B 147 39.18 -0.98 19.08
CA ASP B 147 40.11 -0.96 20.23
C ASP B 147 39.63 -1.94 21.29
N GLU B 148 38.34 -2.32 21.27
CA GLU B 148 37.78 -3.29 22.23
C GLU B 148 37.76 -4.70 21.65
N ASP B 149 38.94 -5.30 21.45
CA ASP B 149 39.01 -6.68 20.92
C ASP B 149 38.27 -7.58 21.91
N PRO B 150 37.43 -8.54 21.47
CA PRO B 150 37.49 -9.09 20.12
C PRO B 150 36.45 -8.46 19.19
N LEU B 151 35.91 -7.29 19.55
CA LEU B 151 34.85 -6.64 18.75
C LEU B 151 35.41 -6.28 17.37
N ARG B 152 34.58 -6.48 16.35
CA ARG B 152 34.86 -6.09 14.95
C ARG B 152 33.64 -5.30 14.43
N PRO B 153 33.86 -4.14 13.81
CA PRO B 153 32.79 -3.22 13.41
C PRO B 153 31.99 -3.71 12.20
N LEU B 154 30.71 -3.97 12.44
CA LEU B 154 29.68 -4.18 11.39
C LEU B 154 28.80 -2.91 11.40
N VAL B 155 29.10 -1.99 10.49
CA VAL B 155 28.45 -0.67 10.44
C VAL B 155 27.06 -0.79 9.77
N LEU B 156 26.05 -0.17 10.38
CA LEU B 156 24.72 -0.04 9.71
C LEU B 156 24.53 1.39 9.24
N GLY B 157 24.39 1.56 7.90
CA GLY B 157 24.07 2.87 7.30
C GLY B 157 22.56 3.04 7.32
N GLY B 158 22.12 4.23 6.91
CA GLY B 158 23.03 5.23 6.39
C GLY B 158 23.24 5.05 4.90
N ASP B 159 23.52 6.14 4.21
CA ASP B 159 23.88 6.12 2.77
C ASP B 159 25.34 5.72 2.60
N HIS B 160 25.73 5.46 1.36
CA HIS B 160 26.96 4.72 1.10
C HIS B 160 28.17 5.59 1.42
N SER B 161 28.04 6.89 1.63
CA SER B 161 29.17 7.84 1.87
C SER B 161 30.00 7.39 3.08
N ILE B 162 29.34 6.69 3.98
CA ILE B 162 29.94 6.32 5.30
C ILE B 162 31.08 5.31 5.09
N SER B 163 31.09 4.55 4.02
CA SER B 163 32.11 3.47 3.85
C SER B 163 33.50 4.12 3.78
N PHE B 164 33.61 5.34 3.25
CA PHE B 164 34.93 6.02 3.18
C PHE B 164 35.50 6.14 4.59
N PRO B 165 34.90 6.94 5.50
CA PRO B 165 35.40 7.08 6.87
C PRO B 165 35.53 5.76 7.66
N VAL B 166 34.64 4.79 7.40
CA VAL B 166 34.75 3.46 8.05
C VAL B 166 36.02 2.77 7.54
N VAL B 167 36.22 2.72 6.24
CA VAL B 167 37.34 1.92 5.70
C VAL B 167 38.66 2.65 6.01
N ARG B 168 38.65 3.98 6.01
CA ARG B 168 39.85 4.76 6.39
C ARG B 168 40.28 4.36 7.82
N ALA B 169 39.29 4.30 8.71
CA ALA B 169 39.47 4.00 10.14
C ALA B 169 39.97 2.56 10.30
N VAL B 170 39.41 1.61 9.56
CA VAL B 170 39.86 0.20 9.63
C VAL B 170 41.34 0.10 9.22
N SER B 171 41.69 0.67 8.08
CA SER B 171 43.02 0.65 7.46
C SER B 171 44.04 1.35 8.35
N GLU B 172 43.68 2.49 8.90
CA GLU B 172 44.60 3.31 9.72
C GLU B 172 44.83 2.54 11.01
N LYS B 173 43.77 1.98 11.60
CA LYS B 173 43.94 1.21 12.84
C LYS B 173 44.72 -0.09 12.55
N LEU B 174 44.52 -0.77 11.41
CA LEU B 174 45.21 -2.07 11.19
C LEU B 174 46.66 -1.78 10.81
N GLY B 175 46.93 -0.57 10.34
CA GLY B 175 48.21 -0.13 9.78
C GLY B 175 48.43 -0.59 8.34
N GLY B 176 47.41 -0.67 7.49
CA GLY B 176 47.70 -0.93 6.06
C GLY B 176 46.46 -1.17 5.25
N ALA B 177 46.62 -1.71 4.03
CA ALA B 177 45.54 -1.81 3.03
C ALA B 177 44.65 -3.01 3.38
N VAL B 178 43.41 -2.97 2.95
CA VAL B 178 42.50 -4.13 3.08
C VAL B 178 42.08 -4.44 1.66
N ASP B 179 41.55 -5.64 1.41
CA ASP B 179 40.84 -5.94 0.14
C ASP B 179 39.37 -5.71 0.44
N ILE B 180 38.58 -5.27 -0.54
CA ILE B 180 37.13 -5.00 -0.35
C ILE B 180 36.30 -5.82 -1.33
N LEU B 181 35.27 -6.42 -0.79
CA LEU B 181 34.20 -7.06 -1.56
C LEU B 181 33.02 -6.13 -1.37
N HIS B 182 32.53 -5.58 -2.48
CA HIS B 182 31.56 -4.47 -2.49
C HIS B 182 30.40 -4.93 -3.35
N PHE B 183 29.23 -5.07 -2.76
CA PHE B 183 27.95 -5.35 -3.47
C PHE B 183 27.24 -4.03 -3.72
N ASP B 184 26.89 -3.76 -4.97
CA ASP B 184 26.21 -2.50 -5.31
C ASP B 184 25.61 -2.58 -6.71
N ALA B 185 24.52 -1.87 -7.00
CA ALA B 185 24.11 -1.56 -8.39
C ALA B 185 25.08 -0.54 -9.02
N HIS B 186 25.80 0.23 -8.20
CA HIS B 186 26.48 1.49 -8.61
C HIS B 186 27.92 1.40 -8.18
N PRO B 187 28.90 1.70 -9.06
CA PRO B 187 30.29 1.56 -8.64
C PRO B 187 30.67 2.47 -7.46
N ASP B 188 29.97 3.58 -7.26
CA ASP B 188 30.33 4.62 -6.26
C ASP B 188 31.79 5.05 -6.42
N LEU B 189 32.24 5.30 -7.65
CA LEU B 189 33.64 5.67 -7.96
C LEU B 189 33.76 7.05 -8.64
N TYR B 190 32.69 7.85 -8.69
CA TYR B 190 32.75 9.23 -9.24
C TYR B 190 33.87 10.06 -8.59
N HIS B 191 34.64 10.80 -9.37
CA HIS B 191 35.68 11.72 -8.82
C HIS B 191 34.96 12.91 -8.19
N ASP B 192 33.82 13.30 -8.76
CA ASP B 192 33.19 14.64 -8.53
C ASP B 192 31.70 14.53 -8.90
N PHE B 193 30.88 14.27 -7.89
CA PHE B 193 29.41 14.22 -7.96
C PHE B 193 28.87 15.49 -7.28
N GLU B 194 28.48 16.49 -8.11
CA GLU B 194 27.78 17.75 -7.73
C GLU B 194 28.64 18.54 -6.73
N GLY B 195 29.98 18.56 -6.93
CA GLY B 195 31.00 19.19 -6.06
C GLY B 195 30.95 18.70 -4.60
N ASN B 196 30.26 17.58 -4.29
CA ASN B 196 30.22 16.97 -2.93
C ASN B 196 31.26 15.84 -2.84
N TYR B 197 32.43 16.19 -2.35
CA TYR B 197 33.53 15.28 -1.99
C TYR B 197 33.06 14.00 -1.24
N TYR B 198 32.07 14.13 -0.36
CA TYR B 198 31.57 13.05 0.55
C TYR B 198 30.29 12.40 0.00
N SER B 199 29.98 12.57 -1.28
CA SER B 199 28.74 12.04 -1.91
C SER B 199 28.67 10.51 -1.69
N HIS B 200 27.47 9.93 -1.70
CA HIS B 200 27.26 8.46 -1.60
C HIS B 200 27.67 7.76 -2.90
N ALA B 201 28.07 8.53 -3.92
CA ALA B 201 28.50 8.07 -5.26
C ALA B 201 30.02 8.20 -5.47
N SER B 202 30.79 8.66 -4.47
CA SER B 202 32.28 8.76 -4.47
C SER B 202 32.98 8.06 -3.30
N PRO B 203 32.31 7.29 -2.41
CA PRO B 203 33.05 6.72 -1.29
C PRO B 203 34.26 5.97 -1.81
N PHE B 204 34.11 5.20 -2.88
CA PHE B 204 35.21 4.30 -3.31
C PHE B 204 36.28 5.09 -4.08
N ALA B 205 35.97 6.24 -4.67
CA ALA B 205 37.02 7.13 -5.22
C ALA B 205 37.86 7.64 -4.03
N ARG B 206 37.23 8.08 -2.94
CA ARG B 206 37.96 8.54 -1.73
C ARG B 206 38.87 7.42 -1.26
N ILE B 207 38.32 6.20 -1.17
CA ILE B 207 39.03 5.06 -0.54
C ILE B 207 40.24 4.78 -1.42
N MET B 208 40.00 4.51 -2.69
CA MET B 208 41.04 4.21 -3.68
C MET B 208 42.06 5.37 -3.74
N GLU B 209 41.63 6.63 -3.83
CA GLU B 209 42.56 7.79 -3.82
C GLU B 209 43.50 7.66 -2.62
N GLY B 210 42.99 7.27 -1.45
CA GLY B 210 43.73 7.19 -0.18
C GLY B 210 44.65 5.98 -0.10
N GLY B 211 44.59 5.09 -1.11
CA GLY B 211 45.26 3.78 -1.07
C GLY B 211 44.85 3.01 0.16
N TYR B 212 43.63 3.15 0.66
CA TYR B 212 43.21 2.44 1.89
C TYR B 212 42.88 1.00 1.52
N ALA B 213 42.62 0.75 0.23
CA ALA B 213 42.23 -0.58 -0.29
C ALA B 213 43.18 -0.98 -1.42
N ARG B 214 43.46 -2.29 -1.55
CA ARG B 214 44.27 -2.84 -2.68
C ARG B 214 43.30 -3.36 -3.74
N ARG B 215 42.72 -4.54 -3.54
CA ARG B 215 41.65 -5.06 -4.39
C ARG B 215 40.31 -4.47 -3.95
N LEU B 216 39.49 -4.19 -4.93
CA LEU B 216 38.09 -3.77 -4.74
C LEU B 216 37.29 -4.64 -5.71
N VAL B 217 36.59 -5.61 -5.20
CA VAL B 217 35.83 -6.55 -6.06
C VAL B 217 34.37 -6.14 -5.98
N GLN B 218 33.80 -5.67 -7.10
CA GLN B 218 32.45 -5.07 -7.12
C GLN B 218 31.54 -6.09 -7.75
N VAL B 219 30.38 -6.31 -7.18
CA VAL B 219 29.41 -7.32 -7.69
C VAL B 219 28.00 -6.72 -7.70
N GLY B 220 27.25 -6.96 -8.78
CA GLY B 220 25.87 -6.49 -9.00
C GLY B 220 25.79 -5.21 -9.82
N ILE B 221 26.90 -4.78 -10.40
CA ILE B 221 27.00 -3.46 -11.08
C ILE B 221 26.17 -3.49 -12.37
N ARG B 222 25.26 -2.53 -12.53
CA ARG B 222 24.38 -2.42 -13.70
C ARG B 222 24.07 -0.96 -14.01
N SER B 223 24.82 0.00 -13.47
CA SER B 223 24.54 1.45 -13.56
C SER B 223 25.87 2.21 -13.48
N ILE B 224 26.45 2.53 -14.63
CA ILE B 224 27.85 3.01 -14.67
C ILE B 224 27.98 3.92 -15.89
N THR B 225 28.48 5.11 -15.65
CA THR B 225 28.73 6.14 -16.68
C THR B 225 30.08 5.81 -17.30
N ASN B 226 30.35 6.34 -18.48
CA ASN B 226 31.61 6.05 -19.20
C ASN B 226 32.75 6.74 -18.47
N ASP B 227 32.54 7.81 -17.72
CA ASP B 227 33.66 8.46 -16.98
C ASP B 227 34.09 7.60 -15.79
N VAL B 228 33.17 6.82 -15.24
CA VAL B 228 33.46 5.96 -14.06
C VAL B 228 34.10 4.67 -14.57
N ARG B 229 33.79 4.28 -15.82
CA ARG B 229 34.54 3.20 -16.50
C ARG B 229 36.01 3.61 -16.52
N GLU B 230 36.34 4.90 -16.70
CA GLU B 230 37.76 5.39 -16.62
C GLU B 230 38.28 5.09 -15.23
N GLN B 231 37.47 5.40 -14.21
CA GLN B 231 37.90 5.33 -12.79
C GLN B 231 38.25 3.86 -12.48
N VAL B 232 37.39 2.94 -12.92
CA VAL B 232 37.56 1.46 -12.81
C VAL B 232 38.92 1.05 -13.39
N LYS B 233 39.23 1.50 -14.59
CA LYS B 233 40.53 1.16 -15.24
C LYS B 233 41.68 1.85 -14.50
N LYS B 234 41.52 3.10 -14.07
CA LYS B 234 42.61 3.88 -13.46
C LYS B 234 43.05 3.25 -12.12
N TYR B 235 42.12 2.75 -11.31
CA TYR B 235 42.48 2.20 -9.97
C TYR B 235 42.55 0.66 -10.05
N GLY B 236 42.50 0.04 -11.22
CA GLY B 236 42.52 -1.43 -11.37
C GLY B 236 41.42 -2.07 -10.52
N VAL B 237 40.23 -1.48 -10.54
CA VAL B 237 39.05 -2.01 -9.81
C VAL B 237 38.53 -3.21 -10.57
N GLU B 238 38.21 -4.27 -9.85
CA GLU B 238 37.63 -5.50 -10.44
C GLU B 238 36.11 -5.35 -10.47
N THR B 239 35.58 -4.60 -11.42
CA THR B 239 34.12 -4.39 -11.50
C THR B 239 33.45 -5.57 -12.20
N HIS B 240 32.56 -6.29 -11.56
CA HIS B 240 31.75 -7.32 -12.22
C HIS B 240 30.34 -6.79 -12.49
N GLU B 241 29.97 -6.69 -13.77
CA GLU B 241 28.65 -6.23 -14.25
C GLU B 241 27.64 -7.38 -14.34
N MET B 242 26.37 -7.10 -14.06
CA MET B 242 25.29 -8.14 -14.14
C MET B 242 25.28 -8.79 -15.54
N ARG B 243 25.57 -8.04 -16.60
CA ARG B 243 25.55 -8.59 -18.00
C ARG B 243 26.64 -9.66 -18.21
N THR B 244 27.59 -9.90 -17.29
CA THR B 244 28.62 -10.99 -17.41
C THR B 244 28.51 -11.97 -16.26
N LEU B 245 27.39 -12.01 -15.56
CA LEU B 245 27.34 -12.69 -14.25
C LEU B 245 27.55 -14.19 -14.45
N SER B 246 26.78 -14.79 -15.36
CA SER B 246 26.71 -16.26 -15.42
C SER B 246 28.13 -16.77 -15.76
N ARG B 247 28.86 -16.02 -16.59
CA ARG B 247 30.29 -16.34 -16.85
C ARG B 247 31.13 -16.14 -15.58
N ASP B 248 30.81 -15.13 -14.75
CA ASP B 248 31.59 -14.80 -13.53
C ASP B 248 31.25 -15.72 -12.36
N ARG B 249 30.16 -16.51 -12.42
CA ARG B 249 29.73 -17.29 -11.20
C ARG B 249 30.90 -18.07 -10.63
N PRO B 250 31.65 -18.84 -11.45
CA PRO B 250 32.68 -19.71 -10.91
C PRO B 250 33.76 -18.94 -10.14
N ILE B 251 34.10 -17.72 -10.57
CA ILE B 251 35.13 -16.91 -9.87
C ILE B 251 34.50 -16.32 -8.62
N LEU B 252 33.25 -15.88 -8.73
CA LEU B 252 32.65 -15.07 -7.64
C LEU B 252 32.34 -16.00 -6.47
N GLU B 253 31.96 -17.24 -6.76
CA GLU B 253 31.73 -18.31 -5.75
C GLU B 253 33.04 -18.92 -5.21
N ASN B 254 34.19 -18.29 -5.38
CA ASN B 254 35.44 -18.87 -4.83
C ASN B 254 36.46 -17.78 -4.66
N LEU B 255 36.04 -16.64 -4.19
CA LEU B 255 36.94 -15.50 -3.95
C LEU B 255 37.83 -15.79 -2.75
N LYS B 256 39.07 -15.34 -2.83
CA LYS B 256 40.05 -15.45 -1.73
C LYS B 256 40.72 -14.10 -1.59
N LEU B 257 40.33 -13.35 -0.57
CA LEU B 257 40.72 -11.93 -0.52
C LEU B 257 41.64 -11.75 0.66
N GLY B 258 42.42 -10.68 0.65
CA GLY B 258 43.16 -10.24 1.84
C GLY B 258 44.53 -10.89 1.93
N GLU B 259 44.88 -11.83 1.06
CA GLU B 259 46.18 -12.53 1.23
C GLU B 259 47.30 -11.51 1.01
N GLY B 260 48.02 -11.20 2.09
CA GLY B 260 49.22 -10.32 2.12
C GLY B 260 48.87 -8.87 2.40
N VAL B 261 47.61 -8.56 2.78
CA VAL B 261 47.31 -7.19 3.28
C VAL B 261 46.67 -7.40 4.64
N LYS B 262 46.07 -6.38 5.23
CA LYS B 262 45.70 -6.45 6.67
C LYS B 262 44.38 -7.19 6.82
N GLY B 263 43.66 -7.47 5.74
CA GLY B 263 42.44 -8.28 5.80
C GLY B 263 41.41 -7.78 4.80
N VAL B 264 40.15 -8.21 5.05
CA VAL B 264 39.02 -8.09 4.09
C VAL B 264 37.90 -7.26 4.72
N TYR B 265 37.44 -6.25 4.00
CA TYR B 265 36.24 -5.44 4.37
C TYR B 265 35.09 -5.74 3.40
N VAL B 266 33.88 -5.97 3.91
CA VAL B 266 32.70 -6.36 3.08
C VAL B 266 31.63 -5.27 3.16
N SER B 267 31.41 -4.56 2.06
CA SER B 267 30.43 -3.46 1.99
C SER B 267 29.21 -3.94 1.20
N ILE B 268 28.06 -4.03 1.81
CA ILE B 268 26.83 -4.46 1.10
C ILE B 268 25.89 -3.26 0.90
N ASP B 269 25.75 -2.78 -0.34
CA ASP B 269 24.67 -1.83 -0.68
C ASP B 269 23.40 -2.63 -1.02
N VAL B 270 22.32 -2.44 -0.23
CA VAL B 270 21.03 -3.18 -0.39
C VAL B 270 20.52 -3.02 -1.83
N ASP B 271 20.86 -1.92 -2.52
CA ASP B 271 20.40 -1.70 -3.93
C ASP B 271 21.17 -2.59 -4.88
N SER B 272 22.17 -3.38 -4.44
CA SER B 272 22.72 -4.51 -5.22
C SER B 272 21.61 -5.50 -5.59
N LEU B 273 20.64 -5.66 -4.71
CA LEU B 273 19.55 -6.65 -4.93
C LEU B 273 18.51 -6.06 -5.86
N ASP B 274 17.88 -6.95 -6.64
CA ASP B 274 16.78 -6.52 -7.51
C ASP B 274 15.75 -5.81 -6.65
N PRO B 275 15.16 -4.71 -7.16
CA PRO B 275 14.10 -4.03 -6.43
C PRO B 275 12.86 -4.89 -6.15
N SER B 276 12.64 -6.03 -6.80
CA SER B 276 11.53 -6.96 -6.47
C SER B 276 11.78 -7.56 -5.07
N ILE B 277 13.06 -7.65 -4.70
CA ILE B 277 13.56 -8.24 -3.42
C ILE B 277 13.72 -7.13 -2.36
N ALA B 278 14.26 -6.00 -2.78
CA ALA B 278 14.70 -4.91 -1.90
C ALA B 278 14.05 -3.60 -2.36
N PRO B 279 12.73 -3.43 -2.26
CA PRO B 279 12.10 -2.21 -2.68
C PRO B 279 12.50 -1.00 -1.82
N GLY B 280 12.89 -1.26 -0.59
CA GLY B 280 13.22 -0.22 0.39
C GLY B 280 14.60 0.35 0.13
N VAL B 281 14.83 1.01 -1.01
CA VAL B 281 16.12 1.70 -1.31
C VAL B 281 15.80 3.03 -2.00
N SER B 282 16.73 3.97 -2.04
CA SER B 282 16.60 5.25 -2.79
C SER B 282 16.69 5.03 -4.32
N HIS B 283 17.53 4.13 -4.83
CA HIS B 283 17.81 4.03 -6.28
C HIS B 283 17.35 2.67 -6.75
N HIS B 284 16.11 2.53 -7.18
CA HIS B 284 15.64 1.29 -7.84
C HIS B 284 16.44 1.06 -9.15
N GLU B 285 17.11 -0.09 -9.35
CA GLU B 285 17.80 -0.39 -10.64
C GLU B 285 17.39 -1.80 -11.07
N PRO B 286 16.38 -1.98 -11.94
CA PRO B 286 15.93 -3.33 -12.27
C PRO B 286 17.04 -4.17 -12.90
N GLY B 287 16.96 -5.46 -12.67
CA GLY B 287 17.94 -6.45 -13.16
C GLY B 287 19.06 -6.73 -12.18
N GLY B 288 18.77 -6.83 -10.87
CA GLY B 288 19.78 -6.90 -9.82
C GLY B 288 20.01 -8.32 -9.38
N LEU B 289 20.78 -8.48 -8.32
CA LEU B 289 21.07 -9.81 -7.69
C LEU B 289 19.83 -10.40 -7.01
N LEU B 290 19.78 -11.71 -6.93
CA LEU B 290 18.82 -12.37 -6.03
C LEU B 290 19.52 -12.49 -4.68
N PHE B 291 18.70 -12.64 -3.65
CA PHE B 291 19.18 -12.69 -2.26
C PHE B 291 20.29 -13.76 -2.12
N ARG B 292 20.02 -14.93 -2.66
CA ARG B 292 20.86 -16.14 -2.64
C ARG B 292 22.16 -15.89 -3.42
N ASP B 293 22.24 -14.93 -4.34
CA ASP B 293 23.54 -14.68 -5.02
C ASP B 293 24.53 -14.08 -4.02
N ILE B 294 24.09 -13.10 -3.24
CA ILE B 294 24.98 -12.51 -2.19
C ILE B 294 25.40 -13.64 -1.20
N LEU B 295 24.48 -14.54 -0.83
CA LEU B 295 24.79 -15.55 0.21
C LEU B 295 25.81 -16.55 -0.36
N ASN B 296 25.65 -16.95 -1.61
CA ASN B 296 26.61 -17.88 -2.27
C ASN B 296 28.03 -17.29 -2.23
N ILE B 297 28.18 -16.05 -2.64
CA ILE B 297 29.51 -15.38 -2.67
C ILE B 297 30.05 -15.29 -1.23
N LEU B 298 29.18 -14.97 -0.29
CA LEU B 298 29.62 -14.61 1.08
C LEU B 298 29.97 -15.88 1.84
N GLN B 299 29.15 -16.91 1.63
CA GLN B 299 29.32 -18.24 2.25
C GLN B 299 30.63 -18.83 1.72
N ASN B 300 30.99 -18.57 0.48
CA ASN B 300 32.19 -19.17 -0.16
C ASN B 300 33.43 -18.31 0.10
N LEU B 301 33.29 -17.08 0.56
CA LEU B 301 34.44 -16.11 0.58
C LEU B 301 35.50 -16.57 1.58
N GLN B 302 36.77 -16.55 1.18
CA GLN B 302 37.95 -16.79 2.06
C GLN B 302 38.64 -15.47 2.31
N GLY B 303 39.18 -15.33 3.50
CA GLY B 303 39.90 -14.12 3.93
C GLY B 303 39.50 -13.77 5.35
N ASP B 304 40.38 -13.08 6.03
CA ASP B 304 40.14 -12.56 7.39
C ASP B 304 39.27 -11.31 7.24
N ILE B 305 37.96 -11.44 7.48
CA ILE B 305 37.02 -10.27 7.52
C ILE B 305 37.25 -9.45 8.81
N VAL B 306 37.73 -8.23 8.58
CA VAL B 306 38.08 -7.25 9.64
C VAL B 306 36.99 -6.19 9.85
N GLY B 307 36.13 -5.96 8.85
CA GLY B 307 34.97 -5.07 9.03
C GLY B 307 33.99 -5.25 7.92
N GLY B 308 32.86 -4.53 8.02
CA GLY B 308 31.83 -4.62 6.99
C GLY B 308 30.75 -3.58 7.22
N ASP B 309 29.88 -3.43 6.24
CA ASP B 309 28.76 -2.46 6.37
C ASP B 309 27.58 -2.98 5.55
N VAL B 310 26.42 -2.57 5.98
CA VAL B 310 25.16 -2.75 5.24
C VAL B 310 24.48 -1.39 5.15
N VAL B 311 24.39 -0.83 3.92
CA VAL B 311 24.02 0.56 3.62
C VAL B 311 22.84 0.64 2.66
N GLU B 312 22.18 1.81 2.69
CA GLU B 312 21.23 2.28 1.70
C GLU B 312 19.88 1.54 1.89
N TYR B 313 19.65 0.80 2.99
CA TYR B 313 18.25 0.47 3.37
C TYR B 313 17.54 1.81 3.66
N ASN B 314 16.38 2.04 3.01
CA ASN B 314 15.55 3.26 3.17
C ASN B 314 14.18 2.80 3.63
N PRO B 315 13.88 2.86 4.93
CA PRO B 315 12.57 2.43 5.42
C PRO B 315 11.40 3.29 4.94
N GLN B 316 11.63 4.52 4.54
CA GLN B 316 10.59 5.39 3.92
C GLN B 316 10.20 4.86 2.56
N ARG B 317 10.97 3.99 1.93
CA ARG B 317 10.57 3.50 0.58
C ARG B 317 10.26 2.01 0.64
N ASP B 318 10.18 1.45 1.84
CA ASP B 318 9.92 0.01 2.04
C ASP B 318 8.42 -0.29 1.87
N THR B 319 8.05 -1.56 1.84
CA THR B 319 6.61 -1.91 1.78
C THR B 319 6.01 -1.79 3.18
N TYR B 320 4.69 -1.93 3.29
CA TYR B 320 4.05 -1.77 4.60
C TYR B 320 4.51 -2.86 5.58
N ASP B 321 4.81 -4.07 5.11
CA ASP B 321 5.29 -5.22 5.94
C ASP B 321 6.77 -5.08 6.32
N GLY B 322 7.50 -4.10 5.82
CA GLY B 322 8.91 -3.93 6.17
C GLY B 322 9.78 -5.04 5.60
N ILE B 323 9.45 -5.57 4.43
CA ILE B 323 10.26 -6.68 3.84
C ILE B 323 11.75 -6.28 3.73
N THR B 324 12.05 -5.07 3.32
CA THR B 324 13.47 -4.71 3.13
C THR B 324 14.18 -4.63 4.48
N ALA B 325 13.52 -4.29 5.57
CA ALA B 325 14.16 -4.32 6.90
C ALA B 325 14.67 -5.74 7.18
N LEU B 326 13.81 -6.73 6.88
CA LEU B 326 14.13 -8.18 7.05
C LEU B 326 15.28 -8.55 6.11
N VAL B 327 15.24 -8.09 4.85
CA VAL B 327 16.34 -8.37 3.92
C VAL B 327 17.67 -7.80 4.50
N ALA B 328 17.70 -6.55 4.86
CA ALA B 328 18.91 -5.92 5.43
C ALA B 328 19.36 -6.70 6.71
N ALA B 329 18.41 -7.09 7.57
CA ALA B 329 18.68 -7.79 8.84
C ALA B 329 19.32 -9.15 8.56
N LYS B 330 18.83 -9.87 7.54
CA LYS B 330 19.43 -11.15 7.12
C LYS B 330 20.82 -10.96 6.50
N LEU B 331 21.03 -9.93 5.68
CA LEU B 331 22.41 -9.58 5.23
C LEU B 331 23.31 -9.33 6.44
N VAL B 332 22.84 -8.61 7.45
CA VAL B 332 23.65 -8.34 8.67
C VAL B 332 23.95 -9.67 9.36
N ARG B 333 22.96 -10.53 9.51
CA ARG B 333 23.11 -11.81 10.25
C ARG B 333 24.15 -12.69 9.54
N GLU B 334 24.11 -12.78 8.24
CA GLU B 334 24.99 -13.69 7.54
C GLU B 334 26.39 -13.06 7.47
N LEU B 335 26.51 -11.74 7.36
CA LEU B 335 27.83 -11.07 7.45
C LEU B 335 28.44 -11.31 8.83
N ALA B 336 27.67 -11.10 9.92
CA ALA B 336 28.12 -11.38 11.31
C ALA B 336 28.60 -12.85 11.44
N ALA B 337 27.82 -13.82 10.94
CA ALA B 337 28.14 -15.26 10.96
C ALA B 337 29.52 -15.51 10.34
N LYS B 338 29.87 -14.82 9.26
CA LYS B 338 31.20 -14.94 8.64
C LYS B 338 32.27 -14.16 9.42
N MET B 339 31.98 -12.97 9.91
CA MET B 339 33.06 -12.14 10.50
C MET B 339 33.34 -12.61 11.95
N SER B 340 32.33 -13.08 12.66
CA SER B 340 32.47 -13.65 14.01
C SER B 340 33.20 -14.99 13.96
N LYS B 341 33.91 -15.27 15.03
CA LYS B 341 34.97 -16.32 15.05
C LYS B 341 35.32 -16.59 16.52
N SER C 24 -26.83 12.47 -38.05
CA SER C 24 -26.37 12.78 -39.42
C SER C 24 -25.41 11.69 -39.88
N PRO C 25 -25.50 11.25 -41.15
CA PRO C 25 -24.45 10.40 -41.71
C PRO C 25 -23.17 11.22 -41.95
N ALA C 26 -23.27 12.36 -42.65
CA ALA C 26 -22.12 13.13 -43.21
C ALA C 26 -21.28 13.71 -42.07
N LEU C 27 -21.93 14.43 -41.16
CA LEU C 27 -21.26 15.00 -39.95
C LEU C 27 -20.14 14.04 -39.54
N LEU C 28 -20.49 12.76 -39.32
CA LEU C 28 -19.59 11.73 -38.78
C LEU C 28 -18.46 11.49 -39.77
N GLU C 29 -18.78 10.91 -40.92
CA GLU C 29 -17.85 10.76 -42.06
C GLU C 29 -16.91 11.98 -42.09
N LYS C 30 -17.49 13.19 -42.09
CA LYS C 30 -16.78 14.50 -42.25
C LYS C 30 -15.82 14.70 -41.10
N ALA C 31 -16.37 14.68 -39.89
CA ALA C 31 -15.66 14.93 -38.63
C ALA C 31 -14.46 14.01 -38.57
N GLN C 32 -14.76 12.73 -38.75
CA GLN C 32 -13.79 11.62 -38.59
C GLN C 32 -12.57 11.95 -39.43
N ASN C 33 -12.81 12.32 -40.70
CA ASN C 33 -11.72 12.48 -41.67
C ASN C 33 -10.93 13.68 -41.22
N ARG C 34 -11.63 14.72 -40.78
CA ARG C 34 -10.90 15.98 -40.50
C ARG C 34 -10.07 15.82 -39.24
N VAL C 35 -10.67 15.26 -38.20
CA VAL C 35 -9.97 14.99 -36.91
C VAL C 35 -8.79 14.03 -37.16
N ILE C 36 -9.00 12.99 -37.96
CA ILE C 36 -7.88 12.04 -38.24
C ILE C 36 -6.76 12.76 -38.98
N ASP C 37 -7.10 13.64 -39.95
CA ASP C 37 -6.07 14.35 -40.74
C ASP C 37 -5.28 15.30 -39.83
N ALA C 38 -5.96 16.02 -38.92
CA ALA C 38 -5.25 16.92 -37.98
C ALA C 38 -4.33 16.11 -37.03
N ALA C 39 -4.78 14.96 -36.55
CA ALA C 39 -3.93 14.10 -35.68
C ALA C 39 -2.67 13.63 -36.41
N LEU C 40 -2.82 13.16 -37.66
CA LEU C 40 -1.67 12.61 -38.44
C LEU C 40 -0.73 13.75 -38.82
N THR C 41 -1.29 14.95 -39.02
CA THR C 41 -0.51 16.17 -39.33
C THR C 41 0.38 16.51 -38.15
N PHE C 42 -0.14 16.45 -36.90
CA PHE C 42 0.61 16.69 -35.65
C PHE C 42 1.78 15.69 -35.55
N ILE C 43 1.50 14.42 -35.81
CA ILE C 43 2.61 13.40 -35.78
C ILE C 43 3.63 13.74 -36.87
N ARG C 44 3.15 14.08 -38.10
CA ARG C 44 4.03 14.38 -39.25
C ARG C 44 4.98 15.51 -38.80
N GLU C 45 4.44 16.55 -38.18
CA GLU C 45 5.25 17.75 -37.90
C GLU C 45 6.29 17.38 -36.86
N ARG C 46 5.88 16.60 -35.85
CA ARG C 46 6.79 16.20 -34.75
C ARG C 46 7.91 15.32 -35.33
N ALA C 47 7.55 14.33 -36.13
CA ALA C 47 8.55 13.44 -36.80
C ALA C 47 9.50 14.30 -37.63
N LYS C 48 8.93 15.18 -38.45
CA LYS C 48 9.75 16.07 -39.32
C LYS C 48 10.74 16.88 -38.49
N PHE C 49 10.28 17.40 -37.35
CA PHE C 49 11.13 18.22 -36.47
C PHE C 49 12.29 17.34 -35.98
N LYS C 50 12.01 16.11 -35.53
CA LYS C 50 13.05 15.23 -34.91
C LYS C 50 13.99 14.69 -36.01
N GLY C 51 13.44 14.37 -37.17
CA GLY C 51 14.28 13.97 -38.31
C GLY C 51 15.29 15.06 -38.68
N GLU C 52 14.82 16.30 -38.77
CA GLU C 52 15.66 17.46 -39.17
C GLU C 52 16.75 17.66 -38.12
N LEU C 53 16.39 17.62 -36.84
CA LEU C 53 17.39 17.74 -35.77
C LEU C 53 18.50 16.68 -35.94
N MET C 54 18.12 15.41 -36.09
CA MET C 54 19.12 14.33 -36.08
C MET C 54 20.09 14.58 -37.24
N ARG C 55 19.52 14.89 -38.42
CA ARG C 55 20.32 15.06 -39.68
C ARG C 55 21.19 16.30 -39.52
N SER C 56 20.76 17.29 -38.76
CA SER C 56 21.57 18.51 -38.53
C SER C 56 22.74 18.16 -37.59
N LEU C 57 22.54 17.30 -36.59
CA LEU C 57 23.62 16.90 -35.67
C LEU C 57 24.65 16.09 -36.44
N GLY C 58 24.19 15.14 -37.26
CA GLY C 58 25.07 14.26 -38.06
C GLY C 58 25.67 13.13 -37.24
N GLY C 59 26.42 12.24 -37.89
CA GLY C 59 27.06 11.06 -37.28
C GLY C 59 26.03 10.10 -36.69
N VAL C 60 24.99 9.70 -37.42
CA VAL C 60 23.89 8.84 -36.88
C VAL C 60 23.23 8.11 -38.04
N ALA C 61 23.11 6.79 -37.93
CA ALA C 61 22.48 5.87 -38.90
C ALA C 61 21.04 5.52 -38.46
N ALA C 62 20.77 5.45 -37.14
CA ALA C 62 19.41 5.15 -36.65
C ALA C 62 19.17 5.80 -35.27
N THR C 63 17.99 6.40 -35.08
CA THR C 63 17.55 7.00 -33.80
C THR C 63 16.21 6.39 -33.41
N SER C 64 16.22 5.72 -32.27
CA SER C 64 15.01 5.12 -31.64
C SER C 64 14.05 6.25 -31.30
N SER C 65 12.85 6.25 -31.90
CA SER C 65 11.90 7.40 -31.87
C SER C 65 10.59 6.95 -31.21
N LEU C 66 10.25 7.51 -30.01
CA LEU C 66 9.07 7.05 -29.23
C LEU C 66 7.75 7.53 -29.81
N LEU C 67 6.87 6.59 -30.10
CA LEU C 67 5.50 6.88 -30.60
C LEU C 67 4.52 6.17 -29.67
N GLY C 68 3.80 6.94 -28.85
CA GLY C 68 2.80 6.34 -27.96
C GLY C 68 1.58 6.01 -28.77
N VAL C 69 1.02 4.88 -28.48
CA VAL C 69 -0.32 4.48 -28.93
C VAL C 69 -1.09 4.15 -27.66
N PRO C 70 -1.69 5.19 -27.00
CA PRO C 70 -2.39 5.00 -25.73
C PRO C 70 -3.76 4.33 -25.97
N LEU C 71 -3.77 3.07 -26.40
CA LEU C 71 -5.03 2.29 -26.63
C LEU C 71 -5.13 1.10 -25.66
N GLY C 72 -6.28 0.94 -25.00
CA GLY C 72 -6.57 -0.08 -23.97
C GLY C 72 -7.86 -0.88 -24.22
N HIS C 73 -8.77 -0.43 -25.06
CA HIS C 73 -10.16 -0.98 -25.12
C HIS C 73 -10.18 -2.38 -25.79
N HIS C 74 -9.01 -2.89 -26.14
CA HIS C 74 -8.88 -4.22 -26.80
C HIS C 74 -8.46 -5.28 -25.78
N SER C 75 -8.30 -4.86 -24.53
CA SER C 75 -7.91 -5.68 -23.33
C SER C 75 -9.09 -6.54 -22.88
N SER C 76 -8.84 -7.72 -22.30
CA SER C 76 -9.91 -8.69 -21.92
C SER C 76 -10.20 -8.64 -20.42
N PHE C 77 -9.51 -7.80 -19.64
CA PHE C 77 -9.67 -7.70 -18.16
C PHE C 77 -9.59 -6.23 -17.69
N HIS C 78 -8.67 -5.44 -18.25
CA HIS C 78 -8.40 -4.04 -17.80
C HIS C 78 -7.80 -3.22 -18.95
N GLU C 79 -8.21 -1.96 -19.10
CA GLU C 79 -7.84 -1.04 -20.22
C GLU C 79 -6.86 0.04 -19.76
N GLY C 80 -6.27 -0.12 -18.57
CA GLY C 80 -5.37 0.86 -17.95
C GLY C 80 -4.02 1.03 -18.61
N SER C 81 -3.60 0.11 -19.49
CA SER C 81 -2.37 0.33 -20.28
C SER C 81 -2.54 1.52 -21.26
N ALA C 82 -3.74 2.07 -21.48
CA ALA C 82 -3.87 3.31 -22.27
C ALA C 82 -3.11 4.47 -21.59
N PHE C 83 -2.80 4.37 -20.30
CA PHE C 83 -2.16 5.50 -19.56
C PHE C 83 -0.65 5.37 -19.68
N ALA C 84 -0.10 4.27 -20.22
CA ALA C 84 1.34 3.99 -20.01
C ALA C 84 2.29 4.99 -20.64
N PRO C 85 2.12 5.37 -21.95
CA PRO C 85 3.18 6.06 -22.64
C PRO C 85 3.79 7.26 -21.90
N PRO C 86 2.99 8.24 -21.47
CA PRO C 86 3.64 9.39 -20.83
C PRO C 86 4.34 8.97 -19.52
N ARG C 87 3.80 7.98 -18.83
CA ARG C 87 4.45 7.51 -17.57
C ARG C 87 5.80 6.86 -17.89
N ILE C 88 5.88 6.14 -19.00
CA ILE C 88 7.16 5.48 -19.42
C ILE C 88 8.19 6.57 -19.72
N ARG C 89 7.78 7.56 -20.50
CA ARG C 89 8.62 8.70 -20.94
C ARG C 89 9.16 9.46 -19.73
N GLU C 90 8.34 9.62 -18.70
CA GLU C 90 8.76 10.35 -17.49
C GLU C 90 9.83 9.52 -16.80
N ALA C 91 9.59 8.23 -16.70
CA ALA C 91 10.52 7.30 -16.00
C ALA C 91 11.83 7.19 -16.78
N ILE C 92 11.86 7.40 -18.10
CA ILE C 92 13.15 7.35 -18.85
C ILE C 92 14.07 8.48 -18.37
N TRP C 93 13.51 9.62 -18.03
CA TRP C 93 14.19 10.92 -17.72
C TRP C 93 13.82 11.33 -16.29
N CYS C 94 14.10 10.45 -15.30
CA CYS C 94 13.64 10.49 -13.87
C CYS C 94 14.87 10.52 -12.93
N ASP C 95 14.68 11.00 -11.71
CA ASP C 95 15.76 11.61 -10.88
C ASP C 95 16.69 10.58 -10.24
N SER C 96 16.22 9.34 -9.97
CA SER C 96 16.97 8.24 -9.27
C SER C 96 18.07 7.62 -10.15
N THR C 97 17.92 7.60 -11.49
CA THR C 97 18.79 6.90 -12.47
C THR C 97 19.74 7.91 -13.15
N ASN C 98 20.82 7.47 -13.79
CA ASN C 98 21.63 8.29 -14.73
C ASN C 98 21.16 8.05 -16.16
N SER C 99 21.75 8.77 -17.09
CA SER C 99 21.31 8.79 -18.50
C SER C 99 22.12 7.82 -19.34
N THR C 100 22.93 6.94 -18.76
CA THR C 100 23.77 5.97 -19.49
C THR C 100 23.11 4.58 -19.41
N THR C 101 22.94 3.91 -20.53
CA THR C 101 22.41 2.52 -20.55
C THR C 101 23.50 1.55 -20.03
N GLU C 102 23.16 0.29 -19.89
CA GLU C 102 24.07 -0.70 -19.21
C GLU C 102 25.40 -0.88 -19.96
N GLU C 103 25.30 -0.86 -21.28
CA GLU C 103 26.44 -1.08 -22.18
C GLU C 103 26.99 0.27 -22.66
N GLY C 104 26.62 1.41 -22.07
CA GLY C 104 27.39 2.67 -22.22
C GLY C 104 26.86 3.68 -23.25
N LYS C 105 25.65 3.55 -23.82
CA LYS C 105 25.06 4.65 -24.64
C LYS C 105 24.52 5.79 -23.72
N ASN C 106 24.61 7.04 -24.20
CA ASN C 106 24.21 8.23 -23.42
C ASN C 106 22.83 8.66 -23.91
N LEU C 107 21.81 8.64 -23.07
CA LEU C 107 20.40 8.94 -23.47
C LEU C 107 20.18 10.44 -23.60
N ARG C 108 21.14 11.27 -23.22
CA ARG C 108 20.96 12.75 -23.34
C ARG C 108 21.34 13.16 -24.77
N ASP C 109 22.04 12.32 -25.52
CA ASP C 109 22.20 12.47 -26.99
C ASP C 109 20.87 12.09 -27.65
N PRO C 110 20.21 13.10 -28.27
CA PRO C 110 18.97 12.90 -29.01
C PRO C 110 19.07 11.89 -30.17
N ARG C 111 20.31 11.60 -30.63
CA ARG C 111 20.54 10.55 -31.67
C ARG C 111 20.38 9.17 -31.07
N VAL C 112 20.50 9.06 -29.75
CA VAL C 112 20.29 7.75 -29.11
C VAL C 112 18.79 7.51 -28.88
N ILE C 113 18.05 8.54 -28.45
CA ILE C 113 16.59 8.37 -28.25
C ILE C 113 15.91 9.74 -28.34
N THR C 114 14.69 9.70 -28.81
CA THR C 114 13.95 10.94 -29.03
C THR C 114 12.48 10.58 -29.00
N ASN C 115 11.68 11.56 -28.62
CA ASN C 115 10.23 11.41 -28.52
C ASN C 115 9.60 12.02 -29.76
N VAL C 116 8.61 11.36 -30.31
CA VAL C 116 7.73 12.00 -31.30
C VAL C 116 6.47 12.52 -30.59
N GLY C 117 5.73 11.67 -29.94
CA GLY C 117 4.44 12.04 -29.38
C GLY C 117 3.50 10.86 -29.39
N ASP C 118 2.26 11.12 -29.09
CA ASP C 118 1.24 10.12 -28.76
C ASP C 118 0.17 10.28 -29.82
N VAL C 119 -0.23 9.15 -30.42
CA VAL C 119 -1.46 9.15 -31.25
C VAL C 119 -2.65 9.38 -30.33
N PRO C 120 -3.50 10.40 -30.60
CA PRO C 120 -4.64 10.72 -29.72
C PRO C 120 -5.84 9.76 -29.93
N ILE C 121 -5.64 8.56 -29.44
CA ILE C 121 -6.53 7.40 -29.64
C ILE C 121 -7.90 7.77 -29.08
N GLU C 122 -7.95 8.22 -27.83
CA GLU C 122 -9.22 8.56 -27.14
C GLU C 122 -10.07 9.49 -28.02
N GLU C 123 -9.44 10.53 -28.54
CA GLU C 123 -10.13 11.60 -29.28
C GLU C 123 -10.69 11.03 -30.59
N ILE C 124 -9.89 10.22 -31.30
CA ILE C 124 -10.25 9.56 -32.57
C ILE C 124 -11.38 8.56 -32.35
N ARG C 125 -11.27 7.68 -31.33
CA ARG C 125 -12.35 6.72 -30.93
C ARG C 125 -13.64 7.50 -30.69
N ASP C 126 -13.51 8.63 -30.02
CA ASP C 126 -14.65 9.40 -29.49
C ASP C 126 -15.36 10.03 -30.68
N CYS C 127 -14.79 10.00 -31.89
CA CYS C 127 -15.49 10.40 -33.15
C CYS C 127 -16.30 9.26 -33.79
N GLY C 128 -16.40 8.09 -33.17
CA GLY C 128 -17.19 6.94 -33.67
C GLY C 128 -16.46 6.15 -34.74
N VAL C 129 -15.14 6.21 -34.69
CA VAL C 129 -14.22 5.50 -35.62
C VAL C 129 -14.03 4.04 -35.16
N ASP C 130 -14.28 3.06 -36.05
CA ASP C 130 -14.20 1.61 -35.72
C ASP C 130 -12.73 1.20 -35.65
N ASP C 131 -12.47 0.01 -35.10
CA ASP C 131 -11.12 -0.54 -34.83
C ASP C 131 -10.32 -0.70 -36.11
N LYS C 132 -10.98 -1.07 -37.21
CA LYS C 132 -10.30 -1.22 -38.52
C LYS C 132 -9.70 0.13 -38.91
N ARG C 133 -10.46 1.22 -38.81
CA ARG C 133 -9.94 2.56 -39.19
C ARG C 133 -8.82 2.92 -38.21
N LEU C 134 -9.02 2.60 -36.93
CA LEU C 134 -8.04 2.95 -35.87
C LEU C 134 -6.68 2.30 -36.13
N ALA C 135 -6.68 1.00 -36.43
CA ALA C 135 -5.52 0.21 -36.92
C ALA C 135 -4.87 0.96 -38.10
N ASN C 136 -5.66 1.50 -39.03
CA ASN C 136 -5.06 2.20 -40.21
C ASN C 136 -4.38 3.49 -39.76
N VAL C 137 -4.96 4.21 -38.79
CA VAL C 137 -4.34 5.44 -38.23
C VAL C 137 -3.02 5.12 -37.54
N ILE C 138 -3.02 4.05 -36.75
CA ILE C 138 -1.80 3.57 -36.03
C ILE C 138 -0.78 3.19 -37.09
N SER C 139 -1.22 2.50 -38.12
CA SER C 139 -0.30 2.13 -39.25
C SER C 139 0.32 3.40 -39.88
N GLU C 140 -0.49 4.39 -40.19
CA GLU C 140 0.01 5.57 -40.92
C GLU C 140 0.94 6.34 -40.00
N SER C 141 0.65 6.39 -38.71
CA SER C 141 1.47 7.14 -37.75
C SER C 141 2.86 6.54 -37.74
N VAL C 142 2.94 5.23 -37.68
CA VAL C 142 4.27 4.58 -37.75
C VAL C 142 4.97 4.94 -39.07
N LYS C 143 4.29 4.90 -40.19
CA LYS C 143 4.98 5.23 -41.49
C LYS C 143 5.52 6.66 -41.50
N LEU C 144 4.84 7.58 -40.83
CA LEU C 144 5.22 9.00 -40.75
C LEU C 144 6.54 9.07 -40.01
N VAL C 145 6.75 8.27 -38.97
CA VAL C 145 8.06 8.25 -38.29
C VAL C 145 9.13 7.63 -39.22
N MET C 146 8.78 6.52 -39.85
CA MET C 146 9.76 5.84 -40.75
C MET C 146 10.05 6.72 -41.99
N ASP C 147 9.13 7.61 -42.37
CA ASP C 147 9.40 8.53 -43.51
C ASP C 147 10.50 9.55 -43.14
N GLU C 148 10.99 9.62 -41.91
CA GLU C 148 12.01 10.62 -41.49
C GLU C 148 13.31 9.94 -41.05
N ASP C 149 14.21 9.63 -41.99
CA ASP C 149 15.54 9.05 -41.69
C ASP C 149 16.29 10.11 -40.90
N PRO C 150 17.06 9.70 -39.86
CA PRO C 150 17.24 8.29 -39.50
C PRO C 150 16.35 7.68 -38.38
N LEU C 151 15.15 8.20 -38.20
CA LEU C 151 14.26 7.76 -37.07
C LEU C 151 13.84 6.33 -37.36
N ARG C 152 13.77 5.51 -36.32
CA ARG C 152 13.07 4.21 -36.36
C ARG C 152 12.09 4.16 -35.21
N PRO C 153 10.90 3.55 -35.43
CA PRO C 153 9.81 3.60 -34.47
C PRO C 153 9.97 2.66 -33.27
N LEU C 154 9.93 3.25 -32.09
CA LEU C 154 9.84 2.47 -30.85
C LEU C 154 8.51 2.85 -30.24
N VAL C 155 7.54 1.97 -30.36
CA VAL C 155 6.16 2.25 -29.97
C VAL C 155 5.96 1.92 -28.49
N LEU C 156 5.35 2.83 -27.77
CA LEU C 156 4.89 2.61 -26.36
C LEU C 156 3.39 2.35 -26.40
N GLY C 157 3.01 1.13 -26.05
CA GLY C 157 1.60 0.82 -25.81
C GLY C 157 1.17 1.31 -24.43
N GLY C 158 -0.10 1.16 -24.10
CA GLY C 158 -1.11 0.52 -24.92
C GLY C 158 -1.10 -0.97 -24.77
N ASP C 159 -2.21 -1.61 -25.13
CA ASP C 159 -2.30 -3.08 -25.04
C ASP C 159 -1.67 -3.74 -26.28
N HIS C 160 -1.58 -5.07 -26.27
CA HIS C 160 -0.75 -5.78 -27.27
C HIS C 160 -1.36 -5.74 -28.67
N SER C 161 -2.64 -5.46 -28.83
CA SER C 161 -3.35 -5.36 -30.13
C SER C 161 -2.60 -4.42 -31.06
N ILE C 162 -1.86 -3.46 -30.51
CA ILE C 162 -1.20 -2.45 -31.37
C ILE C 162 -0.11 -3.08 -32.24
N SER C 163 0.52 -4.17 -31.78
CA SER C 163 1.70 -4.74 -32.49
C SER C 163 1.31 -5.11 -33.92
N PHE C 164 0.07 -5.53 -34.17
CA PHE C 164 -0.39 -5.93 -35.50
C PHE C 164 -0.31 -4.74 -36.45
N PRO C 165 -1.06 -3.64 -36.26
CA PRO C 165 -0.93 -2.49 -37.16
C PRO C 165 0.50 -1.93 -37.20
N VAL C 166 1.28 -2.00 -36.12
CA VAL C 166 2.68 -1.47 -36.15
C VAL C 166 3.56 -2.31 -37.08
N VAL C 167 3.53 -3.62 -36.91
CA VAL C 167 4.36 -4.58 -37.70
C VAL C 167 3.90 -4.59 -39.16
N ARG C 168 2.58 -4.53 -39.41
CA ARG C 168 2.06 -4.36 -40.77
C ARG C 168 2.74 -3.14 -41.39
N ALA C 169 2.85 -2.04 -40.66
CA ALA C 169 3.38 -0.77 -41.23
C ALA C 169 4.86 -0.95 -41.54
N VAL C 170 5.59 -1.51 -40.61
CA VAL C 170 7.06 -1.68 -40.80
C VAL C 170 7.33 -2.58 -42.01
N SER C 171 6.58 -3.65 -42.15
CA SER C 171 6.70 -4.62 -43.24
C SER C 171 6.41 -3.94 -44.59
N GLU C 172 5.23 -3.34 -44.70
CA GLU C 172 4.77 -2.60 -45.91
C GLU C 172 5.82 -1.58 -46.25
N LYS C 173 6.31 -0.86 -45.26
CA LYS C 173 7.24 0.26 -45.54
C LYS C 173 8.57 -0.31 -46.05
N LEU C 174 9.07 -1.39 -45.47
CA LEU C 174 10.41 -1.90 -45.87
C LEU C 174 10.30 -2.79 -47.11
N GLY C 175 9.09 -3.23 -47.47
CA GLY C 175 8.76 -3.99 -48.68
C GLY C 175 9.01 -5.45 -48.48
N GLY C 176 8.71 -6.00 -47.31
CA GLY C 176 8.92 -7.46 -47.11
C GLY C 176 8.92 -7.82 -45.65
N ALA C 177 9.21 -9.08 -45.35
CA ALA C 177 9.00 -9.64 -43.99
C ALA C 177 10.11 -9.20 -43.04
N VAL C 178 9.79 -9.30 -41.75
CA VAL C 178 10.72 -9.10 -40.59
C VAL C 178 10.69 -10.38 -39.78
N ASP C 179 11.76 -10.61 -39.07
CA ASP C 179 11.77 -11.63 -38.01
C ASP C 179 11.41 -10.91 -36.72
N ILE C 180 10.68 -11.57 -35.82
CA ILE C 180 10.19 -10.97 -34.54
C ILE C 180 10.72 -11.74 -33.34
N LEU C 181 11.31 -11.03 -32.40
CA LEU C 181 11.48 -11.48 -31.00
C LEU C 181 10.35 -10.87 -30.15
N HIS C 182 9.56 -11.72 -29.52
CA HIS C 182 8.32 -11.42 -28.78
C HIS C 182 8.51 -11.94 -27.37
N PHE C 183 8.49 -11.08 -26.38
CA PHE C 183 8.46 -11.47 -24.96
C PHE C 183 7.03 -11.42 -24.48
N ASP C 184 6.54 -12.51 -23.89
CA ASP C 184 5.13 -12.49 -23.40
C ASP C 184 4.80 -13.67 -22.48
N ALA C 185 3.91 -13.48 -21.51
CA ALA C 185 3.33 -14.63 -20.76
C ALA C 185 2.38 -15.49 -21.63
N HIS C 186 1.79 -14.84 -22.63
CA HIS C 186 0.73 -15.39 -23.51
C HIS C 186 1.21 -15.51 -24.97
N PRO C 187 0.81 -16.52 -25.75
CA PRO C 187 1.20 -16.56 -27.15
C PRO C 187 0.56 -15.49 -28.06
N ASP C 188 -0.61 -14.96 -27.68
CA ASP C 188 -1.39 -13.96 -28.46
C ASP C 188 -1.60 -14.49 -29.89
N LEU C 189 -1.88 -15.79 -30.01
CA LEU C 189 -2.06 -16.46 -31.33
C LEU C 189 -3.48 -17.02 -31.50
N TYR C 190 -4.43 -16.63 -30.64
CA TYR C 190 -5.88 -16.92 -30.82
C TYR C 190 -6.37 -16.47 -32.20
N HIS C 191 -7.08 -17.35 -32.90
CA HIS C 191 -7.81 -17.04 -34.17
C HIS C 191 -9.05 -16.18 -33.87
N ASP C 192 -9.72 -16.40 -32.71
CA ASP C 192 -10.99 -15.73 -32.30
C ASP C 192 -11.04 -15.63 -30.75
N PHE C 193 -10.39 -14.61 -30.17
CA PHE C 193 -10.61 -14.21 -28.76
C PHE C 193 -11.92 -13.41 -28.76
N GLU C 194 -13.01 -14.16 -28.58
CA GLU C 194 -14.36 -13.68 -28.18
C GLU C 194 -14.89 -12.77 -29.29
N GLY C 195 -14.66 -13.11 -30.55
CA GLY C 195 -15.24 -12.39 -31.70
C GLY C 195 -14.58 -11.05 -31.96
N ASN C 196 -13.50 -10.71 -31.23
CA ASN C 196 -12.76 -9.43 -31.44
C ASN C 196 -11.49 -9.72 -32.24
N TYR C 197 -11.55 -9.40 -33.54
CA TYR C 197 -10.44 -9.51 -34.51
C TYR C 197 -9.21 -8.74 -34.00
N TYR C 198 -9.36 -7.52 -33.50
CA TYR C 198 -8.26 -6.70 -32.91
C TYR C 198 -8.12 -6.97 -31.40
N SER C 199 -8.44 -8.17 -30.91
CA SER C 199 -8.13 -8.56 -29.50
C SER C 199 -6.64 -8.34 -29.26
N HIS C 200 -6.24 -8.07 -27.99
CA HIS C 200 -4.82 -8.06 -27.51
C HIS C 200 -4.24 -9.48 -27.40
N ALA C 201 -5.09 -10.52 -27.48
CA ALA C 201 -4.71 -11.97 -27.43
C ALA C 201 -4.60 -12.55 -28.86
N SER C 202 -4.68 -11.73 -29.92
CA SER C 202 -4.64 -12.21 -31.34
C SER C 202 -3.66 -11.45 -32.24
N PRO C 203 -2.87 -10.45 -31.79
CA PRO C 203 -2.10 -9.66 -32.75
C PRO C 203 -1.13 -10.48 -33.62
N PHE C 204 -0.54 -11.53 -33.04
CA PHE C 204 0.44 -12.36 -33.79
C PHE C 204 -0.29 -13.33 -34.74
N ALA C 205 -1.53 -13.70 -34.42
CA ALA C 205 -2.37 -14.43 -35.40
C ALA C 205 -2.45 -13.58 -36.68
N ARG C 206 -2.82 -12.31 -36.58
CA ARG C 206 -2.98 -11.39 -37.74
C ARG C 206 -1.65 -11.18 -38.48
N ILE C 207 -0.53 -11.09 -37.76
CA ILE C 207 0.81 -10.81 -38.37
C ILE C 207 1.20 -12.03 -39.25
N MET C 208 1.11 -13.25 -38.70
CA MET C 208 1.55 -14.47 -39.41
C MET C 208 0.62 -14.71 -40.61
N GLU C 209 -0.72 -14.57 -40.46
CA GLU C 209 -1.75 -14.60 -41.55
C GLU C 209 -1.39 -13.66 -42.71
N GLY C 210 -0.87 -12.47 -42.40
CA GLY C 210 -0.60 -11.41 -43.37
C GLY C 210 0.73 -11.63 -44.08
N GLY C 211 1.59 -12.46 -43.53
CA GLY C 211 2.93 -12.65 -44.12
C GLY C 211 3.95 -11.63 -43.64
N TYR C 212 3.68 -10.83 -42.60
CA TYR C 212 4.56 -9.67 -42.31
C TYR C 212 5.82 -10.10 -41.57
N ALA C 213 5.80 -11.31 -40.99
CA ALA C 213 6.92 -11.91 -40.25
C ALA C 213 7.28 -13.31 -40.77
N ARG C 214 8.57 -13.62 -40.81
CA ARG C 214 9.09 -14.96 -41.16
C ARG C 214 9.30 -15.76 -39.86
N ARG C 215 10.27 -15.43 -39.04
CA ARG C 215 10.44 -16.09 -37.72
C ARG C 215 9.68 -15.29 -36.64
N LEU C 216 9.02 -16.00 -35.72
CA LEU C 216 8.38 -15.47 -34.47
C LEU C 216 8.97 -16.25 -33.29
N VAL C 217 9.96 -15.67 -32.63
CA VAL C 217 10.58 -16.21 -31.40
C VAL C 217 9.89 -15.64 -30.13
N GLN C 218 9.10 -16.47 -29.43
CA GLN C 218 8.32 -16.08 -28.21
C GLN C 218 9.06 -16.62 -27.01
N VAL C 219 9.23 -15.77 -26.02
CA VAL C 219 10.02 -16.03 -24.79
C VAL C 219 9.15 -15.61 -23.61
N GLY C 220 9.00 -16.45 -22.57
CA GLY C 220 8.29 -16.16 -21.32
C GLY C 220 6.96 -16.89 -21.23
N ILE C 221 6.57 -17.62 -22.27
CA ILE C 221 5.23 -18.25 -22.28
C ILE C 221 5.01 -19.19 -21.09
N ARG C 222 3.85 -19.04 -20.44
CA ARG C 222 3.44 -19.89 -19.31
C ARG C 222 1.91 -20.05 -19.27
N SER C 223 1.20 -19.41 -20.22
CA SER C 223 -0.27 -19.49 -20.28
C SER C 223 -0.63 -19.84 -21.71
N ILE C 224 -1.07 -21.07 -21.98
CA ILE C 224 -1.30 -21.50 -23.39
C ILE C 224 -2.26 -22.68 -23.47
N THR C 225 -3.38 -22.52 -24.18
CA THR C 225 -4.36 -23.65 -24.33
C THR C 225 -3.92 -24.58 -25.45
N ASN C 226 -4.57 -25.73 -25.56
CA ASN C 226 -4.25 -26.76 -26.60
C ASN C 226 -4.58 -26.24 -28.01
N ASP C 227 -5.68 -25.50 -28.12
CA ASP C 227 -6.11 -24.93 -29.42
C ASP C 227 -5.01 -24.03 -29.95
N VAL C 228 -4.35 -23.28 -29.07
CA VAL C 228 -3.24 -22.36 -29.44
C VAL C 228 -1.98 -23.13 -29.85
N ARG C 229 -1.62 -24.19 -29.13
CA ARG C 229 -0.41 -24.99 -29.45
C ARG C 229 -0.41 -25.37 -30.94
N GLU C 230 -1.59 -25.53 -31.52
CA GLU C 230 -1.85 -25.91 -32.94
C GLU C 230 -1.65 -24.70 -33.85
N GLN C 231 -2.02 -23.51 -33.40
CA GLN C 231 -1.64 -22.25 -34.10
C GLN C 231 -0.10 -22.15 -34.22
N VAL C 232 0.64 -22.49 -33.16
CA VAL C 232 2.14 -22.49 -33.08
C VAL C 232 2.69 -23.45 -34.15
N LYS C 233 2.15 -24.67 -34.23
CA LYS C 233 2.65 -25.68 -35.21
C LYS C 233 2.31 -25.17 -36.62
N LYS C 234 1.13 -24.57 -36.79
CA LYS C 234 0.60 -24.07 -38.09
C LYS C 234 1.50 -22.96 -38.67
N TYR C 235 2.09 -22.06 -37.88
CA TYR C 235 2.86 -20.91 -38.41
C TYR C 235 4.38 -21.10 -38.24
N GLY C 236 4.82 -22.22 -37.68
CA GLY C 236 6.26 -22.52 -37.46
C GLY C 236 6.84 -21.60 -36.41
N VAL C 237 6.03 -21.20 -35.44
CA VAL C 237 6.46 -20.21 -34.41
C VAL C 237 7.42 -20.92 -33.46
N GLU C 238 8.47 -20.22 -33.03
CA GLU C 238 9.47 -20.71 -32.04
C GLU C 238 9.03 -20.20 -30.65
N THR C 239 8.03 -20.88 -30.09
CA THR C 239 7.46 -20.67 -28.74
C THR C 239 8.32 -21.33 -27.66
N HIS C 240 9.02 -20.53 -26.85
CA HIS C 240 9.84 -20.99 -25.69
C HIS C 240 9.02 -20.81 -24.38
N GLU C 241 8.65 -21.92 -23.74
CA GLU C 241 7.89 -21.88 -22.48
C GLU C 241 8.87 -21.74 -21.30
N MET C 242 8.40 -21.21 -20.17
CA MET C 242 9.18 -21.04 -18.90
C MET C 242 9.73 -22.39 -18.41
N ARG C 243 8.95 -23.47 -18.53
CA ARG C 243 9.36 -24.79 -18.02
C ARG C 243 10.64 -25.29 -18.74
N THR C 244 10.97 -24.81 -19.93
CA THR C 244 12.25 -25.17 -20.58
C THR C 244 13.26 -24.01 -20.56
N LEU C 245 13.05 -22.96 -19.76
CA LEU C 245 13.88 -21.74 -19.86
C LEU C 245 15.35 -22.04 -19.57
N SER C 246 15.59 -22.81 -18.52
CA SER C 246 16.94 -23.04 -17.97
C SER C 246 17.80 -23.77 -19.03
N ARG C 247 17.22 -24.73 -19.75
CA ARG C 247 17.83 -25.46 -20.89
C ARG C 247 18.04 -24.53 -22.11
N ASP C 248 17.02 -23.73 -22.51
CA ASP C 248 17.01 -22.87 -23.74
C ASP C 248 17.93 -21.66 -23.56
N ARG C 249 18.51 -21.45 -22.38
CA ARG C 249 19.31 -20.22 -22.16
C ARG C 249 20.31 -20.00 -23.30
N PRO C 250 21.18 -20.98 -23.61
CA PRO C 250 22.20 -20.74 -24.62
C PRO C 250 21.60 -20.32 -25.98
N ILE C 251 20.46 -20.87 -26.41
CA ILE C 251 19.79 -20.46 -27.70
C ILE C 251 19.44 -18.96 -27.59
N LEU C 252 18.73 -18.62 -26.51
CA LEU C 252 18.03 -17.31 -26.31
C LEU C 252 19.08 -16.22 -26.05
N GLU C 253 20.25 -16.59 -25.57
CA GLU C 253 21.40 -15.67 -25.33
C GLU C 253 22.27 -15.66 -26.58
N ASN C 254 21.83 -16.29 -27.67
CA ASN C 254 22.60 -16.26 -28.94
C ASN C 254 21.68 -16.09 -30.14
N LEU C 255 20.63 -15.28 -30.06
CA LEU C 255 19.71 -15.15 -31.22
C LEU C 255 20.38 -14.35 -32.32
N LYS C 256 20.13 -14.76 -33.54
CA LYS C 256 20.59 -13.98 -34.72
C LYS C 256 19.39 -13.93 -35.64
N LEU C 257 18.74 -12.77 -35.75
CA LEU C 257 17.47 -12.68 -36.50
C LEU C 257 17.58 -11.75 -37.70
N GLY C 258 16.64 -11.95 -38.63
CA GLY C 258 16.42 -11.04 -39.76
C GLY C 258 17.33 -11.26 -40.98
N GLU C 259 18.31 -12.16 -40.90
CA GLU C 259 19.23 -12.41 -42.03
C GLU C 259 18.41 -13.02 -43.15
N GLY C 260 18.57 -12.43 -44.33
CA GLY C 260 17.82 -12.75 -45.56
C GLY C 260 16.48 -12.04 -45.64
N VAL C 261 15.97 -11.35 -44.59
CA VAL C 261 14.73 -10.54 -44.74
C VAL C 261 15.00 -9.08 -44.39
N LYS C 262 13.97 -8.25 -44.16
CA LYS C 262 14.13 -6.78 -44.03
C LYS C 262 14.71 -6.38 -42.69
N GLY C 263 14.68 -7.29 -41.71
CA GLY C 263 15.32 -7.10 -40.41
C GLY C 263 14.52 -7.68 -39.28
N VAL C 264 14.65 -7.02 -38.12
CA VAL C 264 14.16 -7.56 -36.81
C VAL C 264 13.28 -6.52 -36.12
N TYR C 265 12.12 -6.99 -35.65
CA TYR C 265 11.17 -6.23 -34.80
C TYR C 265 11.12 -6.90 -33.43
N VAL C 266 11.24 -6.09 -32.37
CA VAL C 266 11.26 -6.59 -30.95
C VAL C 266 10.02 -6.06 -30.25
N SER C 267 9.09 -6.96 -29.91
CA SER C 267 7.86 -6.68 -29.13
C SER C 267 8.01 -7.17 -27.68
N ILE C 268 8.01 -6.27 -26.71
CA ILE C 268 8.13 -6.60 -25.25
C ILE C 268 6.80 -6.33 -24.52
N ASP C 269 6.00 -7.37 -24.30
CA ASP C 269 4.85 -7.38 -23.38
C ASP C 269 5.40 -7.47 -21.93
N VAL C 270 5.15 -6.44 -21.12
CA VAL C 270 5.72 -6.28 -19.75
C VAL C 270 5.25 -7.45 -18.88
N ASP C 271 4.12 -8.07 -19.26
CA ASP C 271 3.55 -9.23 -18.54
C ASP C 271 4.48 -10.46 -18.61
N SER C 272 5.31 -10.56 -19.65
CA SER C 272 6.44 -11.53 -19.77
C SER C 272 7.18 -11.66 -18.41
N LEU C 273 7.34 -10.54 -17.70
CA LEU C 273 8.15 -10.54 -16.48
C LEU C 273 7.28 -11.07 -15.34
N ASP C 274 7.92 -11.68 -14.34
CA ASP C 274 7.24 -12.07 -13.08
C ASP C 274 6.53 -10.86 -12.50
N PRO C 275 5.28 -11.01 -12.03
CA PRO C 275 4.60 -9.95 -11.29
C PRO C 275 5.31 -9.34 -10.07
N SER C 276 6.31 -10.02 -9.50
CA SER C 276 7.14 -9.47 -8.40
C SER C 276 8.00 -8.32 -8.91
N ILE C 277 8.27 -8.32 -10.19
CA ILE C 277 9.14 -7.34 -10.88
C ILE C 277 8.25 -6.32 -11.57
N ALA C 278 7.13 -6.76 -12.13
CA ALA C 278 6.22 -5.93 -12.94
C ALA C 278 4.77 -6.13 -12.50
N PRO C 279 4.36 -5.61 -11.33
CA PRO C 279 3.00 -5.74 -10.85
C PRO C 279 2.01 -4.93 -11.69
N GLY C 280 2.47 -3.83 -12.30
CA GLY C 280 1.70 -2.94 -13.18
C GLY C 280 1.35 -3.61 -14.50
N VAL C 281 0.52 -4.64 -14.49
CA VAL C 281 0.03 -5.24 -15.76
C VAL C 281 -1.41 -5.70 -15.51
N SER C 282 -2.19 -5.97 -16.53
CA SER C 282 -3.61 -6.38 -16.35
C SER C 282 -3.72 -7.84 -15.99
N HIS C 283 -2.84 -8.71 -16.51
CA HIS C 283 -2.91 -10.16 -16.20
C HIS C 283 -1.62 -10.57 -15.54
N HIS C 284 -1.70 -10.87 -14.24
CA HIS C 284 -0.60 -11.44 -13.42
C HIS C 284 -0.45 -12.91 -13.79
N GLU C 285 0.74 -13.37 -14.09
CA GLU C 285 1.01 -14.79 -14.35
C GLU C 285 2.26 -15.16 -13.56
N PRO C 286 2.14 -15.86 -12.40
CA PRO C 286 3.29 -16.32 -11.63
C PRO C 286 4.31 -17.10 -12.46
N GLY C 287 5.56 -17.12 -12.04
CA GLY C 287 6.60 -17.92 -12.72
C GLY C 287 7.13 -17.25 -13.99
N GLY C 288 7.35 -15.96 -14.03
CA GLY C 288 7.72 -15.28 -15.29
C GLY C 288 9.21 -15.04 -15.33
N LEU C 289 9.65 -14.32 -16.35
CA LEU C 289 11.05 -13.88 -16.52
C LEU C 289 11.50 -12.96 -15.38
N LEU C 290 12.77 -13.09 -15.00
CA LEU C 290 13.51 -12.01 -14.30
C LEU C 290 13.88 -10.93 -15.32
N PHE C 291 14.03 -9.71 -14.84
CA PHE C 291 14.36 -8.56 -15.72
C PHE C 291 15.69 -8.87 -16.41
N ARG C 292 16.64 -9.48 -15.69
CA ARG C 292 17.95 -9.88 -16.22
C ARG C 292 17.82 -10.95 -17.31
N ASP C 293 16.79 -11.81 -17.27
CA ASP C 293 16.46 -12.77 -18.36
C ASP C 293 16.18 -12.00 -19.69
N ILE C 294 15.36 -10.94 -19.66
CA ILE C 294 15.08 -10.12 -20.86
C ILE C 294 16.40 -9.45 -21.25
N LEU C 295 17.12 -8.84 -20.32
CA LEU C 295 18.32 -8.08 -20.77
C LEU C 295 19.36 -8.98 -21.44
N ASN C 296 19.57 -10.19 -20.89
CA ASN C 296 20.55 -11.16 -21.46
C ASN C 296 20.22 -11.40 -22.93
N ILE C 297 18.97 -11.66 -23.25
CA ILE C 297 18.51 -11.99 -24.60
C ILE C 297 18.65 -10.76 -25.47
N LEU C 298 18.15 -9.64 -25.00
CA LEU C 298 18.07 -8.42 -25.79
C LEU C 298 19.49 -7.87 -26.01
N GLN C 299 20.32 -7.75 -24.99
CA GLN C 299 21.70 -7.24 -25.22
C GLN C 299 22.46 -8.18 -26.17
N ASN C 300 22.28 -9.50 -26.10
CA ASN C 300 23.04 -10.41 -27.00
C ASN C 300 22.44 -10.50 -28.43
N LEU C 301 21.28 -9.92 -28.74
CA LEU C 301 20.55 -10.17 -30.00
C LEU C 301 21.38 -9.58 -31.13
N GLN C 302 21.69 -10.35 -32.17
CA GLN C 302 22.32 -9.83 -33.39
C GLN C 302 21.27 -9.70 -34.47
N GLY C 303 21.37 -8.65 -35.27
CA GLY C 303 20.40 -8.43 -36.37
C GLY C 303 20.01 -6.96 -36.42
N ASP C 304 19.61 -6.50 -37.60
CA ASP C 304 19.17 -5.13 -37.94
C ASP C 304 17.78 -4.87 -37.35
N ILE C 305 17.76 -4.28 -36.15
CA ILE C 305 16.50 -3.90 -35.47
C ILE C 305 15.95 -2.66 -36.15
N VAL C 306 14.75 -2.82 -36.71
CA VAL C 306 14.08 -1.82 -37.57
C VAL C 306 12.89 -1.22 -36.82
N GLY C 307 12.50 -1.80 -35.68
CA GLY C 307 11.52 -1.20 -34.81
C GLY C 307 11.15 -2.13 -33.70
N GLY C 308 10.32 -1.65 -32.80
CA GLY C 308 9.98 -2.40 -31.60
C GLY C 308 8.87 -1.72 -30.82
N ASP C 309 8.34 -2.45 -29.81
CA ASP C 309 7.30 -1.94 -28.90
C ASP C 309 7.47 -2.51 -27.48
N VAL C 310 6.99 -1.74 -26.52
CA VAL C 310 6.89 -2.10 -25.09
C VAL C 310 5.44 -1.85 -24.73
N VAL C 311 4.66 -2.92 -24.54
CA VAL C 311 3.20 -2.88 -24.37
C VAL C 311 2.81 -3.44 -23.00
N GLU C 312 1.57 -3.19 -22.61
CA GLU C 312 0.82 -3.86 -21.51
C GLU C 312 1.27 -3.38 -20.12
N TYR C 313 2.16 -2.42 -20.01
CA TYR C 313 2.34 -1.71 -18.71
C TYR C 313 1.02 -1.01 -18.37
N ASN C 314 0.53 -1.20 -17.16
CA ASN C 314 -0.80 -0.71 -16.72
C ASN C 314 -0.57 0.12 -15.48
N PRO C 315 -0.32 1.44 -15.56
CA PRO C 315 -0.09 2.23 -14.34
C PRO C 315 -1.14 2.11 -13.20
N GLN C 316 -2.38 1.68 -13.52
CA GLN C 316 -3.49 1.63 -12.55
C GLN C 316 -3.35 0.35 -11.74
N ARG C 317 -2.36 -0.52 -12.04
CA ARG C 317 -2.09 -1.72 -11.20
C ARG C 317 -0.66 -1.68 -10.69
N ASP C 318 -0.02 -0.53 -10.83
CA ASP C 318 1.39 -0.41 -10.38
C ASP C 318 1.42 -0.13 -8.88
N THR C 319 2.62 -0.22 -8.31
CA THR C 319 2.86 0.08 -6.90
C THR C 319 2.94 1.59 -6.70
N TYR C 320 2.97 2.01 -5.45
CA TYR C 320 3.01 3.44 -5.11
C TYR C 320 4.29 4.09 -5.64
N ASP C 321 5.42 3.38 -5.69
CA ASP C 321 6.68 3.98 -6.19
C ASP C 321 6.77 3.91 -7.73
N GLY C 322 5.80 3.27 -8.38
CA GLY C 322 5.74 3.17 -9.84
C GLY C 322 6.91 2.38 -10.39
N ILE C 323 7.22 1.24 -9.78
CA ILE C 323 8.37 0.42 -10.22
C ILE C 323 8.17 -0.09 -11.65
N THR C 324 6.97 -0.47 -12.02
CA THR C 324 6.71 -1.03 -13.35
C THR C 324 6.99 0.06 -14.36
N ALA C 325 6.69 1.32 -14.10
CA ALA C 325 7.05 2.45 -14.97
C ALA C 325 8.57 2.41 -15.16
N LEU C 326 9.32 2.17 -14.08
CA LEU C 326 10.80 2.21 -14.16
C LEU C 326 11.29 0.98 -14.95
N VAL C 327 10.68 -0.16 -14.71
CA VAL C 327 10.92 -1.40 -15.51
C VAL C 327 10.62 -1.15 -17.00
N ALA C 328 9.43 -0.60 -17.36
CA ALA C 328 9.11 -0.32 -18.78
C ALA C 328 10.17 0.66 -19.36
N ALA C 329 10.50 1.70 -18.61
CA ALA C 329 11.49 2.69 -19.08
C ALA C 329 12.84 2.00 -19.33
N LYS C 330 13.28 1.11 -18.44
CA LYS C 330 14.58 0.42 -18.65
C LYS C 330 14.48 -0.52 -19.87
N LEU C 331 13.37 -1.23 -20.07
CA LEU C 331 13.20 -2.02 -21.30
C LEU C 331 13.37 -1.10 -22.51
N VAL C 332 12.70 0.07 -22.49
CA VAL C 332 12.74 1.02 -23.62
C VAL C 332 14.18 1.53 -23.76
N ARG C 333 14.83 1.92 -22.67
CA ARG C 333 16.22 2.41 -22.79
C ARG C 333 17.12 1.33 -23.40
N GLU C 334 16.95 0.08 -22.98
CA GLU C 334 17.88 -0.98 -23.45
C GLU C 334 17.55 -1.36 -24.91
N LEU C 335 16.28 -1.39 -25.32
CA LEU C 335 15.87 -1.58 -26.74
C LEU C 335 16.39 -0.42 -27.59
N ALA C 336 16.26 0.82 -27.13
CA ALA C 336 16.84 1.98 -27.85
C ALA C 336 18.36 1.81 -28.07
N ALA C 337 19.11 1.36 -27.07
CA ALA C 337 20.59 1.17 -27.15
C ALA C 337 20.90 0.27 -28.33
N LYS C 338 20.04 -0.71 -28.59
CA LYS C 338 20.28 -1.75 -29.61
C LYS C 338 19.82 -1.22 -30.96
N MET C 339 18.70 -0.48 -31.03
CA MET C 339 18.12 -0.12 -32.33
C MET C 339 18.82 1.13 -32.83
N SER C 340 19.25 1.99 -31.92
CA SER C 340 19.97 3.23 -32.28
C SER C 340 21.40 2.90 -32.68
N LYS C 341 21.90 3.55 -33.72
CA LYS C 341 23.29 3.37 -34.15
C LYS C 341 23.75 4.53 -35.02
N SER D 24 -27.46 -35.91 -13.48
CA SER D 24 -28.42 -36.89 -12.90
C SER D 24 -29.32 -36.18 -11.91
N PRO D 25 -30.66 -36.16 -12.11
CA PRO D 25 -31.57 -35.39 -11.28
C PRO D 25 -31.82 -35.75 -9.81
N ALA D 26 -32.11 -37.01 -9.51
CA ALA D 26 -32.46 -37.45 -8.13
C ALA D 26 -31.29 -37.08 -7.23
N LEU D 27 -30.11 -37.19 -7.79
CA LEU D 27 -28.84 -36.87 -7.07
C LEU D 27 -28.90 -35.48 -6.44
N LEU D 28 -29.39 -34.47 -7.18
CA LEU D 28 -29.42 -33.05 -6.74
C LEU D 28 -30.53 -32.85 -5.71
N GLU D 29 -31.80 -32.99 -6.12
CA GLU D 29 -32.95 -33.05 -5.20
C GLU D 29 -32.45 -33.57 -3.85
N LYS D 30 -31.93 -34.81 -3.86
CA LYS D 30 -31.47 -35.60 -2.67
C LYS D 30 -30.49 -34.79 -1.86
N ALA D 31 -29.31 -34.57 -2.44
CA ALA D 31 -28.10 -33.97 -1.84
C ALA D 31 -28.45 -32.57 -1.34
N GLN D 32 -29.08 -31.78 -2.21
CA GLN D 32 -29.41 -30.37 -1.93
C GLN D 32 -30.17 -30.24 -0.61
N ASN D 33 -31.30 -30.92 -0.49
CA ASN D 33 -32.11 -30.93 0.75
C ASN D 33 -31.28 -31.40 1.95
N ARG D 34 -30.50 -32.47 1.78
CA ARG D 34 -29.65 -33.06 2.85
C ARG D 34 -28.49 -32.13 3.22
N VAL D 35 -27.84 -31.47 2.26
CA VAL D 35 -26.76 -30.49 2.59
C VAL D 35 -27.37 -29.28 3.33
N ILE D 36 -28.53 -28.80 2.88
CA ILE D 36 -29.25 -27.65 3.47
C ILE D 36 -29.68 -28.05 4.88
N ASP D 37 -30.27 -29.24 5.03
CA ASP D 37 -30.72 -29.73 6.35
C ASP D 37 -29.54 -29.72 7.34
N ALA D 38 -28.41 -30.24 6.93
CA ALA D 38 -27.19 -30.27 7.75
C ALA D 38 -26.71 -28.84 8.07
N ALA D 39 -26.77 -27.89 7.13
CA ALA D 39 -26.40 -26.47 7.37
C ALA D 39 -27.34 -25.90 8.43
N LEU D 40 -28.64 -26.08 8.25
CA LEU D 40 -29.64 -25.48 9.17
C LEU D 40 -29.48 -26.14 10.54
N THR D 41 -29.22 -27.45 10.60
CA THR D 41 -28.97 -28.17 11.86
C THR D 41 -27.84 -27.44 12.57
N PHE D 42 -26.74 -27.15 11.88
CA PHE D 42 -25.53 -26.48 12.46
C PHE D 42 -25.99 -25.20 13.17
N ILE D 43 -26.74 -24.34 12.46
CA ILE D 43 -27.15 -23.00 12.98
C ILE D 43 -28.03 -23.18 14.22
N ARG D 44 -29.04 -24.08 14.17
CA ARG D 44 -29.95 -24.45 15.30
C ARG D 44 -29.16 -24.82 16.55
N GLU D 45 -28.16 -25.69 16.45
CA GLU D 45 -27.38 -26.14 17.63
C GLU D 45 -26.59 -24.95 18.19
N ARG D 46 -26.00 -24.10 17.35
CA ARG D 46 -25.30 -22.91 17.87
C ARG D 46 -26.35 -22.02 18.59
N ALA D 47 -27.50 -21.76 17.96
CA ALA D 47 -28.54 -20.88 18.52
C ALA D 47 -29.07 -21.50 19.82
N LYS D 48 -29.21 -22.81 19.87
CA LYS D 48 -29.72 -23.48 21.09
C LYS D 48 -28.69 -23.37 22.20
N PHE D 49 -27.41 -23.59 21.94
CA PHE D 49 -26.31 -23.39 22.92
C PHE D 49 -26.36 -21.95 23.46
N LYS D 50 -26.44 -20.95 22.57
CA LYS D 50 -26.30 -19.51 22.94
C LYS D 50 -27.54 -19.05 23.69
N GLY D 51 -28.71 -19.58 23.33
CA GLY D 51 -29.99 -19.21 23.96
C GLY D 51 -30.04 -19.70 25.40
N GLU D 52 -29.60 -20.95 25.62
CA GLU D 52 -29.60 -21.62 26.94
C GLU D 52 -28.62 -20.92 27.85
N LEU D 53 -27.45 -20.56 27.32
CA LEU D 53 -26.42 -19.76 28.04
C LEU D 53 -27.02 -18.44 28.60
N MET D 54 -27.62 -17.61 27.75
CA MET D 54 -28.27 -16.37 28.24
C MET D 54 -29.35 -16.70 29.28
N ARG D 55 -30.20 -17.70 29.00
CA ARG D 55 -31.29 -18.07 29.94
C ARG D 55 -30.72 -18.50 31.32
N SER D 56 -29.65 -19.30 31.36
CA SER D 56 -28.89 -19.67 32.58
C SER D 56 -28.25 -18.46 33.28
N LEU D 57 -27.72 -17.48 32.58
CA LEU D 57 -27.12 -16.29 33.23
C LEU D 57 -28.21 -15.42 33.85
N GLY D 58 -29.40 -15.36 33.25
CA GLY D 58 -30.50 -14.46 33.64
C GLY D 58 -30.19 -12.98 33.49
N GLY D 59 -31.15 -12.14 33.84
CA GLY D 59 -31.01 -10.67 33.86
C GLY D 59 -30.92 -10.09 32.47
N VAL D 60 -31.58 -10.71 31.51
CA VAL D 60 -31.47 -10.33 30.07
C VAL D 60 -32.86 -10.43 29.43
N ALA D 61 -33.20 -9.43 28.64
CA ALA D 61 -34.40 -9.37 27.81
C ALA D 61 -34.07 -9.64 26.33
N ALA D 62 -32.89 -9.24 25.84
CA ALA D 62 -32.51 -9.40 24.41
C ALA D 62 -30.99 -9.48 24.27
N THR D 63 -30.51 -10.44 23.47
CA THR D 63 -29.07 -10.65 23.16
C THR D 63 -28.90 -10.58 21.65
N SER D 64 -28.05 -9.64 21.27
CA SER D 64 -27.53 -9.41 19.92
C SER D 64 -26.70 -10.62 19.51
N SER D 65 -27.13 -11.30 18.46
CA SER D 65 -26.64 -12.63 18.04
C SER D 65 -26.20 -12.61 16.58
N LEU D 66 -24.88 -12.74 16.36
CA LEU D 66 -24.24 -12.58 15.03
C LEU D 66 -24.53 -13.81 14.14
N LEU D 67 -25.18 -13.60 13.01
CA LEU D 67 -25.36 -14.63 11.96
C LEU D 67 -24.69 -14.11 10.71
N GLY D 68 -23.60 -14.76 10.29
CA GLY D 68 -22.90 -14.45 9.04
C GLY D 68 -23.65 -14.95 7.81
N VAL D 69 -23.82 -14.07 6.80
CA VAL D 69 -24.27 -14.52 5.46
C VAL D 69 -23.23 -14.10 4.42
N PRO D 70 -22.21 -14.95 4.20
CA PRO D 70 -21.05 -14.61 3.39
C PRO D 70 -21.42 -14.75 1.90
N LEU D 71 -22.26 -13.85 1.40
CA LEU D 71 -22.81 -13.91 0.03
C LEU D 71 -22.48 -12.62 -0.68
N GLY D 72 -21.79 -12.71 -1.81
CA GLY D 72 -21.31 -11.58 -2.61
C GLY D 72 -21.75 -11.63 -4.06
N HIS D 73 -22.43 -12.71 -4.48
CA HIS D 73 -22.67 -12.99 -5.92
C HIS D 73 -23.85 -12.15 -6.47
N HIS D 74 -24.43 -11.27 -5.69
CA HIS D 74 -25.54 -10.40 -6.12
C HIS D 74 -24.95 -9.01 -6.31
N SER D 75 -23.62 -8.92 -6.20
CA SER D 75 -22.86 -7.65 -6.34
C SER D 75 -22.75 -7.31 -7.82
N SER D 76 -22.75 -6.02 -8.13
CA SER D 76 -22.71 -5.46 -9.51
C SER D 76 -21.26 -5.14 -9.95
N PHE D 77 -20.31 -4.99 -9.04
CA PHE D 77 -18.93 -4.53 -9.37
C PHE D 77 -17.91 -5.50 -8.76
N HIS D 78 -18.02 -5.78 -7.46
CA HIS D 78 -17.05 -6.62 -6.73
C HIS D 78 -17.79 -7.44 -5.68
N GLU D 79 -17.43 -8.72 -5.58
CA GLU D 79 -18.11 -9.71 -4.71
C GLU D 79 -17.33 -9.96 -3.40
N GLY D 80 -16.26 -9.18 -3.12
CA GLY D 80 -15.39 -9.44 -1.98
C GLY D 80 -16.07 -9.31 -0.61
N SER D 81 -17.27 -8.73 -0.51
CA SER D 81 -18.04 -8.68 0.76
C SER D 81 -18.44 -10.10 1.21
N ALA D 82 -18.38 -11.07 0.32
CA ALA D 82 -18.53 -12.51 0.71
C ALA D 82 -17.54 -12.88 1.82
N PHE D 83 -16.38 -12.24 1.94
CA PHE D 83 -15.29 -12.67 2.87
C PHE D 83 -15.37 -11.93 4.21
N ALA D 84 -16.36 -11.04 4.37
CA ALA D 84 -16.45 -10.03 5.45
C ALA D 84 -16.76 -10.62 6.82
N PRO D 85 -17.76 -11.52 7.04
CA PRO D 85 -18.20 -11.86 8.38
C PRO D 85 -17.04 -12.27 9.28
N PRO D 86 -16.13 -13.20 8.88
CA PRO D 86 -15.11 -13.65 9.81
C PRO D 86 -14.10 -12.55 10.10
N ARG D 87 -13.88 -11.64 9.15
CA ARG D 87 -12.97 -10.48 9.38
CA ARG D 87 -12.97 -10.48 9.38
C ARG D 87 -13.61 -9.54 10.39
N ILE D 88 -14.94 -9.44 10.36
CA ILE D 88 -15.69 -8.49 11.25
C ILE D 88 -15.59 -9.05 12.67
N ARG D 89 -15.83 -10.35 12.85
CA ARG D 89 -15.75 -11.01 14.18
C ARG D 89 -14.32 -10.87 14.75
N GLU D 90 -13.30 -11.17 13.97
CA GLU D 90 -11.93 -10.96 14.48
C GLU D 90 -11.77 -9.50 14.96
N ALA D 91 -12.22 -8.50 14.17
CA ALA D 91 -12.05 -7.09 14.59
C ALA D 91 -12.84 -6.82 15.88
N ILE D 92 -14.00 -7.47 16.10
CA ILE D 92 -14.87 -7.17 17.28
C ILE D 92 -14.07 -7.44 18.54
N TRP D 93 -13.27 -8.50 18.48
CA TRP D 93 -12.66 -9.20 19.62
C TRP D 93 -11.13 -9.03 19.50
N CYS D 94 -10.68 -7.92 18.92
CA CYS D 94 -9.27 -7.58 18.55
C CYS D 94 -8.49 -6.99 19.75
N ASP D 95 -7.16 -7.17 19.74
CA ASP D 95 -6.25 -6.94 20.91
C ASP D 95 -5.66 -5.51 20.83
N SER D 96 -6.10 -4.65 19.91
CA SER D 96 -5.80 -3.18 19.96
C SER D 96 -7.00 -2.45 20.59
N THR D 97 -8.18 -3.07 20.57
CA THR D 97 -9.44 -2.53 21.16
C THR D 97 -9.75 -3.23 22.48
N ASN D 98 -10.41 -2.53 23.42
CA ASN D 98 -11.00 -3.16 24.63
C ASN D 98 -12.47 -3.49 24.37
N SER D 99 -13.08 -4.09 25.39
CA SER D 99 -14.33 -4.86 25.24
C SER D 99 -15.54 -4.03 25.73
N THR D 100 -15.40 -2.69 25.86
CA THR D 100 -16.47 -1.77 26.31
C THR D 100 -16.95 -0.89 25.17
N THR D 101 -18.29 -0.83 24.94
CA THR D 101 -18.91 0.03 23.92
C THR D 101 -18.86 1.46 24.44
N GLU D 102 -19.21 2.43 23.61
CA GLU D 102 -19.01 3.88 23.88
C GLU D 102 -19.85 4.29 25.08
N GLU D 103 -21.06 3.71 25.19
CA GLU D 103 -22.04 4.03 26.27
C GLU D 103 -21.94 3.01 27.42
N GLY D 104 -20.90 2.17 27.42
CA GLY D 104 -20.37 1.50 28.62
C GLY D 104 -20.93 0.10 28.74
N LYS D 105 -21.38 -0.57 27.67
CA LYS D 105 -21.75 -2.01 27.78
C LYS D 105 -20.49 -2.87 27.59
N ASN D 106 -20.39 -3.93 28.35
CA ASN D 106 -19.23 -4.84 28.31
C ASN D 106 -19.57 -5.97 27.34
N LEU D 107 -18.83 -6.00 26.23
CA LEU D 107 -18.98 -7.01 25.17
C LEU D 107 -18.47 -8.37 25.67
N ARG D 108 -17.71 -8.41 26.76
CA ARG D 108 -17.25 -9.72 27.32
C ARG D 108 -18.45 -10.49 27.89
N ASP D 109 -19.57 -9.80 28.15
CA ASP D 109 -20.80 -10.42 28.70
C ASP D 109 -21.58 -11.03 27.54
N PRO D 110 -21.70 -12.40 27.45
CA PRO D 110 -22.44 -13.07 26.39
C PRO D 110 -23.82 -12.47 26.16
N ARG D 111 -24.44 -11.86 27.17
CA ARG D 111 -25.82 -11.30 27.10
C ARG D 111 -25.84 -10.03 26.23
N VAL D 112 -24.67 -9.40 26.09
CA VAL D 112 -24.47 -8.18 25.28
C VAL D 112 -24.27 -8.55 23.79
N ILE D 113 -23.40 -9.49 23.47
CA ILE D 113 -23.17 -9.91 22.05
C ILE D 113 -22.66 -11.35 22.06
N THR D 114 -23.20 -12.19 21.18
CA THR D 114 -22.78 -13.58 21.06
C THR D 114 -22.61 -13.89 19.56
N ASN D 115 -21.82 -14.88 19.20
CA ASN D 115 -21.74 -15.38 17.82
C ASN D 115 -22.60 -16.64 17.72
N VAL D 116 -23.49 -16.72 16.74
CA VAL D 116 -24.10 -18.01 16.31
C VAL D 116 -23.24 -18.68 15.25
N GLY D 117 -23.12 -18.13 14.05
CA GLY D 117 -22.22 -18.71 13.02
C GLY D 117 -22.52 -18.17 11.65
N ASP D 118 -21.86 -18.72 10.62
CA ASP D 118 -22.05 -18.37 9.17
C ASP D 118 -22.93 -19.45 8.53
N VAL D 119 -23.97 -19.05 7.82
CA VAL D 119 -24.65 -19.88 6.79
C VAL D 119 -23.62 -20.17 5.70
N PRO D 120 -23.34 -21.46 5.41
CA PRO D 120 -22.32 -21.84 4.42
C PRO D 120 -22.83 -21.69 2.97
N ILE D 121 -22.94 -20.44 2.56
CA ILE D 121 -23.49 -20.03 1.24
C ILE D 121 -22.74 -20.75 0.11
N GLU D 122 -21.42 -20.65 0.08
CA GLU D 122 -20.59 -21.20 -1.03
C GLU D 122 -21.01 -22.66 -1.20
N GLU D 123 -20.99 -23.41 -0.13
CA GLU D 123 -21.11 -24.89 -0.13
C GLU D 123 -22.53 -25.24 -0.61
N ILE D 124 -23.55 -24.49 -0.19
CA ILE D 124 -24.95 -24.73 -0.62
C ILE D 124 -25.09 -24.33 -2.10
N ARG D 125 -24.46 -23.24 -2.48
CA ARG D 125 -24.53 -22.82 -3.88
C ARG D 125 -23.85 -23.88 -4.74
N ASP D 126 -22.77 -24.48 -4.25
CA ASP D 126 -22.02 -25.49 -5.02
C ASP D 126 -22.74 -26.85 -5.01
N CYS D 127 -24.02 -26.93 -4.67
CA CYS D 127 -24.87 -28.14 -4.82
C CYS D 127 -25.88 -27.85 -5.92
N GLY D 128 -25.70 -26.70 -6.56
CA GLY D 128 -26.53 -26.16 -7.66
C GLY D 128 -27.84 -25.60 -7.15
N VAL D 129 -27.86 -25.01 -5.96
CA VAL D 129 -29.09 -24.42 -5.37
C VAL D 129 -29.27 -23.01 -5.94
N ASP D 130 -30.48 -22.69 -6.37
CA ASP D 130 -30.78 -21.41 -7.07
C ASP D 130 -30.99 -20.29 -6.04
N ASP D 131 -31.14 -19.06 -6.53
CA ASP D 131 -31.11 -17.85 -5.67
C ASP D 131 -32.36 -17.78 -4.79
N LYS D 132 -33.54 -18.25 -5.24
CA LYS D 132 -34.76 -18.24 -4.41
C LYS D 132 -34.58 -19.16 -3.20
N ARG D 133 -33.98 -20.32 -3.43
CA ARG D 133 -33.83 -21.37 -2.40
C ARG D 133 -32.80 -20.89 -1.38
N LEU D 134 -31.76 -20.22 -1.84
CA LEU D 134 -30.73 -19.56 -0.98
C LEU D 134 -31.38 -18.51 -0.07
N ALA D 135 -32.22 -17.64 -0.62
CA ALA D 135 -32.94 -16.63 0.16
C ALA D 135 -33.76 -17.33 1.25
N ASN D 136 -34.39 -18.44 0.90
CA ASN D 136 -35.22 -19.15 1.88
C ASN D 136 -34.32 -19.76 3.00
N VAL D 137 -33.13 -20.24 2.69
CA VAL D 137 -32.17 -20.77 3.70
C VAL D 137 -31.73 -19.62 4.62
N ILE D 138 -31.43 -18.47 4.03
CA ILE D 138 -31.08 -17.26 4.85
C ILE D 138 -32.24 -16.92 5.79
N SER D 139 -33.47 -16.90 5.27
CA SER D 139 -34.65 -16.55 6.09
C SER D 139 -34.76 -17.58 7.23
N GLU D 140 -34.70 -18.88 6.92
CA GLU D 140 -34.86 -19.97 7.92
C GLU D 140 -33.75 -19.83 8.93
N SER D 141 -32.53 -19.49 8.48
CA SER D 141 -31.43 -19.34 9.45
C SER D 141 -31.78 -18.26 10.49
N VAL D 142 -32.26 -17.12 10.03
CA VAL D 142 -32.67 -15.97 10.88
C VAL D 142 -33.72 -16.49 11.88
N LYS D 143 -34.68 -17.26 11.39
CA LYS D 143 -35.81 -17.82 12.17
C LYS D 143 -35.31 -18.75 13.27
N LEU D 144 -34.29 -19.53 13.00
CA LEU D 144 -33.74 -20.41 14.06
C LEU D 144 -33.15 -19.56 15.19
N VAL D 145 -32.47 -18.46 14.88
CA VAL D 145 -31.89 -17.59 15.96
C VAL D 145 -33.04 -16.98 16.77
N MET D 146 -34.06 -16.48 16.08
CA MET D 146 -35.23 -15.79 16.70
C MET D 146 -36.04 -16.73 17.58
N ASP D 147 -36.05 -18.03 17.25
CA ASP D 147 -36.76 -19.07 18.03
C ASP D 147 -36.10 -19.27 19.40
N GLU D 148 -34.81 -18.99 19.54
CA GLU D 148 -34.13 -19.17 20.83
C GLU D 148 -34.21 -17.92 21.69
N ASP D 149 -35.20 -17.80 22.58
CA ASP D 149 -35.31 -16.60 23.45
C ASP D 149 -34.04 -16.55 24.31
N PRO D 150 -33.36 -15.42 24.57
CA PRO D 150 -33.76 -14.11 24.11
C PRO D 150 -32.90 -13.55 22.95
N LEU D 151 -32.45 -14.43 22.08
CA LEU D 151 -31.57 -14.06 20.96
C LEU D 151 -32.33 -13.16 19.99
N ARG D 152 -31.70 -12.09 19.54
CA ARG D 152 -32.20 -11.33 18.35
C ARG D 152 -31.09 -11.18 17.29
N PRO D 153 -31.50 -11.33 16.00
CA PRO D 153 -30.55 -11.47 14.89
C PRO D 153 -29.86 -10.17 14.50
N LEU D 154 -28.53 -10.13 14.64
CA LEU D 154 -27.66 -9.09 14.04
C LEU D 154 -26.82 -9.73 12.91
N VAL D 155 -27.26 -9.52 11.68
CA VAL D 155 -26.67 -10.22 10.49
C VAL D 155 -25.44 -9.47 9.96
N LEU D 156 -24.39 -10.24 9.67
CA LEU D 156 -23.18 -9.70 9.05
C LEU D 156 -23.18 -10.13 7.57
N GLY D 157 -23.30 -9.18 6.64
CA GLY D 157 -23.09 -9.48 5.23
C GLY D 157 -21.58 -9.53 4.90
N GLY D 158 -21.26 -9.93 3.66
CA GLY D 158 -22.24 -10.15 2.62
C GLY D 158 -22.71 -8.84 2.00
N ASP D 159 -23.27 -8.90 0.81
CA ASP D 159 -23.75 -7.68 0.11
C ASP D 159 -25.19 -7.37 0.49
N HIS D 160 -25.68 -6.21 0.04
CA HIS D 160 -26.96 -5.67 0.57
C HIS D 160 -28.11 -6.61 0.17
N SER D 161 -27.96 -7.51 -0.79
CA SER D 161 -29.05 -8.44 -1.20
C SER D 161 -29.65 -9.11 0.02
N ILE D 162 -28.82 -9.40 1.02
CA ILE D 162 -29.22 -10.25 2.18
C ILE D 162 -30.32 -9.59 3.02
N SER D 163 -30.46 -8.26 3.00
CA SER D 163 -31.48 -7.60 3.83
C SER D 163 -32.91 -8.11 3.51
N PHE D 164 -33.24 -8.47 2.28
CA PHE D 164 -34.62 -8.85 1.93
C PHE D 164 -35.00 -10.15 2.70
N PRO D 165 -34.26 -11.27 2.56
CA PRO D 165 -34.66 -12.50 3.28
C PRO D 165 -34.50 -12.40 4.81
N VAL D 166 -33.59 -11.57 5.32
CA VAL D 166 -33.49 -11.27 6.77
C VAL D 166 -34.78 -10.55 7.19
N VAL D 167 -35.06 -9.40 6.58
CA VAL D 167 -36.21 -8.57 7.02
C VAL D 167 -37.54 -9.35 6.79
N ARG D 168 -37.63 -10.11 5.72
CA ARG D 168 -38.83 -10.96 5.50
C ARG D 168 -38.95 -11.89 6.71
N ALA D 169 -37.85 -12.55 7.10
CA ALA D 169 -37.89 -13.55 8.19
C ALA D 169 -38.36 -12.84 9.45
N VAL D 170 -37.74 -11.70 9.78
CA VAL D 170 -38.09 -10.91 10.98
C VAL D 170 -39.59 -10.66 11.02
N SER D 171 -40.12 -10.06 9.96
CA SER D 171 -41.54 -9.65 9.84
C SER D 171 -42.47 -10.85 9.95
N GLU D 172 -42.22 -11.90 9.17
CA GLU D 172 -43.05 -13.13 9.22
C GLU D 172 -43.05 -13.66 10.67
N LYS D 173 -41.87 -13.74 11.26
CA LYS D 173 -41.69 -14.29 12.61
C LYS D 173 -42.53 -13.53 13.65
N LEU D 174 -42.49 -12.21 13.58
CA LEU D 174 -43.21 -11.30 14.50
C LEU D 174 -44.67 -11.16 14.07
N GLY D 175 -45.04 -11.61 12.86
CA GLY D 175 -46.38 -11.46 12.24
C GLY D 175 -46.77 -10.01 11.98
N GLY D 176 -45.91 -9.18 11.41
CA GLY D 176 -46.31 -7.82 10.99
C GLY D 176 -45.14 -6.97 10.52
N ALA D 177 -45.42 -5.74 10.14
CA ALA D 177 -44.44 -4.82 9.53
C ALA D 177 -43.39 -4.45 10.58
N VAL D 178 -42.24 -3.96 10.11
CA VAL D 178 -41.25 -3.26 10.97
C VAL D 178 -41.07 -1.89 10.34
N ASP D 179 -40.59 -0.94 11.12
CA ASP D 179 -39.99 0.32 10.59
C ASP D 179 -38.50 0.06 10.41
N ILE D 180 -37.88 0.55 9.33
CA ILE D 180 -36.44 0.33 9.04
C ILE D 180 -35.72 1.66 9.04
N LEU D 181 -34.61 1.72 9.78
CA LEU D 181 -33.57 2.74 9.62
C LEU D 181 -32.47 2.11 8.75
N HIS D 182 -32.21 2.73 7.59
CA HIS D 182 -31.26 2.22 6.57
C HIS D 182 -30.17 3.27 6.34
N PHE D 183 -28.92 2.92 6.61
CA PHE D 183 -27.75 3.77 6.27
C PHE D 183 -27.13 3.30 4.96
N ASP D 184 -27.00 4.18 3.97
CA ASP D 184 -26.45 3.75 2.65
C ASP D 184 -26.18 4.94 1.73
N ALA D 185 -25.16 4.84 0.87
CA ALA D 185 -24.96 5.81 -0.22
C ALA D 185 -26.05 5.61 -1.25
N HIS D 186 -26.70 4.44 -1.33
CA HIS D 186 -27.54 3.99 -2.46
C HIS D 186 -28.93 3.64 -1.94
N PRO D 187 -30.03 4.09 -2.56
CA PRO D 187 -31.36 3.72 -2.08
C PRO D 187 -31.64 2.22 -2.09
N ASP D 188 -31.03 1.50 -3.01
CA ASP D 188 -31.24 0.04 -3.10
C ASP D 188 -32.72 -0.23 -3.40
N LEU D 189 -33.34 0.62 -4.23
CA LEU D 189 -34.81 0.56 -4.54
C LEU D 189 -35.11 0.23 -6.02
N TYR D 190 -34.12 -0.22 -6.81
CA TYR D 190 -34.39 -0.64 -8.21
C TYR D 190 -35.44 -1.76 -8.23
N HIS D 191 -36.46 -1.67 -9.11
CA HIS D 191 -37.37 -2.81 -9.36
C HIS D 191 -36.58 -3.89 -10.07
N ASP D 192 -35.67 -3.46 -10.94
CA ASP D 192 -35.04 -4.33 -11.97
C ASP D 192 -33.58 -3.87 -12.15
N PHE D 193 -32.62 -4.47 -11.46
CA PHE D 193 -31.19 -4.16 -11.72
C PHE D 193 -30.63 -5.34 -12.53
N GLU D 194 -30.43 -5.13 -13.83
CA GLU D 194 -29.85 -6.07 -14.83
C GLU D 194 -30.56 -7.43 -14.81
N GLY D 195 -31.88 -7.49 -14.54
CA GLY D 195 -32.67 -8.74 -14.55
C GLY D 195 -32.35 -9.73 -13.42
N ASN D 196 -31.58 -9.31 -12.40
CA ASN D 196 -31.43 -10.06 -11.12
C ASN D 196 -32.50 -9.56 -10.13
N TYR D 197 -33.57 -10.33 -9.89
CA TYR D 197 -34.55 -10.07 -8.80
C TYR D 197 -33.84 -9.83 -7.45
N TYR D 198 -32.75 -10.59 -7.20
CA TYR D 198 -32.03 -10.66 -5.89
C TYR D 198 -30.80 -9.71 -5.89
N SER D 199 -30.69 -8.72 -6.80
CA SER D 199 -29.55 -7.77 -6.85
C SER D 199 -29.36 -7.07 -5.48
N HIS D 200 -28.12 -6.71 -5.11
CA HIS D 200 -27.86 -5.85 -3.89
C HIS D 200 -28.40 -4.43 -4.05
N ALA D 201 -28.76 -3.99 -5.27
CA ALA D 201 -29.37 -2.66 -5.59
C ALA D 201 -30.92 -2.68 -5.52
N SER D 202 -31.53 -3.82 -5.17
CA SER D 202 -33.02 -4.01 -5.11
C SER D 202 -33.55 -4.56 -3.78
N PRO D 203 -32.77 -4.83 -2.71
CA PRO D 203 -33.38 -5.45 -1.52
C PRO D 203 -34.62 -4.70 -0.98
N PHE D 204 -34.57 -3.36 -0.93
CA PHE D 204 -35.63 -2.53 -0.32
C PHE D 204 -36.85 -2.42 -1.27
N ALA D 205 -36.70 -2.58 -2.59
CA ALA D 205 -37.86 -2.76 -3.52
C ALA D 205 -38.62 -4.02 -3.10
N ARG D 206 -37.87 -5.14 -2.94
CA ARG D 206 -38.37 -6.49 -2.53
C ARG D 206 -39.05 -6.35 -1.18
N ILE D 207 -38.44 -5.60 -0.26
CA ILE D 207 -39.01 -5.36 1.10
C ILE D 207 -40.32 -4.56 0.95
N MET D 208 -40.27 -3.37 0.35
CA MET D 208 -41.43 -2.44 0.36
C MET D 208 -42.58 -3.07 -0.44
N GLU D 209 -42.27 -3.74 -1.55
CA GLU D 209 -43.23 -4.51 -2.38
C GLU D 209 -43.97 -5.57 -1.57
N GLY D 210 -43.31 -6.30 -0.65
CA GLY D 210 -43.91 -7.41 0.13
C GLY D 210 -44.59 -6.89 1.38
N GLY D 211 -44.54 -5.57 1.58
CA GLY D 211 -45.13 -4.87 2.74
C GLY D 211 -44.50 -5.32 4.03
N TYR D 212 -43.28 -5.81 4.04
CA TYR D 212 -42.60 -6.29 5.28
C TYR D 212 -42.21 -5.09 6.13
N ALA D 213 -42.10 -3.90 5.55
CA ALA D 213 -41.73 -2.65 6.26
C ALA D 213 -42.83 -1.61 6.10
N ARG D 214 -43.03 -0.76 7.12
CA ARG D 214 -43.91 0.43 7.03
C ARG D 214 -43.06 1.64 6.65
N ARG D 215 -42.38 2.21 7.63
CA ARG D 215 -41.49 3.36 7.39
C ARG D 215 -40.11 2.80 7.02
N LEU D 216 -39.47 3.44 6.05
CA LEU D 216 -38.10 3.15 5.62
C LEU D 216 -37.37 4.48 5.63
N VAL D 217 -36.52 4.68 6.62
CA VAL D 217 -35.79 5.95 6.80
C VAL D 217 -34.39 5.71 6.27
N GLN D 218 -34.01 6.38 5.19
CA GLN D 218 -32.69 6.16 4.56
C GLN D 218 -31.83 7.37 4.85
N VAL D 219 -30.56 7.16 5.18
CA VAL D 219 -29.62 8.22 5.63
C VAL D 219 -28.27 7.98 4.95
N GLY D 220 -27.66 9.03 4.40
CA GLY D 220 -26.38 9.04 3.68
C GLY D 220 -26.55 9.00 2.15
N ILE D 221 -27.78 8.97 1.65
CA ILE D 221 -28.05 8.81 0.19
C ILE D 221 -27.37 9.93 -0.60
N ARG D 222 -26.61 9.56 -1.64
CA ARG D 222 -25.91 10.52 -2.52
C ARG D 222 -25.69 9.93 -3.92
N SER D 223 -26.17 8.71 -4.21
CA SER D 223 -26.13 8.07 -5.56
C SER D 223 -27.53 7.55 -5.85
N ILE D 224 -28.29 8.26 -6.68
CA ILE D 224 -29.74 7.99 -6.94
C ILE D 224 -30.11 8.47 -8.36
N THR D 225 -30.75 7.62 -9.15
CA THR D 225 -31.17 7.90 -10.54
C THR D 225 -32.57 8.51 -10.46
N ASN D 226 -33.02 9.24 -11.49
CA ASN D 226 -34.35 9.91 -11.49
C ASN D 226 -35.45 8.84 -11.40
N ASP D 227 -35.30 7.69 -12.04
CA ASP D 227 -36.27 6.56 -11.95
C ASP D 227 -36.48 6.16 -10.49
N VAL D 228 -35.39 6.06 -9.71
CA VAL D 228 -35.44 5.58 -8.31
C VAL D 228 -36.06 6.69 -7.45
N ARG D 229 -35.80 7.97 -7.76
CA ARG D 229 -36.58 9.13 -7.21
C ARG D 229 -38.07 8.80 -7.30
N GLU D 230 -38.57 8.32 -8.45
CA GLU D 230 -40.00 7.89 -8.61
C GLU D 230 -40.33 6.88 -7.52
N GLN D 231 -39.56 5.79 -7.46
CA GLN D 231 -39.74 4.64 -6.52
C GLN D 231 -39.94 5.17 -5.08
N VAL D 232 -39.09 6.12 -4.60
CA VAL D 232 -39.18 6.78 -3.26
C VAL D 232 -40.58 7.35 -3.01
N LYS D 233 -41.06 8.31 -3.83
CA LYS D 233 -42.45 8.86 -3.71
C LYS D 233 -43.42 7.68 -3.77
N LYS D 234 -43.22 6.75 -4.71
CA LYS D 234 -44.15 5.62 -4.93
C LYS D 234 -44.38 4.85 -3.61
N TYR D 235 -43.33 4.60 -2.83
CA TYR D 235 -43.40 3.75 -1.62
C TYR D 235 -43.43 4.60 -0.33
N GLY D 236 -43.50 5.93 -0.43
CA GLY D 236 -43.40 6.84 0.71
C GLY D 236 -42.10 6.65 1.50
N VAL D 237 -41.01 6.41 0.82
CA VAL D 237 -39.72 6.20 1.50
C VAL D 237 -39.22 7.56 1.99
N GLU D 238 -38.74 7.61 3.22
CA GLU D 238 -38.21 8.86 3.79
C GLU D 238 -36.72 8.88 3.49
N THR D 239 -36.39 9.17 2.24
CA THR D 239 -35.00 9.21 1.75
C THR D 239 -34.40 10.53 2.19
N HIS D 240 -33.33 10.54 2.99
CA HIS D 240 -32.54 11.76 3.28
C HIS D 240 -31.21 11.74 2.52
N GLU D 241 -31.01 12.73 1.69
CA GLU D 241 -29.84 12.88 0.81
C GLU D 241 -28.78 13.68 1.54
N MET D 242 -27.52 13.43 1.23
CA MET D 242 -26.38 14.11 1.89
C MET D 242 -26.55 15.63 1.71
N ARG D 243 -27.03 16.07 0.56
CA ARG D 243 -27.12 17.52 0.23
C ARG D 243 -28.15 18.23 1.13
N THR D 244 -28.97 17.54 1.94
CA THR D 244 -29.87 18.24 2.92
C THR D 244 -29.55 17.88 4.37
N LEU D 245 -28.38 17.35 4.64
CA LEU D 245 -28.05 16.78 5.97
C LEU D 245 -28.27 17.77 7.13
N SER D 246 -27.55 18.90 7.14
CA SER D 246 -27.58 19.90 8.24
C SER D 246 -29.03 20.34 8.49
N ARG D 247 -29.80 20.64 7.44
CA ARG D 247 -31.26 20.89 7.55
C ARG D 247 -31.94 19.71 8.28
N ASP D 248 -31.52 18.47 8.04
CA ASP D 248 -32.19 17.24 8.59
C ASP D 248 -31.62 16.84 9.94
N ARG D 249 -30.44 17.29 10.37
CA ARG D 249 -29.79 16.81 11.64
C ARG D 249 -30.80 16.70 12.80
N PRO D 250 -31.50 17.76 13.25
CA PRO D 250 -32.34 17.67 14.43
C PRO D 250 -33.44 16.62 14.25
N ILE D 251 -33.86 16.37 13.02
CA ILE D 251 -34.87 15.29 12.84
C ILE D 251 -34.12 13.97 13.01
N LEU D 252 -32.93 13.87 12.43
CA LEU D 252 -32.21 12.56 12.34
C LEU D 252 -31.69 12.13 13.72
N GLU D 253 -31.40 13.13 14.56
CA GLU D 253 -30.92 12.93 15.94
C GLU D 253 -32.09 12.75 16.88
N ASN D 254 -33.31 12.58 16.41
CA ASN D 254 -34.44 12.38 17.35
C ASN D 254 -35.47 11.45 16.73
N LEU D 255 -35.02 10.42 16.02
CA LEU D 255 -35.94 9.47 15.35
C LEU D 255 -36.66 8.65 16.43
N LYS D 256 -37.93 8.29 16.17
CA LYS D 256 -38.65 7.32 17.02
C LYS D 256 -39.41 6.43 16.06
N LEU D 257 -39.06 5.15 15.99
CA LEU D 257 -39.70 4.26 15.00
C LEU D 257 -40.39 3.12 15.72
N GLY D 258 -41.16 2.35 14.97
CA GLY D 258 -41.74 1.07 15.40
C GLY D 258 -43.06 1.26 16.13
N GLU D 259 -43.41 2.49 16.50
CA GLU D 259 -44.59 2.69 17.39
C GLU D 259 -45.80 2.37 16.49
N GLY D 260 -46.53 1.30 16.79
CA GLY D 260 -47.74 0.87 16.04
C GLY D 260 -47.50 -0.40 15.26
N VAL D 261 -46.23 -0.82 15.10
CA VAL D 261 -45.91 -2.12 14.44
C VAL D 261 -45.01 -2.94 15.35
N LYS D 262 -44.30 -3.93 14.80
CA LYS D 262 -43.69 -5.01 15.61
C LYS D 262 -42.31 -4.58 16.11
N GLY D 263 -41.75 -3.50 15.58
CA GLY D 263 -40.41 -3.08 16.05
C GLY D 263 -39.61 -2.40 14.96
N VAL D 264 -38.30 -2.26 15.24
CA VAL D 264 -37.35 -1.50 14.41
C VAL D 264 -36.24 -2.45 13.92
N TYR D 265 -35.95 -2.41 12.62
CA TYR D 265 -34.80 -3.08 11.99
C TYR D 265 -33.84 -2.01 11.52
N VAL D 266 -32.57 -2.18 11.81
CA VAL D 266 -31.52 -1.21 11.39
C VAL D 266 -30.63 -1.90 10.37
N SER D 267 -30.51 -1.36 9.17
CA SER D 267 -29.59 -1.90 8.13
C SER D 267 -28.49 -0.88 7.91
N ILE D 268 -27.24 -1.23 8.19
CA ILE D 268 -26.07 -0.34 8.03
C ILE D 268 -25.24 -0.82 6.84
N ASP D 269 -25.29 -0.10 5.71
CA ASP D 269 -24.42 -0.39 4.55
C ASP D 269 -23.15 0.43 4.78
N VAL D 270 -22.03 -0.26 4.86
CA VAL D 270 -20.72 0.38 5.17
C VAL D 270 -20.42 1.51 4.16
N ASP D 271 -20.88 1.44 2.90
CA ASP D 271 -20.62 2.51 1.91
C ASP D 271 -21.41 3.79 2.26
N SER D 272 -22.28 3.82 3.28
CA SER D 272 -22.93 5.08 3.78
C SER D 272 -21.85 6.03 4.28
N LEU D 273 -20.74 5.50 4.78
CA LEU D 273 -19.61 6.30 5.27
C LEU D 273 -18.78 6.79 4.10
N ASP D 274 -18.16 7.96 4.31
CA ASP D 274 -17.28 8.54 3.29
C ASP D 274 -16.20 7.49 3.07
N PRO D 275 -15.75 7.31 1.83
CA PRO D 275 -14.63 6.44 1.54
C PRO D 275 -13.32 6.79 2.26
N SER D 276 -13.07 8.03 2.68
CA SER D 276 -11.87 8.33 3.50
C SER D 276 -11.92 7.51 4.82
N ILE D 277 -13.09 7.15 5.28
CA ILE D 277 -13.27 6.43 6.57
C ILE D 277 -13.46 4.94 6.33
N ALA D 278 -14.19 4.60 5.28
CA ALA D 278 -14.49 3.18 4.98
C ALA D 278 -14.03 2.82 3.57
N PRO D 279 -12.72 2.77 3.28
CA PRO D 279 -12.28 2.40 1.96
C PRO D 279 -12.62 0.94 1.58
N GLY D 280 -12.85 0.08 2.55
CA GLY D 280 -13.10 -1.35 2.27
C GLY D 280 -14.52 -1.57 1.86
N VAL D 281 -14.94 -1.07 0.69
CA VAL D 281 -16.32 -1.29 0.13
C VAL D 281 -16.19 -1.46 -1.40
N SER D 282 -17.18 -2.06 -2.07
CA SER D 282 -17.25 -2.17 -3.54
C SER D 282 -17.51 -0.84 -4.29
N HIS D 283 -18.41 0.01 -3.79
CA HIS D 283 -18.86 1.30 -4.40
C HIS D 283 -18.32 2.51 -3.62
N HIS D 284 -17.20 3.07 -4.04
CA HIS D 284 -16.74 4.31 -3.38
C HIS D 284 -17.63 5.50 -3.80
N GLU D 285 -18.30 6.18 -2.88
CA GLU D 285 -19.15 7.35 -3.22
C GLU D 285 -18.64 8.55 -2.43
N PRO D 286 -17.74 9.40 -2.94
CA PRO D 286 -17.23 10.55 -2.15
C PRO D 286 -18.33 11.48 -1.58
N GLY D 287 -18.10 12.02 -0.39
CA GLY D 287 -19.00 12.96 0.29
C GLY D 287 -20.02 12.29 1.21
N GLY D 288 -19.60 11.29 2.00
CA GLY D 288 -20.52 10.40 2.72
C GLY D 288 -20.60 10.80 4.18
N LEU D 289 -21.18 9.97 5.01
CA LEU D 289 -21.25 10.17 6.49
C LEU D 289 -19.87 10.02 7.16
N LEU D 290 -19.71 10.77 8.24
CA LEU D 290 -18.63 10.56 9.25
C LEU D 290 -19.11 9.47 10.17
N PHE D 291 -18.17 8.75 10.74
CA PHE D 291 -18.47 7.65 11.69
C PHE D 291 -19.43 8.18 12.77
N ARG D 292 -19.13 9.35 13.32
CA ARG D 292 -19.87 9.92 14.48
C ARG D 292 -21.31 10.20 14.06
N ASP D 293 -21.58 10.34 12.77
CA ASP D 293 -22.93 10.74 12.33
C ASP D 293 -23.85 9.53 12.47
N ILE D 294 -23.37 8.34 12.14
CA ILE D 294 -24.16 7.09 12.34
C ILE D 294 -24.39 6.93 13.85
N LEU D 295 -23.34 7.18 14.65
CA LEU D 295 -23.45 6.91 16.10
C LEU D 295 -24.44 7.92 16.68
N ASN D 296 -24.34 9.20 16.26
CA ASN D 296 -25.25 10.25 16.79
C ASN D 296 -26.69 9.73 16.59
N ILE D 297 -27.02 9.30 15.37
CA ILE D 297 -28.41 8.89 15.02
C ILE D 297 -28.76 7.67 15.85
N LEU D 298 -27.90 6.68 15.85
CA LEU D 298 -28.20 5.38 16.46
C LEU D 298 -28.27 5.59 17.97
N GLN D 299 -27.34 6.37 18.57
CA GLN D 299 -27.28 6.61 20.03
C GLN D 299 -28.62 7.21 20.45
N ASN D 300 -29.22 8.05 19.62
CA ASN D 300 -30.47 8.77 20.01
C ASN D 300 -31.73 8.02 19.57
N LEU D 301 -31.62 6.94 18.79
CA LEU D 301 -32.84 6.34 18.18
C LEU D 301 -33.73 5.80 19.29
N GLN D 302 -35.02 6.08 19.27
CA GLN D 302 -36.02 5.41 20.12
C GLN D 302 -36.77 4.35 19.34
N GLY D 303 -37.11 3.27 20.05
CA GLY D 303 -37.97 2.19 19.58
C GLY D 303 -37.31 0.85 19.83
N ASP D 304 -38.10 -0.20 19.67
CA ASP D 304 -37.73 -1.58 20.03
C ASP D 304 -36.97 -2.25 18.87
N ILE D 305 -35.65 -2.29 18.93
CA ILE D 305 -34.83 -2.85 17.82
C ILE D 305 -34.99 -4.35 17.86
N VAL D 306 -35.55 -4.92 16.80
CA VAL D 306 -35.87 -6.38 16.70
C VAL D 306 -34.83 -7.13 15.85
N GLY D 307 -34.11 -6.42 14.95
CA GLY D 307 -32.99 -6.97 14.17
C GLY D 307 -32.12 -5.89 13.54
N GLY D 308 -31.04 -6.31 12.89
CA GLY D 308 -30.14 -5.38 12.18
C GLY D 308 -29.15 -6.14 11.32
N ASP D 309 -28.44 -5.45 10.43
CA ASP D 309 -27.38 -6.04 9.60
C ASP D 309 -26.31 -4.97 9.45
N VAL D 310 -25.07 -5.42 9.30
CA VAL D 310 -23.95 -4.61 8.79
C VAL D 310 -23.46 -5.30 7.53
N VAL D 311 -23.57 -4.63 6.38
CA VAL D 311 -23.41 -5.20 5.02
C VAL D 311 -22.37 -4.38 4.25
N GLU D 312 -21.81 -5.01 3.20
CA GLU D 312 -21.01 -4.37 2.15
C GLU D 312 -19.60 -3.98 2.64
N TYR D 313 -19.12 -4.46 3.80
CA TYR D 313 -17.66 -4.46 4.08
C TYR D 313 -16.99 -5.44 3.09
N ASN D 314 -16.02 -4.96 2.32
CA ASN D 314 -15.26 -5.71 1.29
C ASN D 314 -13.80 -5.76 1.70
N PRO D 315 -13.37 -6.87 2.40
CA PRO D 315 -11.98 -7.03 2.82
C PRO D 315 -10.95 -6.88 1.70
N GLN D 316 -11.33 -7.26 0.47
CA GLN D 316 -10.41 -7.19 -0.68
C GLN D 316 -10.15 -5.75 -1.10
N ARG D 317 -10.95 -4.80 -0.65
CA ARG D 317 -10.72 -3.39 -1.06
C ARG D 317 -10.31 -2.55 0.15
N ASP D 318 -10.02 -3.21 1.26
CA ASP D 318 -9.63 -2.52 2.51
C ASP D 318 -8.14 -2.11 2.43
N THR D 319 -7.68 -1.33 3.39
CA THR D 319 -6.26 -0.94 3.41
C THR D 319 -5.43 -2.05 4.05
N TYR D 320 -4.13 -1.89 4.07
CA TYR D 320 -3.31 -3.00 4.59
C TYR D 320 -3.55 -3.23 6.08
N ASP D 321 -3.87 -2.17 6.81
CA ASP D 321 -4.10 -2.25 8.27
C ASP D 321 -5.53 -2.72 8.61
N GLY D 322 -6.36 -3.08 7.65
CA GLY D 322 -7.73 -3.56 7.91
C GLY D 322 -8.61 -2.53 8.62
N ILE D 323 -8.43 -1.23 8.36
CA ILE D 323 -9.23 -0.17 9.02
C ILE D 323 -10.74 -0.41 8.82
N THR D 324 -11.18 -0.78 7.63
CA THR D 324 -12.63 -0.96 7.40
C THR D 324 -13.18 -2.11 8.26
N ALA D 325 -12.41 -3.15 8.57
CA ALA D 325 -12.86 -4.28 9.43
C ALA D 325 -13.23 -3.72 10.81
N LEU D 326 -12.41 -2.80 11.28
CA LEU D 326 -12.53 -2.19 12.62
C LEU D 326 -13.74 -1.29 12.55
N VAL D 327 -13.93 -0.58 11.43
CA VAL D 327 -15.09 0.31 11.25
C VAL D 327 -16.38 -0.56 11.33
N ALA D 328 -16.44 -1.66 10.61
CA ALA D 328 -17.63 -2.53 10.59
C ALA D 328 -17.86 -3.11 11.99
N ALA D 329 -16.82 -3.65 12.61
CA ALA D 329 -16.79 -4.21 13.97
C ALA D 329 -17.38 -3.19 14.93
N LYS D 330 -16.90 -1.94 14.89
CA LYS D 330 -17.46 -0.95 15.83
C LYS D 330 -18.94 -0.70 15.53
N LEU D 331 -19.36 -0.65 14.26
CA LEU D 331 -20.79 -0.47 13.93
C LEU D 331 -21.61 -1.63 14.56
N VAL D 332 -21.09 -2.84 14.49
CA VAL D 332 -21.78 -4.05 15.02
C VAL D 332 -21.87 -3.88 16.54
N ARG D 333 -20.77 -3.44 17.16
CA ARG D 333 -20.67 -3.29 18.63
C ARG D 333 -21.70 -2.27 19.07
N GLU D 334 -21.83 -1.17 18.33
CA GLU D 334 -22.70 -0.08 18.81
C GLU D 334 -24.16 -0.47 18.52
N LEU D 335 -24.43 -1.18 17.42
CA LEU D 335 -25.79 -1.71 17.14
C LEU D 335 -26.13 -2.73 18.22
N ALA D 336 -25.16 -3.56 18.62
CA ALA D 336 -25.45 -4.62 19.61
C ALA D 336 -25.78 -3.98 20.96
N ALA D 337 -25.01 -2.97 21.35
CA ALA D 337 -25.18 -2.21 22.60
C ALA D 337 -26.60 -1.68 22.63
N LYS D 338 -27.10 -1.17 21.50
CA LYS D 338 -28.46 -0.63 21.38
C LYS D 338 -29.50 -1.75 21.27
N MET D 339 -29.17 -2.88 20.65
CA MET D 339 -30.22 -3.89 20.41
C MET D 339 -30.34 -4.77 21.66
N SER D 340 -29.25 -4.96 22.39
CA SER D 340 -29.21 -5.83 23.60
C SER D 340 -29.86 -5.10 24.79
N LYS D 341 -30.73 -5.77 25.53
CA LYS D 341 -31.28 -5.18 26.77
C LYS D 341 -31.57 -6.26 27.82
N SER E 24 30.14 -11.66 35.98
CA SER E 24 29.83 -11.01 37.28
C SER E 24 28.64 -10.11 37.04
N PRO E 25 27.79 -9.88 38.05
CA PRO E 25 26.77 -8.85 37.95
C PRO E 25 27.39 -7.45 38.05
N ALA E 26 28.61 -7.34 38.62
CA ALA E 26 29.43 -6.10 38.66
C ALA E 26 29.65 -5.58 37.23
N LEU E 27 29.80 -6.49 36.28
CA LEU E 27 29.98 -6.10 34.86
C LEU E 27 28.73 -5.39 34.38
N LEU E 28 27.54 -5.96 34.64
CA LEU E 28 26.27 -5.27 34.28
C LEU E 28 26.08 -3.94 35.03
N GLU E 29 26.24 -3.91 36.36
CA GLU E 29 25.93 -2.68 37.13
C GLU E 29 26.80 -1.53 36.61
N LYS E 30 28.09 -1.80 36.45
CA LYS E 30 29.07 -0.83 35.93
C LYS E 30 28.58 -0.29 34.58
N ALA E 31 28.23 -1.15 33.64
CA ALA E 31 27.79 -0.76 32.28
C ALA E 31 26.59 0.18 32.43
N GLN E 32 25.63 -0.20 33.27
CA GLN E 32 24.44 0.62 33.55
C GLN E 32 24.89 2.00 34.00
N ASN E 33 25.68 2.05 35.07
CA ASN E 33 26.02 3.36 35.68
C ASN E 33 26.71 4.20 34.60
N ARG E 34 27.62 3.62 33.85
CA ARG E 34 28.57 4.39 33.02
C ARG E 34 27.88 4.81 31.72
N VAL E 35 27.07 3.93 31.15
CA VAL E 35 26.27 4.22 29.91
C VAL E 35 25.20 5.31 30.23
N ILE E 36 24.46 5.17 31.31
CA ILE E 36 23.44 6.20 31.67
C ILE E 36 24.16 7.55 31.90
N ASP E 37 25.28 7.50 32.60
CA ASP E 37 26.05 8.72 32.89
C ASP E 37 26.47 9.45 31.60
N ALA E 38 27.15 8.78 30.67
CA ALA E 38 27.43 9.24 29.29
C ALA E 38 26.16 9.77 28.55
N ALA E 39 25.03 9.07 28.61
CA ALA E 39 23.81 9.51 27.88
C ALA E 39 23.29 10.81 28.51
N LEU E 40 23.25 10.93 29.82
CA LEU E 40 22.76 12.17 30.48
C LEU E 40 23.76 13.29 30.23
N THR E 41 25.08 13.02 30.20
CA THR E 41 26.07 14.08 29.87
C THR E 41 25.82 14.55 28.42
N PHE E 42 25.37 13.68 27.50
CA PHE E 42 25.12 14.08 26.10
C PHE E 42 23.97 15.11 26.07
N ILE E 43 22.89 14.76 26.75
CA ILE E 43 21.67 15.59 26.84
C ILE E 43 22.04 16.90 27.55
N ARG E 44 22.92 16.81 28.53
CA ARG E 44 23.37 17.99 29.29
C ARG E 44 24.09 18.95 28.34
N GLU E 45 25.06 18.46 27.58
CA GLU E 45 25.88 19.30 26.66
C GLU E 45 24.96 19.87 25.58
N ARG E 46 23.95 19.10 25.11
CA ARG E 46 23.00 19.60 24.09
C ARG E 46 22.13 20.69 24.72
N ALA E 47 21.57 20.46 25.90
CA ALA E 47 20.73 21.46 26.58
C ALA E 47 21.58 22.71 26.91
N LYS E 48 22.81 22.52 27.40
CA LYS E 48 23.76 23.61 27.72
C LYS E 48 24.01 24.42 26.45
N PHE E 49 24.22 23.75 25.31
CA PHE E 49 24.39 24.45 24.00
C PHE E 49 23.16 25.35 23.74
N LYS E 50 21.96 24.79 23.67
CA LYS E 50 20.76 25.52 23.19
C LYS E 50 20.41 26.64 24.16
N GLY E 51 20.55 26.42 25.47
CA GLY E 51 20.35 27.47 26.48
C GLY E 51 21.20 28.69 26.10
N GLU E 52 22.51 28.51 25.99
CA GLU E 52 23.49 29.59 25.69
C GLU E 52 23.09 30.28 24.39
N LEU E 53 22.62 29.50 23.40
CA LEU E 53 22.19 30.04 22.07
C LEU E 53 21.03 31.00 22.33
N MET E 54 19.97 30.59 23.05
CA MET E 54 18.80 31.49 23.22
C MET E 54 19.21 32.74 24.03
N ARG E 55 19.93 32.55 25.14
CA ARG E 55 20.37 33.64 26.05
C ARG E 55 21.23 34.63 25.24
N SER E 56 22.17 34.18 24.42
CA SER E 56 23.00 35.09 23.60
C SER E 56 22.13 35.82 22.58
N LEU E 57 21.04 35.21 22.10
CA LEU E 57 20.15 35.76 21.02
C LEU E 57 19.20 36.81 21.60
N GLY E 58 18.77 36.66 22.86
CA GLY E 58 17.86 37.58 23.59
C GLY E 58 16.49 37.66 22.95
N GLY E 59 15.57 38.49 23.48
CA GLY E 59 14.20 38.65 22.96
C GLY E 59 13.28 37.46 23.25
N VAL E 60 13.71 36.57 24.15
CA VAL E 60 12.93 35.33 24.47
C VAL E 60 12.87 35.08 25.99
N ALA E 61 11.73 34.53 26.43
CA ALA E 61 11.43 34.11 27.83
C ALA E 61 11.15 32.59 27.94
N ALA E 62 10.77 31.94 26.86
CA ALA E 62 10.54 30.48 26.76
C ALA E 62 10.87 30.06 25.33
N THR E 63 11.70 29.02 25.19
CA THR E 63 11.99 28.27 23.93
C THR E 63 11.57 26.81 24.04
N SER E 64 10.50 26.39 23.35
CA SER E 64 10.12 24.96 23.16
C SER E 64 11.31 24.15 22.60
N SER E 65 11.77 23.17 23.39
CA SER E 65 12.99 22.37 23.19
C SER E 65 12.57 20.91 23.04
N LEU E 66 12.84 20.34 21.87
CA LEU E 66 12.47 18.93 21.56
C LEU E 66 13.42 17.95 22.27
N LEU E 67 12.86 17.05 23.04
CA LEU E 67 13.57 15.90 23.65
C LEU E 67 12.85 14.63 23.18
N GLY E 68 13.50 13.77 22.39
CA GLY E 68 12.88 12.50 22.00
C GLY E 68 12.97 11.47 23.10
N VAL E 69 11.93 10.64 23.24
CA VAL E 69 11.99 9.48 24.13
C VAL E 69 11.50 8.32 23.32
N PRO E 70 12.44 7.77 22.54
CA PRO E 70 12.08 6.72 21.60
C PRO E 70 11.86 5.41 22.35
N LEU E 71 10.70 5.24 22.97
CA LEU E 71 10.34 4.04 23.77
C LEU E 71 9.00 3.47 23.29
N GLY E 72 8.90 2.19 23.06
CA GLY E 72 7.64 1.60 22.63
C GLY E 72 7.31 0.31 23.31
N HIS E 73 8.19 -0.15 24.20
CA HIS E 73 8.05 -1.48 24.88
C HIS E 73 6.93 -1.48 25.92
N HIS E 74 6.41 -0.32 26.26
CA HIS E 74 5.29 -0.29 27.22
C HIS E 74 3.98 -0.34 26.45
N SER E 75 4.04 -0.51 25.13
CA SER E 75 2.86 -0.59 24.25
C SER E 75 2.23 -1.97 24.41
N SER E 76 0.93 -2.06 24.23
CA SER E 76 0.13 -3.29 24.38
C SER E 76 -0.15 -3.95 23.04
N PHE E 77 0.22 -3.35 21.89
CA PHE E 77 -0.16 -3.89 20.57
C PHE E 77 1.00 -3.84 19.56
N HIS E 78 1.67 -2.69 19.38
CA HIS E 78 2.77 -2.48 18.42
C HIS E 78 3.72 -1.45 19.05
N GLU E 79 5.04 -1.61 18.88
CA GLU E 79 6.10 -0.76 19.53
C GLU E 79 6.70 0.27 18.59
N GLY E 80 6.14 0.40 17.40
CA GLY E 80 6.67 1.25 16.31
C GLY E 80 6.70 2.73 16.63
N SER E 81 6.05 3.19 17.71
CA SER E 81 6.23 4.57 18.17
C SER E 81 7.64 4.80 18.66
N ALA E 82 8.39 3.76 18.99
CA ALA E 82 9.82 3.94 19.32
C ALA E 82 10.55 4.72 18.19
N PHE E 83 10.11 4.60 16.91
CA PHE E 83 10.86 5.21 15.77
C PHE E 83 10.31 6.62 15.43
N ALA E 84 9.42 7.22 16.24
CA ALA E 84 8.72 8.44 15.80
C ALA E 84 9.63 9.66 15.90
N PRO E 85 10.40 9.90 16.98
CA PRO E 85 11.00 11.23 17.13
C PRO E 85 11.76 11.75 15.89
N PRO E 86 12.74 11.00 15.31
CA PRO E 86 13.43 11.46 14.11
C PRO E 86 12.48 11.77 12.96
N ARG E 87 11.47 10.95 12.77
CA ARG E 87 10.50 11.10 11.66
CA ARG E 87 10.49 11.10 11.66
C ARG E 87 9.72 12.41 11.84
N ILE E 88 9.31 12.69 13.08
CA ILE E 88 8.55 13.93 13.39
C ILE E 88 9.50 15.11 13.15
N ARG E 89 10.71 15.08 13.67
CA ARG E 89 11.64 16.24 13.42
C ARG E 89 11.85 16.46 11.91
N GLU E 90 11.96 15.39 11.13
CA GLU E 90 12.13 15.59 9.66
C GLU E 90 10.88 16.24 9.06
N ALA E 91 9.67 15.91 9.51
CA ALA E 91 8.46 16.54 8.92
C ALA E 91 8.32 17.99 9.40
N ILE E 92 8.98 18.39 10.49
CA ILE E 92 8.88 19.77 11.06
C ILE E 92 9.62 20.68 10.10
N TRP E 93 10.85 20.31 9.75
CA TRP E 93 11.72 21.10 8.86
C TRP E 93 11.67 20.64 7.39
N CYS E 94 10.69 19.82 6.96
CA CYS E 94 10.33 19.61 5.52
C CYS E 94 9.41 20.74 5.07
N THR E 97 5.32 22.09 2.28
CA THR E 97 4.85 22.84 3.48
C THR E 97 5.58 24.17 3.61
N ASN E 98 5.14 25.02 4.53
CA ASN E 98 5.74 26.36 4.75
C ASN E 98 6.62 26.29 6.02
N SER E 99 6.98 27.45 6.58
CA SER E 99 7.92 27.64 7.72
C SER E 99 7.32 28.61 8.73
N THR E 100 6.00 28.79 8.70
CA THR E 100 5.32 29.72 9.65
C THR E 100 4.17 28.98 10.35
N THR E 101 4.10 29.13 11.68
CA THR E 101 3.03 28.49 12.51
C THR E 101 1.72 29.17 12.16
N GLU E 102 0.57 28.51 12.41
CA GLU E 102 -0.75 29.02 11.98
C GLU E 102 -0.90 30.48 12.42
N GLU E 103 -0.32 30.87 13.56
CA GLU E 103 -0.47 32.23 14.14
C GLU E 103 0.82 33.03 13.88
N GLY E 104 1.60 32.62 12.88
CA GLY E 104 2.65 33.43 12.24
C GLY E 104 3.98 33.38 12.98
N LYS E 105 4.23 32.35 13.80
CA LYS E 105 5.56 32.19 14.42
C LYS E 105 6.50 31.54 13.39
N ASN E 106 7.72 32.07 13.32
CA ASN E 106 8.72 31.71 12.29
C ASN E 106 9.57 30.58 12.87
N LEU E 107 9.34 29.35 12.39
CA LEU E 107 9.99 28.14 12.95
C LEU E 107 11.47 28.08 12.52
N ARG E 108 11.99 28.94 11.65
CA ARG E 108 13.45 28.98 11.41
C ARG E 108 14.10 29.83 12.52
N ASP E 109 13.30 30.49 13.35
CA ASP E 109 13.82 31.19 14.55
C ASP E 109 14.03 30.12 15.63
N PRO E 110 15.27 29.95 16.11
CA PRO E 110 15.60 28.94 17.12
C PRO E 110 14.93 29.22 18.46
N ARG E 111 14.53 30.47 18.69
CA ARG E 111 13.88 30.86 19.96
C ARG E 111 12.46 30.35 19.99
N VAL E 112 11.89 29.99 18.85
CA VAL E 112 10.49 29.48 18.70
C VAL E 112 10.50 27.96 18.90
N ILE E 113 11.44 27.25 18.28
CA ILE E 113 11.57 25.79 18.52
C ILE E 113 13.01 25.37 18.23
N THR E 114 13.53 24.42 19.01
CA THR E 114 14.93 23.94 18.91
C THR E 114 14.99 22.47 19.34
N ASN E 115 15.87 21.70 18.75
CA ASN E 115 16.05 20.26 19.06
C ASN E 115 17.15 20.16 20.11
N VAL E 116 16.89 19.48 21.22
CA VAL E 116 17.96 19.03 22.14
C VAL E 116 18.53 17.69 21.66
N GLY E 117 17.71 16.66 21.53
CA GLY E 117 18.21 15.32 21.17
C GLY E 117 17.27 14.23 21.67
N ASP E 118 17.67 12.96 21.45
CA ASP E 118 16.94 11.76 21.92
C ASP E 118 17.71 11.10 23.07
N VAL E 119 16.95 10.70 24.08
CA VAL E 119 17.42 9.75 25.12
C VAL E 119 17.63 8.38 24.50
N PRO E 120 18.84 7.79 24.63
CA PRO E 120 19.15 6.58 23.89
C PRO E 120 18.59 5.34 24.58
N ILE E 121 17.28 5.14 24.39
CA ILE E 121 16.48 4.20 25.21
C ILE E 121 16.97 2.77 24.97
N GLU E 122 17.07 2.37 23.70
CA GLU E 122 17.49 1.02 23.20
C GLU E 122 18.84 0.68 23.87
N GLU E 123 19.80 1.61 23.83
CA GLU E 123 21.19 1.41 24.33
C GLU E 123 21.21 1.36 25.86
N ILE E 124 20.32 2.03 26.56
CA ILE E 124 20.25 1.96 28.06
C ILE E 124 19.54 0.65 28.41
N ARG E 125 18.45 0.28 27.74
CA ARG E 125 17.74 -1.00 28.05
C ARG E 125 18.66 -2.22 27.84
N ASP E 126 19.50 -2.15 26.81
CA ASP E 126 20.41 -3.24 26.41
C ASP E 126 21.57 -3.40 27.43
N CYS E 127 21.71 -2.54 28.44
CA CYS E 127 22.59 -2.74 29.64
C CYS E 127 21.86 -3.43 30.82
N GLY E 128 20.58 -3.81 30.67
CA GLY E 128 19.83 -4.58 31.67
C GLY E 128 19.09 -3.68 32.65
N VAL E 129 19.05 -2.37 32.40
CA VAL E 129 18.35 -1.34 33.23
C VAL E 129 16.85 -1.69 33.31
N ASP E 130 16.22 -1.59 34.46
CA ASP E 130 14.79 -1.98 34.59
C ASP E 130 13.93 -0.75 34.34
N ASP E 131 12.61 -0.93 34.29
CA ASP E 131 11.65 0.11 33.90
C ASP E 131 11.70 1.30 34.86
N LYS E 132 11.78 1.03 36.17
CA LYS E 132 11.89 2.09 37.19
C LYS E 132 13.15 2.93 36.94
N ARG E 133 14.30 2.33 36.73
CA ARG E 133 15.54 3.14 36.51
C ARG E 133 15.38 3.90 35.18
N LEU E 134 14.62 3.37 34.26
CA LEU E 134 14.46 3.96 32.92
C LEU E 134 13.59 5.21 33.04
N ALA E 135 12.48 5.09 33.77
CA ALA E 135 11.60 6.23 34.15
C ALA E 135 12.49 7.32 34.78
N ASN E 136 13.41 6.93 35.65
CA ASN E 136 14.30 7.92 36.30
C ASN E 136 15.17 8.62 35.26
N VAL E 137 15.74 7.86 34.33
CA VAL E 137 16.63 8.48 33.30
C VAL E 137 15.85 9.52 32.48
N ILE E 138 14.61 9.18 32.15
CA ILE E 138 13.68 10.08 31.40
C ILE E 138 13.43 11.37 32.20
N SER E 139 13.04 11.21 33.46
CA SER E 139 12.82 12.35 34.41
C SER E 139 14.04 13.29 34.50
N GLU E 140 15.23 12.72 34.75
CA GLU E 140 16.52 13.46 34.78
C GLU E 140 16.77 14.16 33.44
N SER E 141 16.49 13.53 32.30
CA SER E 141 16.74 14.19 31.00
C SER E 141 15.88 15.46 30.90
N VAL E 142 14.59 15.36 31.25
CA VAL E 142 13.66 16.52 31.19
C VAL E 142 14.21 17.62 32.13
N LYS E 143 14.70 17.27 33.33
CA LYS E 143 15.27 18.25 34.31
C LYS E 143 16.51 18.95 33.73
N LEU E 144 17.36 18.20 33.03
CA LEU E 144 18.54 18.80 32.37
C LEU E 144 18.10 19.90 31.40
N VAL E 145 16.98 19.71 30.72
CA VAL E 145 16.46 20.71 29.73
C VAL E 145 15.99 21.97 30.49
N MET E 146 15.13 21.75 31.48
CA MET E 146 14.53 22.79 32.35
C MET E 146 15.63 23.57 33.10
N ASP E 147 16.77 22.97 33.42
CA ASP E 147 17.84 23.67 34.21
C ASP E 147 18.44 24.78 33.36
N GLU E 148 18.19 24.76 32.04
CA GLU E 148 18.77 25.73 31.07
C GLU E 148 17.72 26.78 30.65
N ASP E 149 17.70 27.92 31.32
CA ASP E 149 16.83 29.04 30.91
C ASP E 149 17.24 29.50 29.49
N PRO E 150 16.28 29.71 28.58
CA PRO E 150 14.85 29.61 28.83
C PRO E 150 14.17 28.42 28.14
N LEU E 151 14.83 27.28 28.16
CA LEU E 151 14.26 26.07 27.54
C LEU E 151 13.10 25.52 28.36
N ARG E 152 12.01 25.19 27.69
CA ARG E 152 10.88 24.37 28.21
C ARG E 152 10.78 23.05 27.44
N PRO E 153 10.59 21.89 28.09
CA PRO E 153 10.62 20.60 27.40
C PRO E 153 9.33 20.33 26.60
N LEU E 154 9.50 20.12 25.29
CA LEU E 154 8.49 19.53 24.38
C LEU E 154 9.00 18.16 23.96
N VAL E 155 8.40 17.12 24.50
CA VAL E 155 8.90 15.72 24.40
C VAL E 155 8.23 15.01 23.23
N LEU E 156 9.04 14.32 22.44
CA LEU E 156 8.48 13.51 21.35
C LEU E 156 8.50 12.07 21.84
N GLY E 157 7.33 11.43 21.87
CA GLY E 157 7.26 9.97 21.96
C GLY E 157 7.51 9.27 20.62
N GLY E 158 7.59 7.93 20.68
CA GLY E 158 7.46 7.22 21.95
C GLY E 158 5.99 6.94 22.30
N ASP E 159 5.74 5.87 23.06
CA ASP E 159 4.38 5.52 23.54
C ASP E 159 4.01 6.41 24.75
N HIS E 160 2.74 6.41 25.10
CA HIS E 160 2.20 7.37 26.12
C HIS E 160 2.77 7.14 27.53
N SER E 161 3.42 5.99 27.78
CA SER E 161 4.02 5.65 29.11
C SER E 161 4.98 6.76 29.54
N ILE E 162 5.57 7.49 28.60
CA ILE E 162 6.66 8.48 28.92
C ILE E 162 6.09 9.72 29.60
N SER E 163 4.79 9.99 29.47
CA SER E 163 4.17 11.19 30.09
C SER E 163 4.30 11.14 31.64
N PHE E 164 4.26 9.95 32.25
CA PHE E 164 4.43 9.83 33.70
C PHE E 164 5.79 10.46 34.08
N PRO E 165 6.93 9.90 33.66
CA PRO E 165 8.22 10.43 34.14
C PRO E 165 8.46 11.90 33.74
N VAL E 166 7.87 12.33 32.61
CA VAL E 166 8.02 13.74 32.13
C VAL E 166 7.27 14.66 33.08
N VAL E 167 5.99 14.40 33.28
CA VAL E 167 5.16 15.27 34.13
C VAL E 167 5.71 15.25 35.56
N ARG E 168 6.12 14.09 36.07
CA ARG E 168 6.72 14.00 37.42
C ARG E 168 7.94 14.97 37.44
N ALA E 169 8.80 14.92 36.43
CA ALA E 169 10.00 15.77 36.42
C ALA E 169 9.58 17.26 36.39
N VAL E 170 8.60 17.61 35.57
CA VAL E 170 8.17 19.03 35.45
C VAL E 170 7.66 19.48 36.82
N SER E 171 6.77 18.69 37.45
CA SER E 171 6.20 18.92 38.80
C SER E 171 7.30 19.07 39.89
N GLU E 172 8.26 18.17 39.97
CA GLU E 172 9.40 18.26 40.93
C GLU E 172 10.23 19.53 40.67
N LYS E 173 10.65 19.82 39.46
CA LYS E 173 11.51 20.99 39.21
C LYS E 173 10.73 22.30 39.48
N LEU E 174 9.42 22.35 39.24
CA LEU E 174 8.63 23.61 39.40
C LEU E 174 8.16 23.77 40.85
N GLY E 175 8.18 22.69 41.64
CA GLY E 175 7.94 22.72 43.09
C GLY E 175 6.48 22.54 43.41
N GLY E 176 5.69 21.87 42.55
CA GLY E 176 4.25 21.67 42.81
C GLY E 176 3.53 21.10 41.60
N ALA E 177 2.22 21.24 41.58
CA ALA E 177 1.35 20.61 40.56
C ALA E 177 1.19 21.53 39.34
N VAL E 178 0.74 20.90 38.25
CA VAL E 178 0.31 21.52 36.98
C VAL E 178 -1.13 21.06 36.70
N ASP E 179 -1.80 21.81 35.83
CA ASP E 179 -3.05 21.38 35.17
C ASP E 179 -2.62 20.75 33.82
N ILE E 180 -3.34 19.72 33.36
CA ILE E 180 -3.02 18.97 32.11
C ILE E 180 -4.21 19.07 31.16
N LEU E 181 -3.91 19.43 29.92
CA LEU E 181 -4.80 19.16 28.78
C LEU E 181 -4.22 17.97 28.03
N HIS E 182 -5.08 16.95 27.85
CA HIS E 182 -4.75 15.60 27.39
C HIS E 182 -5.72 15.26 26.27
N PHE E 183 -5.18 15.16 25.05
CA PHE E 183 -5.93 14.61 23.91
C PHE E 183 -5.64 13.11 23.72
N ASP E 184 -6.66 12.29 23.57
CA ASP E 184 -6.44 10.84 23.42
C ASP E 184 -7.76 10.18 23.03
N ALA E 185 -7.76 9.01 22.41
CA ALA E 185 -8.99 8.19 22.32
C ALA E 185 -9.24 7.45 23.65
N HIS E 186 -8.20 7.28 24.44
CA HIS E 186 -8.14 6.39 25.66
C HIS E 186 -7.87 7.21 26.87
N PRO E 187 -8.48 6.96 28.04
CA PRO E 187 -8.14 7.74 29.21
C PRO E 187 -6.74 7.55 29.81
N ASP E 188 -6.17 6.36 29.64
CA ASP E 188 -4.80 6.04 30.14
C ASP E 188 -4.77 6.14 31.67
N LEU E 189 -5.85 5.64 32.29
CA LEU E 189 -6.12 5.74 33.75
C LEU E 189 -6.27 4.36 34.38
N TYR E 190 -5.79 3.29 33.71
CA TYR E 190 -5.80 1.93 34.28
C TYR E 190 -4.90 1.89 35.47
N HIS E 191 -5.42 1.37 36.60
CA HIS E 191 -4.63 1.20 37.84
C HIS E 191 -3.59 0.11 37.56
N ASP E 192 -4.04 -0.99 36.99
CA ASP E 192 -3.21 -2.20 36.72
C ASP E 192 -3.47 -2.63 35.28
N PHE E 193 -2.57 -2.34 34.35
CA PHE E 193 -2.74 -2.89 32.99
C PHE E 193 -1.81 -4.08 32.81
N GLU E 194 -2.38 -5.29 32.94
CA GLU E 194 -1.66 -6.58 32.78
C GLU E 194 -0.39 -6.62 33.62
N GLY E 195 -0.41 -6.14 34.86
CA GLY E 195 0.79 -6.23 35.71
C GLY E 195 1.90 -5.27 35.30
N ASN E 196 1.70 -4.42 34.29
CA ASN E 196 2.75 -3.46 33.84
C ASN E 196 2.43 -2.09 34.42
N TYR E 197 3.01 -1.79 35.59
CA TYR E 197 2.94 -0.46 36.25
C TYR E 197 3.23 0.64 35.23
N TYR E 198 4.17 0.36 34.28
CA TYR E 198 4.68 1.37 33.32
C TYR E 198 3.89 1.25 31.99
N SER E 199 2.78 0.55 31.94
CA SER E 199 1.96 0.43 30.70
C SER E 199 1.70 1.82 30.09
N HIS E 200 1.71 1.97 28.77
CA HIS E 200 1.17 3.18 28.07
C HIS E 200 -0.34 3.41 28.32
N ALA E 201 -1.02 2.48 29.00
CA ALA E 201 -2.45 2.54 29.29
C ALA E 201 -2.65 2.99 30.75
N SER E 202 -1.57 3.41 31.43
CA SER E 202 -1.54 3.73 32.89
C SER E 202 -0.80 5.02 33.25
N PRO E 203 -0.18 5.82 32.36
CA PRO E 203 0.61 6.97 32.83
C PRO E 203 -0.19 8.02 33.63
N PHE E 204 -1.49 8.18 33.34
CA PHE E 204 -2.27 9.27 34.02
C PHE E 204 -2.75 8.73 35.35
N ALA E 205 -2.90 7.41 35.52
CA ALA E 205 -3.08 6.83 36.85
C ALA E 205 -1.80 7.15 37.67
N ARG E 206 -0.59 6.88 37.15
CA ARG E 206 0.66 7.14 37.92
C ARG E 206 0.71 8.62 38.28
N ILE E 207 0.40 9.50 37.33
CA ILE E 207 0.45 10.97 37.51
C ILE E 207 -0.52 11.37 38.64
N MET E 208 -1.80 10.93 38.62
CA MET E 208 -2.79 11.34 39.64
C MET E 208 -2.40 10.73 41.01
N GLU E 209 -1.97 9.46 41.08
CA GLU E 209 -1.52 8.76 42.30
C GLU E 209 -0.47 9.62 43.00
N GLY E 210 0.46 10.21 42.26
CA GLY E 210 1.60 10.99 42.79
C GLY E 210 1.20 12.45 42.96
N GLY E 211 -0.02 12.83 42.60
CA GLY E 211 -0.47 14.22 42.86
C GLY E 211 0.29 15.27 42.04
N TYR E 212 0.86 14.93 40.87
CA TYR E 212 1.63 15.87 40.03
C TYR E 212 0.71 16.80 39.25
N ALA E 213 -0.55 16.41 39.06
CA ALA E 213 -1.57 17.21 38.36
C ALA E 213 -2.73 17.49 39.29
N ARG E 214 -3.30 18.69 39.17
CA ARG E 214 -4.58 19.09 39.82
C ARG E 214 -5.72 18.71 38.87
N ARG E 215 -5.95 19.53 37.85
CA ARG E 215 -6.99 19.28 36.82
C ARG E 215 -6.40 18.42 35.70
N LEU E 216 -7.23 17.54 35.13
CA LEU E 216 -6.85 16.68 34.00
C LEU E 216 -8.06 16.69 33.10
N VAL E 217 -7.93 17.46 32.02
CA VAL E 217 -8.97 17.71 30.99
C VAL E 217 -8.62 16.79 29.82
N GLN E 218 -9.47 15.80 29.54
CA GLN E 218 -9.26 14.79 28.51
C GLN E 218 -10.22 15.12 27.39
N VAL E 219 -9.70 15.13 26.19
CA VAL E 219 -10.50 15.41 24.97
C VAL E 219 -10.21 14.31 23.95
N GLY E 220 -11.27 13.76 23.37
CA GLY E 220 -11.24 12.82 22.26
C GLY E 220 -11.64 11.42 22.70
N ILE E 221 -11.99 11.28 23.96
CA ILE E 221 -12.16 9.95 24.61
C ILE E 221 -13.35 9.20 23.97
N ARG E 222 -13.13 7.94 23.62
CA ARG E 222 -14.18 7.10 22.96
C ARG E 222 -13.97 5.61 23.22
N SER E 223 -12.86 5.25 23.86
CA SER E 223 -12.57 3.87 24.33
C SER E 223 -12.36 3.97 25.86
N ILE E 224 -13.34 3.56 26.63
CA ILE E 224 -13.27 3.69 28.12
C ILE E 224 -14.07 2.58 28.81
N THR E 225 -13.39 1.86 29.71
CA THR E 225 -14.00 0.75 30.49
C THR E 225 -14.68 1.33 31.73
N ASN E 226 -15.63 0.59 32.28
CA ASN E 226 -16.37 0.93 33.51
C ASN E 226 -15.45 1.02 34.73
N ASP E 227 -14.41 0.21 34.88
CA ASP E 227 -13.46 0.42 36.01
C ASP E 227 -12.71 1.73 35.83
N VAL E 228 -12.47 2.19 34.59
CA VAL E 228 -11.70 3.44 34.39
C VAL E 228 -12.60 4.65 34.70
N ARG E 229 -13.92 4.54 34.52
CA ARG E 229 -14.89 5.61 34.91
C ARG E 229 -14.75 5.82 36.43
N GLU E 230 -14.50 4.76 37.22
CA GLU E 230 -14.30 4.86 38.71
C GLU E 230 -13.00 5.62 39.01
N GLN E 231 -11.96 5.39 38.22
CA GLN E 231 -10.70 6.20 38.28
C GLN E 231 -10.97 7.67 37.98
N VAL E 232 -11.84 7.95 37.01
CA VAL E 232 -12.22 9.33 36.58
C VAL E 232 -12.84 9.99 37.82
N LYS E 233 -13.85 9.32 38.39
CA LYS E 233 -14.53 9.74 39.67
C LYS E 233 -13.46 9.91 40.75
N LYS E 234 -12.64 8.88 40.98
CA LYS E 234 -11.65 8.93 42.10
C LYS E 234 -10.79 10.19 42.01
N TYR E 235 -10.27 10.57 40.84
CA TYR E 235 -9.31 11.71 40.78
C TYR E 235 -9.95 13.04 40.35
N GLY E 236 -11.25 13.13 40.14
CA GLY E 236 -11.93 14.35 39.68
C GLY E 236 -11.48 14.73 38.28
N VAL E 237 -11.19 13.73 37.43
CA VAL E 237 -10.81 13.97 36.01
C VAL E 237 -12.00 14.57 35.22
N GLU E 238 -11.72 15.59 34.43
CA GLU E 238 -12.70 16.18 33.48
C GLU E 238 -12.55 15.47 32.12
N THR E 239 -13.26 14.35 31.99
CA THR E 239 -13.17 13.43 30.85
C THR E 239 -14.28 13.78 29.84
N HIS E 240 -13.91 14.31 28.67
CA HIS E 240 -14.86 14.66 27.62
C HIS E 240 -14.84 13.55 26.59
N GLU E 241 -15.95 12.87 26.46
CA GLU E 241 -16.17 11.80 25.44
C GLU E 241 -16.62 12.39 24.10
N MET E 242 -16.19 11.75 23.04
CA MET E 242 -16.65 12.10 21.67
C MET E 242 -18.18 12.14 21.62
N ARG E 243 -18.92 11.34 22.37
CA ARG E 243 -20.39 11.32 22.18
C ARG E 243 -21.02 12.59 22.79
N THR E 244 -20.26 13.49 23.46
CA THR E 244 -20.76 14.81 23.96
C THR E 244 -19.98 15.98 23.33
N LEU E 245 -19.20 15.72 22.26
CA LEU E 245 -18.31 16.77 21.73
C LEU E 245 -19.17 17.96 21.28
N SER E 246 -20.33 17.76 20.65
CA SER E 246 -21.07 18.92 20.13
C SER E 246 -21.54 19.81 21.30
N ARG E 247 -21.87 19.21 22.43
CA ARG E 247 -22.38 19.98 23.60
C ARG E 247 -21.17 20.65 24.25
N ASP E 248 -19.98 20.05 24.15
CA ASP E 248 -18.74 20.44 24.87
C ASP E 248 -17.94 21.51 24.14
N ARG E 249 -18.18 21.72 22.85
CA ARG E 249 -17.34 22.55 21.96
C ARG E 249 -17.02 23.92 22.56
N PRO E 250 -18.06 24.68 23.00
CA PRO E 250 -17.85 26.04 23.51
C PRO E 250 -16.89 26.08 24.72
N ILE E 251 -17.04 25.07 25.57
CA ILE E 251 -16.21 24.86 26.80
C ILE E 251 -14.77 24.54 26.42
N LEU E 252 -14.61 23.62 25.50
CA LEU E 252 -13.28 23.10 25.11
C LEU E 252 -12.60 24.21 24.27
N GLU E 253 -13.37 25.06 23.59
CA GLU E 253 -12.76 26.13 22.80
C GLU E 253 -12.48 27.35 23.68
N ASN E 254 -12.72 27.26 25.00
CA ASN E 254 -12.49 28.36 25.97
C ASN E 254 -11.81 27.85 27.25
N LEU E 255 -10.90 26.89 27.15
CA LEU E 255 -10.25 26.38 28.37
C LEU E 255 -9.27 27.41 28.91
N LYS E 256 -9.21 27.48 30.22
CA LYS E 256 -8.28 28.34 30.99
C LYS E 256 -7.70 27.48 32.12
N LEU E 257 -6.41 27.21 32.12
CA LEU E 257 -5.81 26.23 33.05
C LEU E 257 -4.63 26.90 33.73
N GLY E 258 -4.20 26.33 34.86
CA GLY E 258 -2.94 26.67 35.55
C GLY E 258 -3.09 27.67 36.68
N GLU E 259 -4.19 28.42 36.76
CA GLU E 259 -4.29 29.52 37.79
C GLU E 259 -4.38 28.89 39.18
N GLY E 260 -3.43 29.23 40.03
CA GLY E 260 -3.33 28.63 41.36
C GLY E 260 -2.28 27.54 41.42
N VAL E 261 -1.75 27.05 40.30
CA VAL E 261 -0.76 25.95 40.35
C VAL E 261 0.44 26.37 39.50
N LYS E 262 1.39 25.48 39.26
CA LYS E 262 2.69 25.89 38.68
C LYS E 262 2.53 26.09 37.17
N GLY E 263 1.47 25.54 36.58
CA GLY E 263 1.23 25.79 35.17
C GLY E 263 0.46 24.67 34.50
N VAL E 264 0.66 24.62 33.17
CA VAL E 264 -0.14 23.81 32.21
C VAL E 264 0.81 22.95 31.38
N TYR E 265 0.49 21.66 31.34
CA TYR E 265 1.20 20.62 30.59
C TYR E 265 0.20 20.12 29.54
N VAL E 266 0.61 20.07 28.28
CA VAL E 266 -0.28 19.58 27.19
C VAL E 266 0.26 18.25 26.65
N SER E 267 -0.51 17.19 26.78
CA SER E 267 -0.20 15.82 26.25
C SER E 267 -1.05 15.56 25.02
N ILE E 268 -0.42 15.38 23.87
CA ILE E 268 -1.13 15.03 22.60
C ILE E 268 -0.80 13.61 22.14
N ASP E 269 -1.78 12.71 22.27
CA ASP E 269 -1.73 11.32 21.74
C ASP E 269 -2.31 11.44 20.35
N VAL E 270 -1.57 11.00 19.33
CA VAL E 270 -2.00 11.21 17.92
C VAL E 270 -3.27 10.37 17.67
N ASP E 271 -3.55 9.33 18.48
CA ASP E 271 -4.74 8.46 18.22
C ASP E 271 -6.05 9.15 18.68
N SER E 272 -5.98 10.34 19.31
CA SER E 272 -7.14 11.25 19.53
C SER E 272 -7.84 11.61 18.21
N LEU E 273 -7.04 11.78 17.15
CA LEU E 273 -7.52 12.03 15.76
C LEU E 273 -8.13 10.77 15.18
N ASP E 274 -9.19 10.98 14.43
CA ASP E 274 -9.82 9.91 13.63
C ASP E 274 -8.71 9.19 12.83
N PRO E 275 -8.74 7.85 12.74
CA PRO E 275 -7.77 7.09 11.94
C PRO E 275 -7.74 7.43 10.44
N SER E 276 -8.83 7.96 9.90
CA SER E 276 -8.90 8.48 8.53
C SER E 276 -7.83 9.55 8.33
N ILE E 277 -7.48 10.32 9.33
CA ILE E 277 -6.50 11.44 9.13
C ILE E 277 -5.16 11.14 9.82
N ALA E 278 -5.12 10.18 10.72
CA ALA E 278 -3.90 9.78 11.49
C ALA E 278 -3.87 8.26 11.56
N PRO E 279 -3.70 7.59 10.40
CA PRO E 279 -3.57 6.13 10.35
C PRO E 279 -2.26 5.64 10.99
N GLY E 280 -1.25 6.49 11.14
CA GLY E 280 0.07 6.12 11.70
C GLY E 280 0.06 6.09 13.22
N VAL E 281 -0.73 5.20 13.84
CA VAL E 281 -0.75 4.96 15.32
C VAL E 281 -0.95 3.46 15.58
N SER E 282 -0.72 2.96 16.78
CA SER E 282 -0.97 1.53 17.11
C SER E 282 -2.47 1.23 17.28
N HIS E 283 -3.24 2.20 17.76
CA HIS E 283 -4.62 1.95 18.20
C HIS E 283 -5.60 2.78 17.38
N HIS E 284 -6.12 2.19 16.31
CA HIS E 284 -7.19 2.78 15.49
C HIS E 284 -8.50 2.74 16.29
N GLU E 285 -9.12 3.90 16.51
CA GLU E 285 -10.43 4.02 17.16
C GLU E 285 -11.33 4.92 16.31
N PRO E 286 -12.19 4.30 15.48
CA PRO E 286 -13.03 5.06 14.56
C PRO E 286 -13.94 6.04 15.29
N GLY E 287 -14.24 7.19 14.69
CA GLY E 287 -15.05 8.22 15.35
C GLY E 287 -14.24 9.14 16.24
N GLY E 288 -13.06 9.61 15.81
CA GLY E 288 -12.24 10.52 16.61
C GLY E 288 -12.33 12.01 16.22
N LEU E 289 -11.39 12.82 16.70
CA LEU E 289 -11.30 14.24 16.39
C LEU E 289 -10.83 14.50 14.94
N LEU E 290 -11.29 15.60 14.35
CA LEU E 290 -10.67 16.18 13.14
C LEU E 290 -9.53 17.10 13.59
N PHE E 291 -8.69 17.50 12.65
CA PHE E 291 -7.41 18.22 12.90
C PHE E 291 -7.72 19.56 13.54
N ARG E 292 -8.80 20.20 13.09
CA ARG E 292 -9.27 21.54 13.54
C ARG E 292 -9.71 21.42 15.00
N ASP E 293 -10.30 20.27 15.35
CA ASP E 293 -10.82 20.08 16.73
C ASP E 293 -9.62 20.35 17.65
N ILE E 294 -8.52 19.68 17.42
CA ILE E 294 -7.36 19.86 18.32
C ILE E 294 -6.84 21.29 18.17
N LEU E 295 -6.67 21.77 16.94
CA LEU E 295 -6.05 23.10 16.71
C LEU E 295 -6.86 24.21 17.37
N ASN E 296 -8.19 24.16 17.26
CA ASN E 296 -9.04 25.23 17.86
C ASN E 296 -8.85 25.21 19.37
N ILE E 297 -8.78 24.02 19.95
CA ILE E 297 -8.65 23.82 21.42
C ILE E 297 -7.28 24.29 21.85
N LEU E 298 -6.24 23.84 21.20
CA LEU E 298 -4.86 24.20 21.60
C LEU E 298 -4.65 25.70 21.46
N GLN E 299 -5.12 26.30 20.36
CA GLN E 299 -4.83 27.72 20.05
C GLN E 299 -5.56 28.66 21.01
N ASN E 300 -6.75 28.27 21.46
CA ASN E 300 -7.57 29.18 22.31
C ASN E 300 -7.17 28.98 23.78
N LEU E 301 -6.39 27.97 24.11
CA LEU E 301 -6.09 27.58 25.51
C LEU E 301 -5.41 28.77 26.21
N GLN E 302 -5.85 29.08 27.43
CA GLN E 302 -5.19 30.08 28.33
C GLN E 302 -4.51 29.33 29.49
N GLY E 303 -3.32 29.82 29.88
CA GLY E 303 -2.46 29.37 31.00
C GLY E 303 -0.99 29.45 30.62
N ASP E 304 -0.08 29.43 31.60
CA ASP E 304 1.39 29.35 31.41
C ASP E 304 1.78 27.88 31.12
N ILE E 305 2.04 27.57 29.85
CA ILE E 305 2.47 26.23 29.34
C ILE E 305 3.92 26.03 29.73
N VAL E 306 4.18 25.07 30.61
CA VAL E 306 5.54 24.78 31.13
C VAL E 306 6.11 23.54 30.46
N GLY E 307 5.30 22.78 29.71
CA GLY E 307 5.72 21.47 29.19
C GLY E 307 4.65 20.83 28.32
N GLY E 308 5.08 19.88 27.50
CA GLY E 308 4.09 19.09 26.77
C GLY E 308 4.75 17.95 26.03
N ASP E 309 3.91 17.12 25.39
CA ASP E 309 4.39 15.93 24.61
C ASP E 309 3.49 15.71 23.39
N VAL E 310 4.07 15.16 22.32
CA VAL E 310 3.32 14.49 21.22
C VAL E 310 3.78 13.02 21.15
N VAL E 311 2.82 12.08 21.20
CA VAL E 311 3.14 10.66 21.50
C VAL E 311 2.25 9.77 20.64
N GLU E 312 2.73 8.52 20.46
CA GLU E 312 1.98 7.42 19.82
C GLU E 312 1.91 7.60 18.30
N TYR E 313 2.71 8.51 17.71
CA TYR E 313 2.99 8.44 16.25
C TYR E 313 3.79 7.16 16.03
N ASN E 314 3.24 6.25 15.20
CA ASN E 314 3.82 4.94 14.79
C ASN E 314 4.18 5.02 13.32
N PRO E 315 5.46 5.34 12.93
CA PRO E 315 5.83 5.38 11.51
C PRO E 315 5.60 4.07 10.75
N GLN E 316 5.71 2.94 11.42
CA GLN E 316 5.52 1.63 10.78
C GLN E 316 4.06 1.40 10.39
N ARG E 317 3.11 2.24 10.80
CA ARG E 317 1.68 2.01 10.44
C ARG E 317 1.15 3.21 9.66
N ASP E 318 2.04 4.11 9.29
CA ASP E 318 1.66 5.29 8.50
C ASP E 318 1.48 4.84 7.03
N THR E 319 0.89 5.71 6.21
CA THR E 319 0.75 5.51 4.75
C THR E 319 2.10 5.78 4.11
N TYR E 320 2.26 5.36 2.87
CA TYR E 320 3.55 5.56 2.16
C TYR E 320 3.91 7.04 2.10
N ASP E 321 2.94 7.94 2.09
CA ASP E 321 3.24 9.39 1.95
C ASP E 321 3.68 9.98 3.29
N GLY E 322 3.64 9.24 4.41
CA GLY E 322 3.93 9.80 5.74
C GLY E 322 2.97 10.92 6.17
N ILE E 323 1.66 10.81 5.94
CA ILE E 323 0.67 11.87 6.30
C ILE E 323 0.70 12.07 7.83
N THR E 324 0.74 10.96 8.58
CA THR E 324 0.69 11.02 10.05
C THR E 324 1.94 11.72 10.64
N ALA E 325 3.12 11.52 10.11
CA ALA E 325 4.34 12.30 10.44
C ALA E 325 4.04 13.81 10.19
N LEU E 326 3.31 14.15 9.12
CA LEU E 326 3.07 15.58 8.84
C LEU E 326 2.06 16.15 9.87
N VAL E 327 1.03 15.40 10.15
CA VAL E 327 0.05 15.71 11.20
C VAL E 327 0.79 15.91 12.52
N ALA E 328 1.62 14.96 12.92
CA ALA E 328 2.37 15.01 14.19
C ALA E 328 3.29 16.24 14.20
N ALA E 329 3.98 16.51 13.08
CA ALA E 329 4.82 17.71 12.97
C ALA E 329 3.97 18.99 13.13
N LYS E 330 2.76 19.04 12.57
CA LYS E 330 1.92 20.26 12.67
C LYS E 330 1.48 20.44 14.12
N LEU E 331 1.12 19.34 14.79
CA LEU E 331 0.78 19.32 16.23
C LEU E 331 1.99 19.84 17.00
N VAL E 332 3.17 19.30 16.84
CA VAL E 332 4.38 19.86 17.50
C VAL E 332 4.54 21.38 17.22
N ARG E 333 4.40 21.85 15.98
CA ARG E 333 4.63 23.29 15.66
C ARG E 333 3.63 24.18 16.41
N GLU E 334 2.34 23.80 16.43
CA GLU E 334 1.28 24.54 17.16
C GLU E 334 1.54 24.55 18.67
N LEU E 335 2.00 23.44 19.26
CA LEU E 335 2.27 23.35 20.71
C LEU E 335 3.50 24.22 21.02
N ALA E 336 4.47 24.27 20.10
CA ALA E 336 5.73 25.01 20.25
C ALA E 336 5.42 26.50 20.13
N ALA E 337 4.45 26.86 19.29
CA ALA E 337 4.02 28.28 19.15
C ALA E 337 3.32 28.70 20.45
N LYS E 338 2.44 27.88 21.02
CA LYS E 338 1.79 28.23 22.31
C LYS E 338 2.81 28.35 23.45
N MET E 339 3.80 27.44 23.54
CA MET E 339 4.71 27.36 24.70
C MET E 339 5.87 28.38 24.62
N SER E 340 6.46 28.58 23.45
CA SER E 340 7.53 29.58 23.17
C SER E 340 6.96 31.01 23.29
N LYS E 341 7.76 31.92 23.83
CA LYS E 341 7.37 33.33 24.07
C LYS E 341 8.66 34.08 24.47
N SER F 24 20.52 25.05 -34.70
CA SER F 24 20.15 26.03 -35.77
C SER F 24 19.02 26.95 -35.30
N PRO F 25 19.05 28.27 -35.62
CA PRO F 25 18.01 29.21 -35.18
C PRO F 25 16.66 28.92 -35.84
N ALA F 26 16.61 28.88 -37.19
CA ALA F 26 15.40 28.65 -38.02
C ALA F 26 14.75 27.31 -37.64
N LEU F 27 15.58 26.31 -37.33
CA LEU F 27 15.08 24.91 -37.15
C LEU F 27 14.05 24.88 -36.03
N LEU F 28 14.29 25.59 -34.94
CA LEU F 28 13.36 25.58 -33.78
C LEU F 28 12.18 26.49 -34.12
N GLU F 29 12.47 27.73 -34.55
CA GLU F 29 11.41 28.73 -34.84
C GLU F 29 10.38 28.13 -35.78
N LYS F 30 10.82 27.52 -36.85
CA LYS F 30 9.92 26.91 -37.86
C LYS F 30 9.18 25.72 -37.25
N ALA F 31 9.89 24.83 -36.58
CA ALA F 31 9.23 23.66 -36.00
C ALA F 31 8.19 24.12 -34.98
N GLN F 32 8.60 25.03 -34.09
CA GLN F 32 7.72 25.54 -33.02
C GLN F 32 6.38 25.96 -33.62
N ASN F 33 6.43 26.83 -34.63
CA ASN F 33 5.24 27.38 -35.32
C ASN F 33 4.40 26.28 -35.96
N ARG F 34 5.02 25.40 -36.74
CA ARG F 34 4.29 24.31 -37.41
C ARG F 34 3.74 23.32 -36.37
N VAL F 35 4.51 22.96 -35.37
CA VAL F 35 3.98 22.00 -34.35
C VAL F 35 2.78 22.63 -33.62
N ILE F 36 2.95 23.86 -33.15
CA ILE F 36 1.87 24.57 -32.42
C ILE F 36 0.64 24.69 -33.33
N ASP F 37 0.85 25.08 -34.58
CA ASP F 37 -0.28 25.22 -35.53
C ASP F 37 -1.01 23.89 -35.67
N ALA F 38 -0.29 22.78 -35.85
CA ALA F 38 -0.92 21.45 -35.97
C ALA F 38 -1.65 21.10 -34.66
N ALA F 39 -1.11 21.40 -33.51
CA ALA F 39 -1.80 21.15 -32.21
C ALA F 39 -3.12 21.93 -32.10
N LEU F 40 -3.09 23.21 -32.46
CA LEU F 40 -4.28 24.08 -32.31
C LEU F 40 -5.34 23.67 -33.34
N THR F 41 -4.90 23.18 -34.52
CA THR F 41 -5.78 22.66 -35.60
C THR F 41 -6.54 21.43 -35.10
N PHE F 42 -5.83 20.50 -34.44
CA PHE F 42 -6.46 19.32 -33.80
C PHE F 42 -7.51 19.80 -32.81
N ILE F 43 -7.18 20.77 -31.98
CA ILE F 43 -8.12 21.19 -30.90
C ILE F 43 -9.33 21.85 -31.60
N ARG F 44 -9.09 22.56 -32.72
CA ARG F 44 -10.17 23.29 -33.44
C ARG F 44 -11.12 22.24 -34.00
N GLU F 45 -10.58 21.13 -34.52
CA GLU F 45 -11.42 20.18 -35.28
C GLU F 45 -12.27 19.45 -34.26
N ARG F 46 -11.72 19.16 -33.09
CA ARG F 46 -12.45 18.44 -32.02
C ARG F 46 -13.55 19.33 -31.44
N ALA F 47 -13.21 20.58 -31.13
CA ALA F 47 -14.19 21.62 -30.74
C ALA F 47 -15.31 21.73 -31.78
N LYS F 48 -14.96 21.90 -33.04
CA LYS F 48 -15.98 22.07 -34.11
C LYS F 48 -16.88 20.82 -34.20
N PHE F 49 -16.29 19.64 -34.17
CA PHE F 49 -17.06 18.37 -34.13
C PHE F 49 -18.09 18.36 -32.97
N LYS F 50 -17.68 18.66 -31.74
CA LYS F 50 -18.60 18.62 -30.57
C LYS F 50 -19.65 19.75 -30.64
N GLY F 51 -19.30 20.94 -31.10
CA GLY F 51 -20.30 22.02 -31.30
C GLY F 51 -21.42 21.61 -32.24
N GLU F 52 -21.05 21.05 -33.37
CA GLU F 52 -21.96 20.50 -34.41
C GLU F 52 -22.85 19.46 -33.74
N LEU F 53 -22.26 18.53 -33.01
CA LEU F 53 -23.00 17.47 -32.28
C LEU F 53 -24.08 18.12 -31.42
N MET F 54 -23.71 19.08 -30.60
CA MET F 54 -24.66 19.71 -29.66
C MET F 54 -25.77 20.42 -30.44
N ARG F 55 -25.39 21.19 -31.45
CA ARG F 55 -26.36 22.00 -32.23
C ARG F 55 -27.27 21.05 -33.01
N SER F 56 -26.77 19.88 -33.40
CA SER F 56 -27.60 18.91 -34.14
C SER F 56 -28.62 18.30 -33.18
N LEU F 57 -28.29 18.16 -31.90
CA LEU F 57 -29.21 17.57 -30.90
C LEU F 57 -30.29 18.59 -30.54
N GLY F 58 -29.94 19.85 -30.28
CA GLY F 58 -30.90 20.89 -29.81
C GLY F 58 -31.21 20.78 -28.31
N GLY F 59 -32.09 21.65 -27.80
CA GLY F 59 -32.47 21.71 -26.37
C GLY F 59 -31.26 21.97 -25.49
N VAL F 60 -30.45 23.00 -25.76
CA VAL F 60 -29.19 23.24 -25.01
C VAL F 60 -28.73 24.69 -25.17
N ALA F 61 -28.45 25.33 -24.05
CA ALA F 61 -27.86 26.66 -23.95
C ALA F 61 -26.35 26.54 -23.72
N ALA F 62 -25.91 25.51 -22.97
CA ALA F 62 -24.49 25.40 -22.57
C ALA F 62 -24.11 23.97 -22.32
N THR F 63 -22.95 23.57 -22.84
CA THR F 63 -22.39 22.22 -22.62
C THR F 63 -20.97 22.33 -22.11
N SER F 64 -20.78 21.77 -20.95
CA SER F 64 -19.47 21.63 -20.27
C SER F 64 -18.59 20.74 -21.12
N SER F 65 -17.45 21.30 -21.60
CA SER F 65 -16.56 20.71 -22.61
C SER F 65 -15.13 20.55 -22.06
N LEU F 66 -14.65 19.30 -21.92
CA LEU F 66 -13.37 19.06 -21.21
C LEU F 66 -12.20 19.33 -22.14
N LEU F 67 -11.30 20.19 -21.69
CA LEU F 67 -10.03 20.46 -22.35
C LEU F 67 -8.94 20.09 -21.36
N GLY F 68 -8.20 19.01 -21.61
CA GLY F 68 -7.05 18.75 -20.75
C GLY F 68 -5.88 19.67 -21.05
N VAL F 69 -5.22 20.13 -20.01
CA VAL F 69 -3.90 20.81 -20.12
C VAL F 69 -2.91 20.07 -19.23
N PRO F 70 -2.25 19.00 -19.76
CA PRO F 70 -1.35 18.17 -18.95
C PRO F 70 0.04 18.80 -18.72
N LEU F 71 0.06 19.90 -18.02
CA LEU F 71 1.30 20.59 -17.62
C LEU F 71 1.56 20.43 -16.10
N GLY F 72 2.77 20.03 -15.68
CA GLY F 72 3.12 19.90 -14.24
C GLY F 72 4.42 20.60 -13.86
N HIS F 73 5.18 21.14 -14.79
CA HIS F 73 6.59 21.51 -14.50
C HIS F 73 6.62 22.83 -13.72
N HIS F 74 5.48 23.52 -13.62
CA HIS F 74 5.29 24.78 -12.87
C HIS F 74 5.06 24.52 -11.36
N SER F 75 5.27 23.26 -10.95
CA SER F 75 5.13 22.71 -9.57
C SER F 75 6.44 22.90 -8.80
N SER F 76 6.37 22.99 -7.47
CA SER F 76 7.53 23.24 -6.56
C SER F 76 7.99 21.95 -5.86
N PHE F 77 7.18 20.88 -5.84
CA PHE F 77 7.51 19.57 -5.16
C PHE F 77 7.42 18.39 -6.15
N HIS F 78 6.35 18.29 -6.93
CA HIS F 78 6.05 17.14 -7.85
C HIS F 78 5.33 17.63 -9.11
N GLU F 79 5.64 17.05 -10.27
CA GLU F 79 5.07 17.38 -11.61
C GLU F 79 4.06 16.36 -12.12
N GLY F 80 3.54 15.47 -11.27
CA GLY F 80 2.75 14.30 -11.71
C GLY F 80 1.30 14.66 -12.02
N SER F 81 0.87 15.88 -11.73
CA SER F 81 -0.45 16.38 -12.18
C SER F 81 -0.49 16.45 -13.71
N ALA F 82 0.64 16.35 -14.41
CA ALA F 82 0.60 16.21 -15.88
C ALA F 82 -0.22 14.97 -16.28
N PHE F 83 -0.33 13.94 -15.43
CA PHE F 83 -0.96 12.63 -15.82
C PHE F 83 -2.47 12.71 -15.60
N ALA F 84 -2.98 13.78 -15.00
CA ALA F 84 -4.36 13.79 -14.48
C ALA F 84 -5.43 13.69 -15.55
N PRO F 85 -5.45 14.47 -16.64
CA PRO F 85 -6.68 14.54 -17.42
C PRO F 85 -7.26 13.20 -17.88
N PRO F 86 -6.48 12.28 -18.52
CA PRO F 86 -7.06 11.03 -19.02
C PRO F 86 -7.63 10.19 -17.87
N ARG F 87 -6.93 10.24 -16.75
CA ARG F 87 -7.31 9.50 -15.52
C ARG F 87 -8.67 10.01 -15.02
N ILE F 88 -8.81 11.32 -14.97
CA ILE F 88 -10.11 11.95 -14.57
C ILE F 88 -11.18 11.48 -15.55
N ARG F 89 -10.94 11.56 -16.86
CA ARG F 89 -11.97 11.21 -17.88
C ARG F 89 -12.44 9.76 -17.71
N GLU F 90 -11.50 8.85 -17.50
CA GLU F 90 -11.82 7.43 -17.23
C GLU F 90 -12.69 7.32 -16.00
N ALA F 91 -12.32 8.02 -14.94
CA ALA F 91 -13.11 7.92 -13.69
C ALA F 91 -14.53 8.48 -13.89
N ILE F 92 -14.76 9.40 -14.82
CA ILE F 92 -16.10 10.00 -14.98
C ILE F 92 -17.07 8.97 -15.55
N TRP F 93 -16.66 8.34 -16.63
CA TRP F 93 -17.47 7.45 -17.51
C TRP F 93 -17.18 6.01 -17.12
N CYS F 94 -17.13 5.72 -15.82
CA CYS F 94 -16.67 4.43 -15.24
C CYS F 94 -17.85 3.59 -14.74
N ASP F 95 -17.58 2.61 -13.83
CA ASP F 95 -18.35 1.34 -13.66
C ASP F 95 -18.89 1.10 -12.25
N SER F 96 -18.12 1.42 -11.19
CA SER F 96 -18.55 1.36 -9.77
C SER F 96 -19.63 2.42 -9.46
N THR F 97 -19.72 3.50 -10.25
CA THR F 97 -20.65 4.64 -10.02
C THR F 97 -21.91 4.39 -10.86
N ASN F 98 -22.85 5.33 -10.85
CA ASN F 98 -23.82 5.42 -11.97
C ASN F 98 -23.50 6.75 -12.64
N SER F 99 -24.27 7.08 -13.68
CA SER F 99 -24.03 8.19 -14.64
C SER F 99 -24.92 9.39 -14.29
N THR F 100 -25.62 9.37 -13.16
CA THR F 100 -26.50 10.50 -12.73
C THR F 100 -25.75 11.38 -11.72
N THR F 101 -25.80 12.70 -11.87
CA THR F 101 -25.13 13.61 -10.90
C THR F 101 -26.02 13.65 -9.65
N GLU F 102 -25.57 14.30 -8.59
CA GLU F 102 -26.27 14.24 -7.26
C GLU F 102 -27.68 14.87 -7.33
N GLU F 103 -27.90 15.82 -8.24
CA GLU F 103 -29.21 16.54 -8.33
C GLU F 103 -29.85 16.18 -9.67
N GLY F 104 -29.45 15.05 -10.24
CA GLY F 104 -30.27 14.30 -11.19
C GLY F 104 -29.93 14.54 -12.64
N LYS F 105 -28.78 15.14 -12.98
CA LYS F 105 -28.39 15.32 -14.42
C LYS F 105 -27.69 14.07 -15.00
N ASN F 106 -27.95 13.72 -16.25
CA ASN F 106 -27.37 12.48 -16.83
C ASN F 106 -26.13 12.79 -17.65
N LEU F 107 -25.02 12.16 -17.30
CA LEU F 107 -23.71 12.44 -17.94
C LEU F 107 -23.63 11.72 -19.28
N ARG F 108 -24.52 10.76 -19.51
CA ARG F 108 -24.53 10.03 -20.79
C ARG F 108 -25.07 10.95 -21.88
N ASP F 109 -25.79 12.02 -21.53
CA ASP F 109 -26.21 13.08 -22.48
C ASP F 109 -24.97 13.91 -22.82
N PRO F 110 -24.53 13.90 -24.09
CA PRO F 110 -23.39 14.71 -24.50
C PRO F 110 -23.63 16.21 -24.23
N ARG F 111 -24.91 16.63 -24.16
CA ARG F 111 -25.22 18.06 -23.91
C ARG F 111 -24.90 18.44 -22.46
N VAL F 112 -24.75 17.44 -21.61
CA VAL F 112 -24.44 17.67 -20.19
C VAL F 112 -22.92 17.74 -20.05
N ILE F 113 -22.20 16.81 -20.69
CA ILE F 113 -20.71 16.86 -20.70
C ILE F 113 -20.17 16.18 -21.97
N THR F 114 -19.07 16.70 -22.44
CA THR F 114 -18.38 16.22 -23.63
C THR F 114 -16.88 16.52 -23.49
N ASN F 115 -16.09 15.65 -24.12
CA ASN F 115 -14.62 15.81 -24.13
C ASN F 115 -14.23 16.48 -25.44
N VAL F 116 -13.34 17.46 -25.38
CA VAL F 116 -12.65 18.01 -26.56
C VAL F 116 -11.34 17.24 -26.74
N GLY F 117 -10.48 17.22 -25.73
CA GLY F 117 -9.15 16.58 -25.90
C GLY F 117 -8.11 17.35 -25.14
N ASP F 118 -6.86 16.99 -25.32
CA ASP F 118 -5.70 17.35 -24.48
C ASP F 118 -4.82 18.23 -25.35
N VAL F 119 -4.45 19.36 -24.80
CA VAL F 119 -3.39 20.20 -25.40
C VAL F 119 -2.12 19.37 -25.26
N PRO F 120 -1.36 19.12 -26.35
CA PRO F 120 -0.18 18.24 -26.27
C PRO F 120 1.05 19.00 -25.73
N ILE F 121 0.99 19.30 -24.44
CA ILE F 121 1.95 20.21 -23.77
C ILE F 121 3.38 19.65 -23.87
N GLU F 122 3.57 18.39 -23.52
CA GLU F 122 4.93 17.78 -23.51
C GLU F 122 5.56 17.95 -24.89
N GLU F 123 4.81 17.67 -25.93
CA GLU F 123 5.35 17.72 -27.31
C GLU F 123 5.66 19.18 -27.71
N ILE F 124 4.85 20.18 -27.30
CA ILE F 124 5.12 21.59 -27.65
C ILE F 124 6.33 22.06 -26.85
N ARG F 125 6.39 21.71 -25.59
CA ARG F 125 7.53 22.08 -24.74
C ARG F 125 8.83 21.47 -25.27
N ASP F 126 8.78 20.21 -25.69
CA ASP F 126 9.92 19.50 -26.28
C ASP F 126 10.34 20.17 -27.60
N CYS F 127 9.64 21.16 -28.17
CA CYS F 127 10.16 21.97 -29.32
C CYS F 127 10.95 23.19 -28.83
N GLY F 128 11.23 23.29 -27.52
CA GLY F 128 11.98 24.38 -26.86
C GLY F 128 11.13 25.63 -26.69
N VAL F 129 9.81 25.48 -26.61
CA VAL F 129 8.84 26.61 -26.51
C VAL F 129 8.82 27.11 -25.05
N ASP F 130 8.93 28.42 -24.80
CA ASP F 130 9.00 28.95 -23.40
C ASP F 130 7.60 29.08 -22.81
N ASP F 131 7.57 29.32 -21.50
CA ASP F 131 6.32 29.26 -20.71
C ASP F 131 5.35 30.32 -21.21
N LYS F 132 5.87 31.45 -21.70
CA LYS F 132 5.04 32.60 -22.12
C LYS F 132 4.26 32.15 -23.36
N ARG F 133 4.95 31.51 -24.30
CA ARG F 133 4.26 31.05 -25.52
C ARG F 133 3.34 29.88 -25.16
N LEU F 134 3.76 29.07 -24.19
CA LEU F 134 2.95 27.93 -23.73
C LEU F 134 1.60 28.40 -23.18
N ALA F 135 1.64 29.41 -22.32
CA ALA F 135 0.45 30.11 -21.79
C ALA F 135 -0.38 30.66 -22.94
N ASN F 136 0.25 31.11 -24.02
CA ASN F 136 -0.51 31.64 -25.18
C ASN F 136 -1.24 30.48 -25.86
N VAL F 137 -0.54 29.35 -26.03
CA VAL F 137 -1.16 28.11 -26.56
C VAL F 137 -2.38 27.70 -25.77
N ILE F 138 -2.25 27.63 -24.44
CA ILE F 138 -3.39 27.24 -23.55
C ILE F 138 -4.55 28.23 -23.77
N SER F 139 -4.25 29.52 -23.66
CA SER F 139 -5.26 30.60 -23.91
C SER F 139 -6.00 30.35 -25.25
N GLU F 140 -5.23 30.14 -26.33
CA GLU F 140 -5.83 30.04 -27.66
C GLU F 140 -6.71 28.81 -27.64
N SER F 141 -6.26 27.73 -26.97
CA SER F 141 -6.98 26.44 -27.00
C SER F 141 -8.35 26.65 -26.37
N VAL F 142 -8.39 27.30 -25.23
CA VAL F 142 -9.67 27.65 -24.55
C VAL F 142 -10.55 28.46 -25.50
N LYS F 143 -9.99 29.49 -26.13
CA LYS F 143 -10.77 30.34 -27.07
C LYS F 143 -11.37 29.52 -28.20
N LEU F 144 -10.68 28.48 -28.70
CA LEU F 144 -11.17 27.64 -29.80
C LEU F 144 -12.39 26.85 -29.31
N VAL F 145 -12.41 26.46 -28.01
CA VAL F 145 -13.61 25.79 -27.40
C VAL F 145 -14.80 26.77 -27.29
N MET F 146 -14.51 27.99 -26.86
CA MET F 146 -15.50 29.09 -26.67
C MET F 146 -16.07 29.55 -28.02
N ASP F 147 -15.34 29.36 -29.13
CA ASP F 147 -15.83 29.72 -30.48
C ASP F 147 -16.93 28.78 -30.95
N GLU F 148 -17.16 27.72 -30.21
CA GLU F 148 -18.15 26.70 -30.63
C GLU F 148 -19.36 26.67 -29.71
N ASP F 149 -20.25 27.63 -29.89
CA ASP F 149 -21.63 27.65 -29.36
C ASP F 149 -22.22 26.25 -29.43
N PRO F 150 -22.72 25.60 -28.36
CA PRO F 150 -22.78 26.12 -26.98
C PRO F 150 -21.72 25.67 -25.95
N LEU F 151 -20.55 25.27 -26.40
CA LEU F 151 -19.48 24.67 -25.53
C LEU F 151 -18.97 25.74 -24.56
N ARG F 152 -18.79 25.35 -23.30
CA ARG F 152 -18.06 26.18 -22.33
C ARG F 152 -16.91 25.35 -21.79
N PRO F 153 -15.71 25.95 -21.63
CA PRO F 153 -14.53 25.23 -21.21
C PRO F 153 -14.53 24.80 -19.72
N LEU F 154 -14.35 23.50 -19.50
CA LEU F 154 -14.08 22.84 -18.20
C LEU F 154 -12.70 22.19 -18.33
N VAL F 155 -11.70 22.91 -17.85
CA VAL F 155 -10.30 22.54 -18.08
C VAL F 155 -9.85 21.55 -17.01
N LEU F 156 -9.16 20.50 -17.42
CA LEU F 156 -8.55 19.50 -16.50
C LEU F 156 -7.04 19.73 -16.48
N GLY F 157 -6.53 20.17 -15.33
CA GLY F 157 -5.09 20.22 -15.11
C GLY F 157 -4.56 18.83 -14.76
N GLY F 158 -3.27 18.77 -14.57
CA GLY F 158 -2.39 19.89 -14.66
C GLY F 158 -2.22 20.54 -13.34
N ASP F 159 -1.13 21.30 -13.19
CA ASP F 159 -0.90 22.09 -11.98
C ASP F 159 -1.63 23.44 -12.08
N HIS F 160 -1.74 24.18 -10.98
CA HIS F 160 -2.59 25.40 -10.89
C HIS F 160 -2.17 26.57 -11.75
N SER F 161 -0.95 26.55 -12.29
CA SER F 161 -0.48 27.67 -13.16
C SER F 161 -1.44 27.89 -14.33
N ILE F 162 -2.12 26.83 -14.76
CA ILE F 162 -2.97 26.85 -15.96
C ILE F 162 -4.16 27.76 -15.79
N SER F 163 -4.59 28.07 -14.58
CA SER F 163 -5.80 28.90 -14.32
C SER F 163 -5.64 30.30 -14.92
N PHE F 164 -4.44 30.86 -14.84
CA PHE F 164 -4.14 32.21 -15.37
C PHE F 164 -4.41 32.23 -16.88
N PRO F 165 -3.71 31.44 -17.73
CA PRO F 165 -3.95 31.52 -19.17
C PRO F 165 -5.42 31.18 -19.47
N VAL F 166 -6.06 30.37 -18.66
CA VAL F 166 -7.45 29.92 -18.95
C VAL F 166 -8.39 31.12 -18.65
N VAL F 167 -8.25 31.68 -17.46
CA VAL F 167 -9.12 32.81 -17.03
C VAL F 167 -8.87 34.02 -17.92
N ARG F 168 -7.59 34.29 -18.27
CA ARG F 168 -7.25 35.35 -19.26
C ARG F 168 -8.08 35.15 -20.54
N ALA F 169 -8.11 33.94 -21.07
CA ALA F 169 -8.79 33.66 -22.37
C ALA F 169 -10.29 33.91 -22.22
N VAL F 170 -10.86 33.39 -21.14
CA VAL F 170 -12.31 33.52 -20.88
C VAL F 170 -12.65 35.01 -20.78
N SER F 171 -11.84 35.78 -20.06
CA SER F 171 -12.04 37.24 -19.85
C SER F 171 -11.98 37.99 -21.19
N GLU F 172 -10.96 37.70 -22.00
CA GLU F 172 -10.71 38.36 -23.30
C GLU F 172 -11.85 37.98 -24.23
N LYS F 173 -12.22 36.70 -24.26
CA LYS F 173 -13.28 36.23 -25.19
C LYS F 173 -14.61 36.92 -24.85
N LEU F 174 -14.94 37.12 -23.56
CA LEU F 174 -16.26 37.63 -23.16
C LEU F 174 -16.24 39.17 -23.15
N GLY F 175 -15.04 39.74 -23.03
CA GLY F 175 -14.83 41.18 -23.13
C GLY F 175 -15.12 41.85 -21.83
N GLY F 176 -14.70 41.25 -20.71
CA GLY F 176 -14.77 41.91 -19.40
C GLY F 176 -14.43 40.96 -18.26
N ALA F 177 -14.74 41.35 -17.05
CA ALA F 177 -14.29 40.62 -15.83
C ALA F 177 -15.26 39.48 -15.52
N VAL F 178 -14.77 38.44 -14.82
CA VAL F 178 -15.58 37.36 -14.19
C VAL F 178 -15.42 37.48 -12.69
N ASP F 179 -16.38 36.93 -11.94
CA ASP F 179 -16.11 36.60 -10.52
C ASP F 179 -15.56 35.16 -10.48
N ILE F 180 -14.63 34.89 -9.57
CA ILE F 180 -14.01 33.55 -9.37
C ILE F 180 -14.34 32.99 -7.99
N LEU F 181 -14.88 31.77 -7.96
CA LEU F 181 -14.85 30.88 -6.78
C LEU F 181 -13.65 29.92 -6.92
N HIS F 182 -12.79 29.97 -5.93
CA HIS F 182 -11.52 29.25 -5.91
C HIS F 182 -11.38 28.36 -4.68
N PHE F 183 -11.25 27.06 -4.87
CA PHE F 183 -11.05 26.13 -3.75
C PHE F 183 -9.57 25.76 -3.73
N ASP F 184 -8.91 26.00 -2.62
CA ASP F 184 -7.47 25.69 -2.55
C ASP F 184 -7.01 25.63 -1.11
N ALA F 185 -5.95 24.88 -0.83
CA ALA F 185 -5.36 24.91 0.51
C ALA F 185 -4.44 26.13 0.60
N HIS F 186 -4.03 26.65 -0.55
CA HIS F 186 -3.05 27.77 -0.66
C HIS F 186 -3.66 28.93 -1.44
N PRO F 187 -3.41 30.18 -1.04
CA PRO F 187 -3.94 31.35 -1.74
C PRO F 187 -3.49 31.50 -3.20
N ASP F 188 -2.29 31.04 -3.52
CA ASP F 188 -1.66 31.15 -4.86
C ASP F 188 -1.66 32.61 -5.29
N LEU F 189 -1.31 33.49 -4.37
CA LEU F 189 -1.27 34.96 -4.63
C LEU F 189 0.13 35.51 -4.41
N TYR F 190 1.14 34.64 -4.47
CA TYR F 190 2.58 35.01 -4.61
C TYR F 190 2.80 35.82 -5.90
N HIS F 191 3.37 37.02 -5.76
CA HIS F 191 3.85 37.88 -6.89
C HIS F 191 5.04 37.18 -7.55
N ASP F 192 5.81 36.43 -6.77
CA ASP F 192 7.21 36.09 -7.10
C ASP F 192 7.62 34.83 -6.31
N PHE F 193 7.27 33.63 -6.79
CA PHE F 193 7.60 32.35 -6.10
C PHE F 193 8.73 31.62 -6.82
N GLU F 194 9.95 31.81 -6.30
CA GLU F 194 11.22 31.17 -6.76
C GLU F 194 11.59 31.68 -8.17
N GLY F 195 11.36 32.97 -8.44
CA GLY F 195 11.68 33.62 -9.74
C GLY F 195 10.73 33.22 -10.87
N ASN F 196 9.99 32.10 -10.72
CA ASN F 196 9.10 31.56 -11.78
C ASN F 196 7.82 32.41 -11.83
N TYR F 197 7.75 33.28 -12.85
CA TYR F 197 6.58 34.11 -13.20
C TYR F 197 5.33 33.22 -13.38
N TYR F 198 5.47 32.00 -13.93
CA TYR F 198 4.31 31.12 -14.26
C TYR F 198 4.17 30.00 -13.20
N SER F 199 4.57 30.27 -11.95
CA SER F 199 4.45 29.40 -10.74
C SER F 199 2.99 28.97 -10.50
N HIS F 200 2.71 27.69 -10.14
CA HIS F 200 1.36 27.20 -9.71
C HIS F 200 0.94 27.88 -8.41
N ALA F 201 1.88 28.64 -7.80
CA ALA F 201 1.77 29.50 -6.58
C ALA F 201 1.44 30.97 -6.94
N SER F 202 1.40 31.37 -8.23
CA SER F 202 1.20 32.78 -8.69
C SER F 202 0.01 33.00 -9.62
N PRO F 203 -0.80 31.98 -10.00
CA PRO F 203 -1.80 32.19 -11.04
C PRO F 203 -2.80 33.30 -10.69
N PHE F 204 -3.20 33.41 -9.43
CA PHE F 204 -4.28 34.35 -9.04
C PHE F 204 -3.68 35.72 -8.83
N ALA F 205 -2.39 35.86 -8.59
CA ALA F 205 -1.73 37.20 -8.63
C ALA F 205 -1.68 37.69 -10.10
N ARG F 206 -1.47 36.81 -11.09
CA ARG F 206 -1.51 37.24 -12.51
C ARG F 206 -2.96 37.62 -12.89
N ILE F 207 -3.96 36.92 -12.37
CA ILE F 207 -5.36 37.16 -12.79
C ILE F 207 -5.79 38.55 -12.29
N MET F 208 -5.45 38.87 -11.05
CA MET F 208 -5.95 40.08 -10.36
C MET F 208 -5.20 41.32 -10.86
N GLU F 209 -3.87 41.25 -10.97
CA GLU F 209 -2.97 42.21 -11.68
C GLU F 209 -3.62 42.66 -12.99
N GLY F 210 -4.17 41.73 -13.77
CA GLY F 210 -4.67 42.00 -15.15
C GLY F 210 -6.14 42.38 -15.19
N GLY F 211 -6.81 42.46 -14.05
CA GLY F 211 -8.23 42.89 -14.03
C GLY F 211 -9.14 41.85 -14.67
N TYR F 212 -8.73 40.57 -14.72
CA TYR F 212 -9.54 39.55 -15.43
C TYR F 212 -10.70 39.15 -14.53
N ALA F 213 -10.51 39.34 -13.23
CA ALA F 213 -11.47 38.99 -12.17
C ALA F 213 -11.84 40.23 -11.34
N ARG F 214 -13.09 40.26 -10.89
CA ARG F 214 -13.59 41.28 -9.93
C ARG F 214 -13.54 40.68 -8.53
N ARG F 215 -14.42 39.73 -8.22
CA ARG F 215 -14.38 39.00 -6.92
C ARG F 215 -13.52 37.75 -7.07
N LEU F 216 -12.76 37.43 -6.05
CA LEU F 216 -12.03 36.14 -5.88
C LEU F 216 -12.36 35.60 -4.48
N VAL F 217 -13.34 34.68 -4.43
CA VAL F 217 -13.82 33.94 -3.23
C VAL F 217 -12.99 32.66 -3.13
N GLN F 218 -12.00 32.67 -2.24
CA GLN F 218 -11.12 31.51 -1.90
C GLN F 218 -11.65 30.78 -0.67
N VAL F 219 -11.70 29.46 -0.80
CA VAL F 219 -12.26 28.55 0.23
C VAL F 219 -11.32 27.37 0.47
N GLY F 220 -11.09 27.04 1.73
CA GLY F 220 -10.26 25.91 2.16
C GLY F 220 -8.87 26.32 2.59
N ILE F 221 -8.55 27.60 2.48
CA ILE F 221 -7.19 28.13 2.80
C ILE F 221 -6.72 27.69 4.19
N ARG F 222 -5.51 27.16 4.28
CA ARG F 222 -4.94 26.83 5.61
C ARG F 222 -3.42 26.98 5.58
N SER F 223 -2.87 27.72 4.62
CA SER F 223 -1.41 27.82 4.48
C SER F 223 -1.09 29.09 3.72
N ILE F 224 -0.97 30.17 4.49
CA ILE F 224 -0.72 31.53 3.95
C ILE F 224 0.24 32.29 4.88
N THR F 225 1.38 32.70 4.34
CA THR F 225 2.39 33.58 4.99
C THR F 225 1.84 35.01 5.07
N ASN F 226 2.37 35.82 6.00
CA ASN F 226 1.85 37.20 6.19
C ASN F 226 2.06 38.02 4.92
N ASP F 227 3.23 37.88 4.30
CA ASP F 227 3.51 38.59 3.03
C ASP F 227 2.29 38.42 2.12
N VAL F 228 1.79 37.20 1.98
CA VAL F 228 0.63 36.88 1.10
C VAL F 228 -0.67 37.48 1.67
N ARG F 229 -0.84 37.55 3.00
CA ARG F 229 -1.98 38.25 3.67
C ARG F 229 -2.11 39.68 3.15
N GLU F 230 -0.98 40.38 2.99
CA GLU F 230 -0.87 41.74 2.39
C GLU F 230 -1.59 41.71 1.05
N GLN F 231 -1.23 40.74 0.20
CA GLN F 231 -1.71 40.60 -1.21
C GLN F 231 -3.26 40.44 -1.25
N VAL F 232 -3.85 39.69 -0.30
CA VAL F 232 -5.33 39.53 -0.16
C VAL F 232 -5.98 40.93 -0.05
N LYS F 233 -5.44 41.77 0.83
CA LYS F 233 -6.00 43.12 1.12
C LYS F 233 -5.73 43.98 -0.13
N LYS F 234 -4.52 43.92 -0.66
CA LYS F 234 -4.05 44.70 -1.84
C LYS F 234 -5.05 44.56 -3.00
N TYR F 235 -5.69 43.41 -3.17
CA TYR F 235 -6.55 43.10 -4.35
C TYR F 235 -8.02 42.89 -3.96
N GLY F 236 -8.43 43.12 -2.69
CA GLY F 236 -9.80 42.90 -2.20
C GLY F 236 -10.25 41.44 -2.36
N VAL F 237 -9.38 40.48 -2.06
CA VAL F 237 -9.68 39.03 -2.20
C VAL F 237 -10.47 38.60 -0.99
N GLU F 238 -11.54 37.83 -1.20
CA GLU F 238 -12.36 37.28 -0.11
C GLU F 238 -11.81 35.88 0.23
N THR F 239 -10.81 35.82 1.10
CA THR F 239 -10.12 34.56 1.56
C THR F 239 -10.79 33.96 2.80
N HIS F 240 -11.50 32.83 2.65
CA HIS F 240 -12.06 32.00 3.75
C HIS F 240 -11.11 30.86 4.15
N GLU F 241 -10.46 31.04 5.32
CA GLU F 241 -9.55 30.13 6.07
C GLU F 241 -10.36 29.05 6.79
N MET F 242 -9.72 27.88 6.96
CA MET F 242 -10.33 26.70 7.60
C MET F 242 -10.74 27.03 9.04
N ARG F 243 -9.97 27.82 9.78
CA ARG F 243 -10.35 28.07 11.20
C ARG F 243 -11.71 28.77 11.28
N THR F 244 -12.14 29.53 10.27
CA THR F 244 -13.45 30.23 10.30
C THR F 244 -14.53 29.46 9.54
N LEU F 245 -14.28 28.24 9.06
CA LEU F 245 -15.23 27.61 8.12
C LEU F 245 -16.61 27.41 8.78
N SER F 246 -16.68 26.97 10.04
CA SER F 246 -17.97 26.50 10.60
C SER F 246 -18.87 27.72 10.82
N ARG F 247 -18.30 28.85 11.26
CA ARG F 247 -18.93 30.21 11.22
C ARG F 247 -19.36 30.67 9.79
N ASP F 248 -18.55 30.52 8.73
CA ASP F 248 -18.81 31.06 7.36
C ASP F 248 -19.75 30.16 6.57
N ARG F 249 -20.10 29.02 7.14
CA ARG F 249 -20.91 28.06 6.35
C ARG F 249 -22.08 28.74 5.66
N PRO F 250 -22.87 29.53 6.38
CA PRO F 250 -24.05 30.18 5.81
C PRO F 250 -23.73 31.02 4.57
N ILE F 251 -22.66 31.83 4.58
CA ILE F 251 -22.25 32.67 3.43
C ILE F 251 -21.85 31.75 2.25
N LEU F 252 -20.99 30.79 2.54
CA LEU F 252 -20.36 29.92 1.54
C LEU F 252 -21.40 29.04 0.88
N GLU F 253 -22.48 28.75 1.58
CA GLU F 253 -23.59 27.95 1.01
C GLU F 253 -24.65 28.89 0.42
N ASN F 254 -24.37 30.18 0.31
CA ASN F 254 -25.35 31.09 -0.32
C ASN F 254 -24.66 32.09 -1.28
N LEU F 255 -23.66 31.61 -2.02
CA LEU F 255 -22.81 32.55 -2.81
C LEU F 255 -23.59 32.99 -4.05
N LYS F 256 -23.45 34.25 -4.41
CA LYS F 256 -24.07 34.80 -5.64
C LYS F 256 -22.99 35.60 -6.32
N LEU F 257 -22.47 35.10 -7.44
CA LEU F 257 -21.33 35.72 -8.16
C LEU F 257 -21.74 36.07 -9.58
N GLY F 258 -20.95 36.93 -10.18
CA GLY F 258 -21.06 37.26 -11.60
C GLY F 258 -22.05 38.37 -11.90
N GLU F 259 -22.83 38.86 -10.94
CA GLU F 259 -23.85 39.90 -11.26
C GLU F 259 -23.13 41.19 -11.60
N GLY F 260 -23.39 41.70 -12.79
CA GLY F 260 -22.88 42.98 -13.32
C GLY F 260 -21.52 42.81 -13.96
N VAL F 261 -21.00 41.58 -14.04
CA VAL F 261 -19.84 41.33 -14.93
C VAL F 261 -20.20 40.17 -15.86
N LYS F 262 -19.22 39.50 -16.46
CA LYS F 262 -19.49 38.61 -17.59
C LYS F 262 -19.91 37.22 -17.10
N GLY F 263 -19.72 36.89 -15.82
CA GLY F 263 -20.14 35.57 -15.29
C GLY F 263 -19.21 35.07 -14.20
N VAL F 264 -19.24 33.75 -13.99
CA VAL F 264 -18.53 33.10 -12.87
C VAL F 264 -17.60 32.03 -13.43
N TYR F 265 -16.36 32.04 -12.96
CA TYR F 265 -15.37 30.97 -13.21
C TYR F 265 -15.11 30.24 -11.88
N VAL F 266 -15.08 28.90 -11.89
CA VAL F 266 -14.92 28.04 -10.69
C VAL F 266 -13.64 27.26 -10.87
N SER F 267 -12.61 27.59 -10.09
CA SER F 267 -11.33 26.87 -10.06
C SER F 267 -11.27 25.96 -8.83
N ILE F 268 -11.12 24.64 -9.03
CA ILE F 268 -11.03 23.68 -7.91
C ILE F 268 -9.64 23.04 -7.86
N ASP F 269 -8.87 23.47 -6.89
CA ASP F 269 -7.60 22.81 -6.57
C ASP F 269 -7.97 21.61 -5.67
N VAL F 270 -7.68 20.38 -6.07
CA VAL F 270 -7.95 19.11 -5.31
C VAL F 270 -7.29 19.13 -3.92
N ASP F 271 -6.15 19.83 -3.73
CA ASP F 271 -5.45 19.90 -2.42
C ASP F 271 -6.25 20.68 -1.39
N SER F 272 -7.31 21.36 -1.83
CA SER F 272 -8.22 22.05 -0.89
C SER F 272 -8.87 20.97 -0.01
N LEU F 273 -9.07 19.78 -0.56
CA LEU F 273 -9.65 18.69 0.21
C LEU F 273 -8.58 18.17 1.16
N ASP F 274 -9.07 17.63 2.29
CA ASP F 274 -8.26 16.88 3.28
C ASP F 274 -7.59 15.74 2.54
N PRO F 275 -6.29 15.57 2.79
CA PRO F 275 -5.53 14.42 2.29
C PRO F 275 -6.05 13.00 2.53
N SER F 276 -6.84 12.82 3.58
CA SER F 276 -7.63 11.62 3.90
C SER F 276 -8.58 11.33 2.76
N ILE F 277 -9.10 12.37 2.12
CA ILE F 277 -10.08 12.20 1.01
C ILE F 277 -9.36 12.28 -0.34
N ALA F 278 -8.34 13.11 -0.43
CA ALA F 278 -7.59 13.39 -1.66
C ALA F 278 -6.09 13.22 -1.42
N PRO F 279 -5.56 11.98 -1.27
CA PRO F 279 -4.13 11.81 -1.09
C PRO F 279 -3.38 12.07 -2.39
N GLY F 280 -4.05 11.91 -3.54
CA GLY F 280 -3.42 12.09 -4.86
C GLY F 280 -3.20 13.54 -5.20
N VAL F 281 -2.33 14.24 -4.50
CA VAL F 281 -1.98 15.65 -4.77
C VAL F 281 -0.50 15.82 -4.46
N SER F 282 0.12 16.92 -4.89
CA SER F 282 1.59 17.07 -4.74
C SER F 282 1.89 17.58 -3.34
N HIS F 283 1.04 18.46 -2.81
CA HIS F 283 1.25 19.17 -1.53
C HIS F 283 0.15 18.78 -0.54
N HIS F 284 0.42 17.86 0.37
CA HIS F 284 -0.53 17.48 1.46
C HIS F 284 -0.60 18.54 2.55
N GLU F 285 -1.80 18.91 2.95
CA GLU F 285 -2.04 20.00 3.95
C GLU F 285 -3.17 19.54 4.82
N PRO F 286 -2.86 19.02 6.03
CA PRO F 286 -3.89 18.52 6.94
C PRO F 286 -4.94 19.56 7.29
N GLY F 287 -6.09 19.09 7.74
CA GLY F 287 -7.20 19.94 8.18
C GLY F 287 -7.88 20.59 6.98
N GLY F 288 -8.05 19.88 5.89
CA GLY F 288 -8.66 20.54 4.74
C GLY F 288 -10.16 20.25 4.67
N LEU F 289 -10.78 20.62 3.56
CA LEU F 289 -12.23 20.48 3.37
C LEU F 289 -12.64 19.00 3.32
N LEU F 290 -13.86 18.72 3.73
CA LEU F 290 -14.54 17.45 3.41
C LEU F 290 -15.14 17.55 2.02
N PHE F 291 -15.30 16.42 1.35
CA PHE F 291 -15.84 16.46 -0.03
C PHE F 291 -17.20 17.17 -0.02
N ARG F 292 -18.02 16.92 1.00
CA ARG F 292 -19.40 17.45 1.15
C ARG F 292 -19.35 18.97 1.35
N ASP F 293 -18.27 19.53 1.91
CA ASP F 293 -18.02 20.97 2.05
C ASP F 293 -18.00 21.61 0.67
N ILE F 294 -17.28 21.02 -0.29
CA ILE F 294 -17.20 21.55 -1.68
C ILE F 294 -18.58 21.38 -2.32
N LEU F 295 -19.26 20.24 -2.19
CA LEU F 295 -20.59 20.03 -2.84
C LEU F 295 -21.61 21.04 -2.32
N ASN F 296 -21.64 21.28 -1.01
CA ASN F 296 -22.60 22.22 -0.36
C ASN F 296 -22.45 23.59 -1.00
N ILE F 297 -21.25 24.05 -1.24
CA ILE F 297 -20.97 25.39 -1.81
C ILE F 297 -21.31 25.39 -3.30
N LEU F 298 -20.80 24.38 -3.98
CA LEU F 298 -20.91 24.28 -5.43
C LEU F 298 -22.38 24.02 -5.80
N GLN F 299 -23.10 23.11 -5.16
CA GLN F 299 -24.47 22.85 -5.60
C GLN F 299 -25.33 24.11 -5.31
N ASN F 300 -24.94 24.98 -4.37
CA ASN F 300 -25.80 26.12 -3.95
C ASN F 300 -25.48 27.41 -4.73
N LEU F 301 -24.28 27.52 -5.33
CA LEU F 301 -23.76 28.73 -6.01
C LEU F 301 -24.78 29.23 -7.01
N GLN F 302 -25.13 30.52 -6.95
CA GLN F 302 -25.92 31.15 -8.02
C GLN F 302 -24.99 31.99 -8.86
N GLY F 303 -25.27 32.00 -10.15
CA GLY F 303 -24.48 32.77 -11.12
C GLY F 303 -24.33 32.02 -12.41
N ASP F 304 -23.93 32.75 -13.42
CA ASP F 304 -23.75 32.33 -14.81
C ASP F 304 -22.34 31.73 -14.90
N ILE F 305 -22.25 30.43 -14.81
CA ILE F 305 -20.90 29.78 -14.86
C ILE F 305 -20.50 29.73 -16.33
N VAL F 306 -19.38 30.39 -16.64
CA VAL F 306 -18.85 30.60 -18.01
C VAL F 306 -17.58 29.75 -18.22
N GLY F 307 -16.95 29.26 -17.17
CA GLY F 307 -15.88 28.25 -17.31
C GLY F 307 -15.39 27.76 -15.99
N GLY F 308 -14.39 26.87 -16.01
CA GLY F 308 -13.90 26.35 -14.71
C GLY F 308 -12.81 25.34 -14.89
N ASP F 309 -12.20 24.93 -13.80
CA ASP F 309 -11.04 24.01 -13.86
C ASP F 309 -11.00 23.15 -12.61
N VAL F 310 -10.44 21.94 -12.74
CA VAL F 310 -10.16 20.97 -11.66
C VAL F 310 -8.69 20.61 -11.84
N VAL F 311 -7.81 21.08 -10.96
CA VAL F 311 -6.34 21.03 -11.13
C VAL F 311 -5.71 20.28 -9.96
N GLU F 312 -4.43 19.89 -10.12
CA GLU F 312 -3.52 19.42 -9.04
C GLU F 312 -3.88 18.00 -8.59
N TYR F 313 -4.79 17.29 -9.25
CA TYR F 313 -4.85 15.83 -9.04
C TYR F 313 -3.49 15.30 -9.51
N ASN F 314 -2.85 14.44 -8.71
CA ASN F 314 -1.53 13.80 -9.02
C ASN F 314 -1.72 12.30 -8.92
N PRO F 315 -1.95 11.59 -10.03
CA PRO F 315 -2.03 10.13 -10.01
C PRO F 315 -0.82 9.38 -9.44
N GLN F 316 0.37 9.99 -9.43
CA GLN F 316 1.60 9.35 -8.93
C GLN F 316 1.55 9.35 -7.40
N ARG F 317 0.64 10.07 -6.75
CA ARG F 317 0.52 10.04 -5.27
C ARG F 317 -0.83 9.47 -4.83
N ASP F 318 -1.59 8.91 -5.75
CA ASP F 318 -2.93 8.40 -5.45
C ASP F 318 -2.81 7.02 -4.80
N THR F 319 -3.90 6.54 -4.22
CA THR F 319 -3.89 5.18 -3.65
C THR F 319 -4.09 4.15 -4.76
N TYR F 320 -3.98 2.88 -4.40
CA TYR F 320 -4.09 1.78 -5.37
C TYR F 320 -5.48 1.72 -6.01
N ASP F 321 -6.53 2.13 -5.30
CA ASP F 321 -7.92 2.12 -5.81
C ASP F 321 -8.20 3.37 -6.70
N GLY F 322 -7.25 4.31 -6.73
CA GLY F 322 -7.40 5.56 -7.48
C GLY F 322 -8.58 6.35 -6.95
N ILE F 323 -8.66 6.53 -5.65
CA ILE F 323 -9.83 7.23 -5.08
C ILE F 323 -9.75 8.72 -5.43
N THR F 324 -8.56 9.30 -5.54
CA THR F 324 -8.47 10.74 -5.89
C THR F 324 -8.96 10.94 -7.33
N ALA F 325 -8.80 9.95 -8.20
CA ALA F 325 -9.27 10.07 -9.60
C ALA F 325 -10.80 10.15 -9.58
N LEU F 326 -11.43 9.39 -8.68
CA LEU F 326 -12.90 9.35 -8.50
C LEU F 326 -13.33 10.67 -7.88
N VAL F 327 -12.59 11.10 -6.90
CA VAL F 327 -12.86 12.43 -6.27
C VAL F 327 -12.74 13.50 -7.37
N ALA F 328 -11.67 13.52 -8.15
CA ALA F 328 -11.56 14.56 -9.21
C ALA F 328 -12.73 14.46 -10.19
N ALA F 329 -13.10 13.25 -10.56
CA ALA F 329 -14.20 13.01 -11.53
C ALA F 329 -15.55 13.51 -10.99
N LYS F 330 -15.80 13.29 -9.69
CA LYS F 330 -17.10 13.72 -9.09
C LYS F 330 -17.15 15.27 -9.02
N LEU F 331 -16.07 15.96 -8.66
CA LEU F 331 -15.95 17.42 -8.79
C LEU F 331 -16.25 17.87 -10.25
N VAL F 332 -15.58 17.27 -11.23
CA VAL F 332 -15.83 17.64 -12.64
C VAL F 332 -17.33 17.41 -12.93
N ARG F 333 -17.87 16.25 -12.55
CA ARG F 333 -19.31 15.89 -12.79
C ARG F 333 -20.23 16.94 -12.17
N GLU F 334 -19.96 17.38 -10.94
CA GLU F 334 -20.91 18.27 -10.22
C GLU F 334 -20.73 19.69 -10.76
N LEU F 335 -19.52 20.04 -11.18
CA LEU F 335 -19.28 21.37 -11.84
C LEU F 335 -19.94 21.41 -13.23
N ALA F 336 -19.87 20.31 -13.94
CA ALA F 336 -20.56 20.20 -15.23
C ALA F 336 -22.06 20.34 -14.99
N ALA F 337 -22.60 19.66 -13.99
CA ALA F 337 -24.05 19.75 -13.72
C ALA F 337 -24.44 21.23 -13.63
N LYS F 338 -23.55 22.08 -13.10
CA LYS F 338 -23.87 23.48 -12.76
C LYS F 338 -23.59 24.34 -13.96
N MET F 339 -22.58 24.02 -14.77
CA MET F 339 -22.25 24.86 -15.91
C MET F 339 -23.11 24.52 -17.13
N SER F 340 -23.43 23.27 -17.36
CA SER F 340 -24.31 22.86 -18.46
C SER F 340 -25.73 23.39 -18.15
N LYS F 341 -26.46 23.82 -19.16
CA LYS F 341 -27.91 24.17 -19.05
C LYS F 341 -28.57 24.08 -20.43
#